data_3EW7
# 
_entry.id   3EW7 
# 
_audit_conform.dict_name       mmcif_pdbx.dic 
_audit_conform.dict_version    5.398 
_audit_conform.dict_location   http://mmcif.pdb.org/dictionaries/ascii/mmcif_pdbx.dic 
# 
loop_
_database_2.database_id 
_database_2.database_code 
_database_2.pdbx_database_accession 
_database_2.pdbx_DOI 
PDB   3EW7         pdb_00003ew7 10.2210/pdb3ew7/pdb 
RCSB  RCSB049843   ?            ?                   
WWPDB D_1000049843 ?            ?                   
# 
loop_
_pdbx_audit_revision_history.ordinal 
_pdbx_audit_revision_history.data_content_type 
_pdbx_audit_revision_history.major_revision 
_pdbx_audit_revision_history.minor_revision 
_pdbx_audit_revision_history.revision_date 
1 'Structure model' 1 0 2008-11-11 
2 'Structure model' 1 1 2011-07-13 
3 'Structure model' 1 2 2021-10-20 
4 'Structure model' 1 3 2023-12-27 
5 'Structure model' 1 4 2024-11-13 
# 
_pdbx_audit_revision_details.ordinal             1 
_pdbx_audit_revision_details.revision_ordinal    1 
_pdbx_audit_revision_details.data_content_type   'Structure model' 
_pdbx_audit_revision_details.provider            repository 
_pdbx_audit_revision_details.type                'Initial release' 
_pdbx_audit_revision_details.description         ? 
_pdbx_audit_revision_details.details             ? 
# 
loop_
_pdbx_audit_revision_group.ordinal 
_pdbx_audit_revision_group.revision_ordinal 
_pdbx_audit_revision_group.data_content_type 
_pdbx_audit_revision_group.group 
1 2 'Structure model' 'Version format compliance' 
2 3 'Structure model' 'Database references'       
3 3 'Structure model' 'Derived calculations'      
4 4 'Structure model' 'Data collection'           
5 5 'Structure model' 'Structure summary'         
# 
loop_
_pdbx_audit_revision_category.ordinal 
_pdbx_audit_revision_category.revision_ordinal 
_pdbx_audit_revision_category.data_content_type 
_pdbx_audit_revision_category.category 
1 3 'Structure model' database_2                
2 3 'Structure model' struct_conn               
3 3 'Structure model' struct_ref_seq_dif        
4 4 'Structure model' chem_comp_atom            
5 4 'Structure model' chem_comp_bond            
6 5 'Structure model' pdbx_entry_details        
7 5 'Structure model' pdbx_modification_feature 
# 
loop_
_pdbx_audit_revision_item.ordinal 
_pdbx_audit_revision_item.revision_ordinal 
_pdbx_audit_revision_item.data_content_type 
_pdbx_audit_revision_item.item 
1 3 'Structure model' '_database_2.pdbx_DOI'                
2 3 'Structure model' '_database_2.pdbx_database_accession' 
3 3 'Structure model' '_struct_conn.pdbx_leaving_atom_flag' 
4 3 'Structure model' '_struct_ref_seq_dif.details'         
# 
_pdbx_database_status.status_code                     REL 
_pdbx_database_status.entry_id                        3EW7 
_pdbx_database_status.recvd_initial_deposition_date   2008-10-14 
_pdbx_database_status.deposit_site                    RCSB 
_pdbx_database_status.process_site                    RCSB 
_pdbx_database_status.status_code_sf                  REL 
_pdbx_database_status.status_code_mr                  ? 
_pdbx_database_status.SG_entry                        Y 
_pdbx_database_status.pdb_format_compatible           Y 
_pdbx_database_status.status_code_cs                  ? 
_pdbx_database_status.status_code_nmr_data            ? 
_pdbx_database_status.methods_development_category    ? 
# 
_pdbx_database_related.db_name        TargetDB 
_pdbx_database_related.db_id          LmR162 
_pdbx_database_related.details        . 
_pdbx_database_related.content_type   unspecified 
# 
loop_
_audit_author.name 
_audit_author.pdbx_ordinal 
'Vorobiev, S.M.'                                  1  
'Abashidze, M.'                                   2  
'Seetharaman, J.'                                 3  
'Wang, D.'                                        4  
'Foote, E.L.'                                     5  
'Ciccosanti, C.'                                  6  
'Janjua, H.'                                      7  
'Xiao, R.'                                        8  
'Acton, T.B.'                                     9  
'Montelione, G.T.'                                10 
'Tong, L.'                                        11 
'Hunt, J.F.'                                      12 
'Northeast Structural Genomics Consortium (NESG)' 13 
# 
_citation.id                        primary 
_citation.title                     'Crystal structure of the Lmo0794 protein from Listeria monocytogenes.' 
_citation.journal_abbrev            'To be Published' 
_citation.journal_volume            ? 
_citation.page_first                ? 
_citation.page_last                 ? 
_citation.year                      ? 
_citation.journal_id_ASTM           ? 
_citation.country                   ? 
_citation.journal_id_ISSN           ? 
_citation.journal_id_CSD            0353 
_citation.book_publisher            ? 
_citation.pdbx_database_id_PubMed   ? 
_citation.pdbx_database_id_DOI      ? 
# 
loop_
_citation_author.citation_id 
_citation_author.name 
_citation_author.ordinal 
_citation_author.identifier_ORCID 
primary 'Vorobiev, S.M.'   1  ? 
primary 'Abashidze, M.'    2  ? 
primary 'Seetharaman, J.'  3  ? 
primary 'Wang, D.'         4  ? 
primary 'Foote, E.L.'      5  ? 
primary 'Ciccosanti, C.'   6  ? 
primary 'Janjua, H.'       7  ? 
primary 'Xiao, R.'         8  ? 
primary 'Acton, T.B.'      9  ? 
primary 'Montelione, G.T.' 10 ? 
primary 'Tong, L.'         11 ? 
primary 'Hunt, J.F.'       12 ? 
# 
loop_
_entity.id 
_entity.type 
_entity.src_method 
_entity.pdbx_description 
_entity.formula_weight 
_entity.pdbx_number_of_molecules 
_entity.pdbx_ec 
_entity.pdbx_mutation 
_entity.pdbx_fragment 
_entity.details 
1 polymer man 'Lmo0794 protein' 24563.934 1  ? 'I71V, K142R, H207R' ? ? 
2 water   nat water             18.015    77 ? ?                    ? ? 
# 
_entity_poly.entity_id                      1 
_entity_poly.type                           'polypeptide(L)' 
_entity_poly.nstd_linkage                   no 
_entity_poly.nstd_monomer                   yes 
_entity_poly.pdbx_seq_one_letter_code       
;(MSE)KIGIIGATGRAGSRILEEAKNRGHEVTAIVRNAGKITQTHKDINILQKDIFDLTLSDLSDQNVVVDAYGISPDEA
EKHVTSLDHLISVLNGTVSPRLLVVGGAASLQIDEDGNTLLESKGLREAPYYPTARAQAKQLEHLKSHQAEFSWTYISPS
A(MSE)FEPGERTGDYQIGKDHLLFGSDGNSFIS(MSE)EDYAIAVLDEIERPNHLNEHFTVAGKLEHHHHHH
;
_entity_poly.pdbx_seq_one_letter_code_can   
;MKIGIIGATGRAGSRILEEAKNRGHEVTAIVRNAGKITQTHKDINILQKDIFDLTLSDLSDQNVVVDAYGISPDEAEKHV
TSLDHLISVLNGTVSPRLLVVGGAASLQIDEDGNTLLESKGLREAPYYPTARAQAKQLEHLKSHQAEFSWTYISPSAMFE
PGERTGDYQIGKDHLLFGSDGNSFISMEDYAIAVLDEIERPNHLNEHFTVAGKLEHHHHHH
;
_entity_poly.pdbx_strand_id                 A 
_entity_poly.pdbx_target_identifier         LmR162 
# 
_pdbx_entity_nonpoly.entity_id   2 
_pdbx_entity_nonpoly.name        water 
_pdbx_entity_nonpoly.comp_id     HOH 
# 
loop_
_entity_poly_seq.entity_id 
_entity_poly_seq.num 
_entity_poly_seq.mon_id 
_entity_poly_seq.hetero 
1 1   MSE n 
1 2   LYS n 
1 3   ILE n 
1 4   GLY n 
1 5   ILE n 
1 6   ILE n 
1 7   GLY n 
1 8   ALA n 
1 9   THR n 
1 10  GLY n 
1 11  ARG n 
1 12  ALA n 
1 13  GLY n 
1 14  SER n 
1 15  ARG n 
1 16  ILE n 
1 17  LEU n 
1 18  GLU n 
1 19  GLU n 
1 20  ALA n 
1 21  LYS n 
1 22  ASN n 
1 23  ARG n 
1 24  GLY n 
1 25  HIS n 
1 26  GLU n 
1 27  VAL n 
1 28  THR n 
1 29  ALA n 
1 30  ILE n 
1 31  VAL n 
1 32  ARG n 
1 33  ASN n 
1 34  ALA n 
1 35  GLY n 
1 36  LYS n 
1 37  ILE n 
1 38  THR n 
1 39  GLN n 
1 40  THR n 
1 41  HIS n 
1 42  LYS n 
1 43  ASP n 
1 44  ILE n 
1 45  ASN n 
1 46  ILE n 
1 47  LEU n 
1 48  GLN n 
1 49  LYS n 
1 50  ASP n 
1 51  ILE n 
1 52  PHE n 
1 53  ASP n 
1 54  LEU n 
1 55  THR n 
1 56  LEU n 
1 57  SER n 
1 58  ASP n 
1 59  LEU n 
1 60  SER n 
1 61  ASP n 
1 62  GLN n 
1 63  ASN n 
1 64  VAL n 
1 65  VAL n 
1 66  VAL n 
1 67  ASP n 
1 68  ALA n 
1 69  TYR n 
1 70  GLY n 
1 71  ILE n 
1 72  SER n 
1 73  PRO n 
1 74  ASP n 
1 75  GLU n 
1 76  ALA n 
1 77  GLU n 
1 78  LYS n 
1 79  HIS n 
1 80  VAL n 
1 81  THR n 
1 82  SER n 
1 83  LEU n 
1 84  ASP n 
1 85  HIS n 
1 86  LEU n 
1 87  ILE n 
1 88  SER n 
1 89  VAL n 
1 90  LEU n 
1 91  ASN n 
1 92  GLY n 
1 93  THR n 
1 94  VAL n 
1 95  SER n 
1 96  PRO n 
1 97  ARG n 
1 98  LEU n 
1 99  LEU n 
1 100 VAL n 
1 101 VAL n 
1 102 GLY n 
1 103 GLY n 
1 104 ALA n 
1 105 ALA n 
1 106 SER n 
1 107 LEU n 
1 108 GLN n 
1 109 ILE n 
1 110 ASP n 
1 111 GLU n 
1 112 ASP n 
1 113 GLY n 
1 114 ASN n 
1 115 THR n 
1 116 LEU n 
1 117 LEU n 
1 118 GLU n 
1 119 SER n 
1 120 LYS n 
1 121 GLY n 
1 122 LEU n 
1 123 ARG n 
1 124 GLU n 
1 125 ALA n 
1 126 PRO n 
1 127 TYR n 
1 128 TYR n 
1 129 PRO n 
1 130 THR n 
1 131 ALA n 
1 132 ARG n 
1 133 ALA n 
1 134 GLN n 
1 135 ALA n 
1 136 LYS n 
1 137 GLN n 
1 138 LEU n 
1 139 GLU n 
1 140 HIS n 
1 141 LEU n 
1 142 LYS n 
1 143 SER n 
1 144 HIS n 
1 145 GLN n 
1 146 ALA n 
1 147 GLU n 
1 148 PHE n 
1 149 SER n 
1 150 TRP n 
1 151 THR n 
1 152 TYR n 
1 153 ILE n 
1 154 SER n 
1 155 PRO n 
1 156 SER n 
1 157 ALA n 
1 158 MSE n 
1 159 PHE n 
1 160 GLU n 
1 161 PRO n 
1 162 GLY n 
1 163 GLU n 
1 164 ARG n 
1 165 THR n 
1 166 GLY n 
1 167 ASP n 
1 168 TYR n 
1 169 GLN n 
1 170 ILE n 
1 171 GLY n 
1 172 LYS n 
1 173 ASP n 
1 174 HIS n 
1 175 LEU n 
1 176 LEU n 
1 177 PHE n 
1 178 GLY n 
1 179 SER n 
1 180 ASP n 
1 181 GLY n 
1 182 ASN n 
1 183 SER n 
1 184 PHE n 
1 185 ILE n 
1 186 SER n 
1 187 MSE n 
1 188 GLU n 
1 189 ASP n 
1 190 TYR n 
1 191 ALA n 
1 192 ILE n 
1 193 ALA n 
1 194 VAL n 
1 195 LEU n 
1 196 ASP n 
1 197 GLU n 
1 198 ILE n 
1 199 GLU n 
1 200 ARG n 
1 201 PRO n 
1 202 ASN n 
1 203 HIS n 
1 204 LEU n 
1 205 ASN n 
1 206 GLU n 
1 207 HIS n 
1 208 PHE n 
1 209 THR n 
1 210 VAL n 
1 211 ALA n 
1 212 GLY n 
1 213 LYS n 
1 214 LEU n 
1 215 GLU n 
1 216 HIS n 
1 217 HIS n 
1 218 HIS n 
1 219 HIS n 
1 220 HIS n 
1 221 HIS n 
# 
_entity_src_gen.entity_id                          1 
_entity_src_gen.pdbx_src_id                        1 
_entity_src_gen.pdbx_alt_source_flag               sample 
_entity_src_gen.pdbx_seq_type                      ? 
_entity_src_gen.pdbx_beg_seq_num                   ? 
_entity_src_gen.pdbx_end_seq_num                   ? 
_entity_src_gen.gene_src_common_name               ? 
_entity_src_gen.gene_src_genus                     ? 
_entity_src_gen.pdbx_gene_src_gene                 lmo0794 
_entity_src_gen.gene_src_species                   ? 
_entity_src_gen.gene_src_strain                    'ATCC BAA-679/EGD-e/Serovar 1/2a' 
_entity_src_gen.gene_src_tissue                    ? 
_entity_src_gen.gene_src_tissue_fraction           ? 
_entity_src_gen.gene_src_details                   ? 
_entity_src_gen.pdbx_gene_src_fragment             ? 
_entity_src_gen.pdbx_gene_src_scientific_name      'Listeria monocytogenes' 
_entity_src_gen.pdbx_gene_src_ncbi_taxonomy_id     1639 
_entity_src_gen.pdbx_gene_src_variant              ? 
_entity_src_gen.pdbx_gene_src_cell_line            ? 
_entity_src_gen.pdbx_gene_src_atcc                 ? 
_entity_src_gen.pdbx_gene_src_organ                ? 
_entity_src_gen.pdbx_gene_src_organelle            ? 
_entity_src_gen.pdbx_gene_src_cell                 ? 
_entity_src_gen.pdbx_gene_src_cellular_location    ? 
_entity_src_gen.host_org_common_name               ? 
_entity_src_gen.pdbx_host_org_scientific_name      'Escherichia coli' 
_entity_src_gen.pdbx_host_org_ncbi_taxonomy_id     562 
_entity_src_gen.host_org_genus                     ? 
_entity_src_gen.pdbx_host_org_gene                 ? 
_entity_src_gen.pdbx_host_org_organ                ? 
_entity_src_gen.host_org_species                   ? 
_entity_src_gen.pdbx_host_org_tissue               ? 
_entity_src_gen.pdbx_host_org_tissue_fraction      ? 
_entity_src_gen.pdbx_host_org_strain               'BL21(DE3) +Magic' 
_entity_src_gen.pdbx_host_org_variant              ? 
_entity_src_gen.pdbx_host_org_cell_line            ? 
_entity_src_gen.pdbx_host_org_atcc                 ? 
_entity_src_gen.pdbx_host_org_culture_collection   ? 
_entity_src_gen.pdbx_host_org_cell                 ? 
_entity_src_gen.pdbx_host_org_organelle            ? 
_entity_src_gen.pdbx_host_org_cellular_location    ? 
_entity_src_gen.pdbx_host_org_vector_type          pET21-23C 
_entity_src_gen.pdbx_host_org_vector               ? 
_entity_src_gen.host_org_details                   ? 
_entity_src_gen.expression_system_id               ? 
_entity_src_gen.plasmid_name                       ? 
_entity_src_gen.plasmid_details                    ? 
_entity_src_gen.pdbx_description                   ? 
# 
loop_
_chem_comp.id 
_chem_comp.type 
_chem_comp.mon_nstd_flag 
_chem_comp.name 
_chem_comp.pdbx_synonyms 
_chem_comp.formula 
_chem_comp.formula_weight 
ALA 'L-peptide linking' y ALANINE          ? 'C3 H7 N O2'     89.093  
ARG 'L-peptide linking' y ARGININE         ? 'C6 H15 N4 O2 1' 175.209 
ASN 'L-peptide linking' y ASPARAGINE       ? 'C4 H8 N2 O3'    132.118 
ASP 'L-peptide linking' y 'ASPARTIC ACID'  ? 'C4 H7 N O4'     133.103 
GLN 'L-peptide linking' y GLUTAMINE        ? 'C5 H10 N2 O3'   146.144 
GLU 'L-peptide linking' y 'GLUTAMIC ACID'  ? 'C5 H9 N O4'     147.129 
GLY 'peptide linking'   y GLYCINE          ? 'C2 H5 N O2'     75.067  
HIS 'L-peptide linking' y HISTIDINE        ? 'C6 H10 N3 O2 1' 156.162 
HOH non-polymer         . WATER            ? 'H2 O'           18.015  
ILE 'L-peptide linking' y ISOLEUCINE       ? 'C6 H13 N O2'    131.173 
LEU 'L-peptide linking' y LEUCINE          ? 'C6 H13 N O2'    131.173 
LYS 'L-peptide linking' y LYSINE           ? 'C6 H15 N2 O2 1' 147.195 
MSE 'L-peptide linking' n SELENOMETHIONINE ? 'C5 H11 N O2 Se' 196.106 
PHE 'L-peptide linking' y PHENYLALANINE    ? 'C9 H11 N O2'    165.189 
PRO 'L-peptide linking' y PROLINE          ? 'C5 H9 N O2'     115.130 
SER 'L-peptide linking' y SERINE           ? 'C3 H7 N O3'     105.093 
THR 'L-peptide linking' y THREONINE        ? 'C4 H9 N O3'     119.119 
TRP 'L-peptide linking' y TRYPTOPHAN       ? 'C11 H12 N2 O2'  204.225 
TYR 'L-peptide linking' y TYROSINE         ? 'C9 H11 N O3'    181.189 
VAL 'L-peptide linking' y VALINE           ? 'C5 H11 N O2'    117.146 
# 
loop_
_pdbx_poly_seq_scheme.asym_id 
_pdbx_poly_seq_scheme.entity_id 
_pdbx_poly_seq_scheme.seq_id 
_pdbx_poly_seq_scheme.mon_id 
_pdbx_poly_seq_scheme.ndb_seq_num 
_pdbx_poly_seq_scheme.pdb_seq_num 
_pdbx_poly_seq_scheme.auth_seq_num 
_pdbx_poly_seq_scheme.pdb_mon_id 
_pdbx_poly_seq_scheme.auth_mon_id 
_pdbx_poly_seq_scheme.pdb_strand_id 
_pdbx_poly_seq_scheme.pdb_ins_code 
_pdbx_poly_seq_scheme.hetero 
A 1 1   MSE 1   1   1   MSE MSE A . n 
A 1 2   LYS 2   2   2   LYS LYS A . n 
A 1 3   ILE 3   3   3   ILE ILE A . n 
A 1 4   GLY 4   4   4   GLY GLY A . n 
A 1 5   ILE 5   5   5   ILE ILE A . n 
A 1 6   ILE 6   6   6   ILE ILE A . n 
A 1 7   GLY 7   7   7   GLY GLY A . n 
A 1 8   ALA 8   8   8   ALA ALA A . n 
A 1 9   THR 9   9   9   THR THR A . n 
A 1 10  GLY 10  10  10  GLY GLY A . n 
A 1 11  ARG 11  11  11  ARG ARG A . n 
A 1 12  ALA 12  12  12  ALA ALA A . n 
A 1 13  GLY 13  13  13  GLY GLY A . n 
A 1 14  SER 14  14  14  SER SER A . n 
A 1 15  ARG 15  15  15  ARG ARG A . n 
A 1 16  ILE 16  16  16  ILE ILE A . n 
A 1 17  LEU 17  17  17  LEU LEU A . n 
A 1 18  GLU 18  18  18  GLU GLU A . n 
A 1 19  GLU 19  19  19  GLU GLU A . n 
A 1 20  ALA 20  20  20  ALA ALA A . n 
A 1 21  LYS 21  21  21  LYS LYS A . n 
A 1 22  ASN 22  22  22  ASN ASN A . n 
A 1 23  ARG 23  23  23  ARG ARG A . n 
A 1 24  GLY 24  24  24  GLY GLY A . n 
A 1 25  HIS 25  25  25  HIS HIS A . n 
A 1 26  GLU 26  26  26  GLU GLU A . n 
A 1 27  VAL 27  27  27  VAL VAL A . n 
A 1 28  THR 28  28  28  THR THR A . n 
A 1 29  ALA 29  29  29  ALA ALA A . n 
A 1 30  ILE 30  30  30  ILE ILE A . n 
A 1 31  VAL 31  31  31  VAL VAL A . n 
A 1 32  ARG 32  32  32  ARG ARG A . n 
A 1 33  ASN 33  33  33  ASN ASN A . n 
A 1 34  ALA 34  34  34  ALA ALA A . n 
A 1 35  GLY 35  35  35  GLY GLY A . n 
A 1 36  LYS 36  36  36  LYS ALA A . n 
A 1 37  ILE 37  37  37  ILE ILE A . n 
A 1 38  THR 38  38  38  THR THR A . n 
A 1 39  GLN 39  39  39  GLN ALA A . n 
A 1 40  THR 40  40  40  THR THR A . n 
A 1 41  HIS 41  41  41  HIS ALA A . n 
A 1 42  LYS 42  42  42  LYS ALA A . n 
A 1 43  ASP 43  43  43  ASP ALA A . n 
A 1 44  ILE 44  44  44  ILE ILE A . n 
A 1 45  ASN 45  45  45  ASN ASN A . n 
A 1 46  ILE 46  46  46  ILE ILE A . n 
A 1 47  LEU 47  47  47  LEU LEU A . n 
A 1 48  GLN 48  48  48  GLN GLN A . n 
A 1 49  LYS 49  49  49  LYS LYS A . n 
A 1 50  ASP 50  50  50  ASP ASP A . n 
A 1 51  ILE 51  51  51  ILE ILE A . n 
A 1 52  PHE 52  52  52  PHE PHE A . n 
A 1 53  ASP 53  53  53  ASP ASP A . n 
A 1 54  LEU 54  54  54  LEU LEU A . n 
A 1 55  THR 55  55  55  THR THR A . n 
A 1 56  LEU 56  56  56  LEU LEU A . n 
A 1 57  SER 57  57  57  SER SER A . n 
A 1 58  ASP 58  58  58  ASP ASP A . n 
A 1 59  LEU 59  59  59  LEU LEU A . n 
A 1 60  SER 60  60  60  SER SER A . n 
A 1 61  ASP 61  61  61  ASP ASP A . n 
A 1 62  GLN 62  62  62  GLN GLN A . n 
A 1 63  ASN 63  63  63  ASN ASN A . n 
A 1 64  VAL 64  64  64  VAL VAL A . n 
A 1 65  VAL 65  65  65  VAL VAL A . n 
A 1 66  VAL 66  66  66  VAL VAL A . n 
A 1 67  ASP 67  67  67  ASP ASP A . n 
A 1 68  ALA 68  68  68  ALA ALA A . n 
A 1 69  TYR 69  69  69  TYR TYR A . n 
A 1 70  GLY 70  70  70  GLY GLY A . n 
A 1 71  ILE 71  71  71  ILE ILE A . n 
A 1 72  SER 72  72  72  SER SER A . n 
A 1 73  PRO 73  73  73  PRO PRO A . n 
A 1 74  ASP 74  74  74  ASP ASP A . n 
A 1 75  GLU 75  75  75  GLU GLU A . n 
A 1 76  ALA 76  76  76  ALA ALA A . n 
A 1 77  GLU 77  77  77  GLU GLU A . n 
A 1 78  LYS 78  78  78  LYS LYS A . n 
A 1 79  HIS 79  79  79  HIS HIS A . n 
A 1 80  VAL 80  80  80  VAL VAL A . n 
A 1 81  THR 81  81  81  THR THR A . n 
A 1 82  SER 82  82  82  SER SER A . n 
A 1 83  LEU 83  83  83  LEU LEU A . n 
A 1 84  ASP 84  84  84  ASP ASP A . n 
A 1 85  HIS 85  85  85  HIS HIS A . n 
A 1 86  LEU 86  86  86  LEU LEU A . n 
A 1 87  ILE 87  87  87  ILE ILE A . n 
A 1 88  SER 88  88  88  SER SER A . n 
A 1 89  VAL 89  89  89  VAL VAL A . n 
A 1 90  LEU 90  90  90  LEU LEU A . n 
A 1 91  ASN 91  91  91  ASN ASN A . n 
A 1 92  GLY 92  92  92  GLY GLY A . n 
A 1 93  THR 93  93  93  THR THR A . n 
A 1 94  VAL 94  94  94  VAL VAL A . n 
A 1 95  SER 95  95  95  SER SER A . n 
A 1 96  PRO 96  96  96  PRO PRO A . n 
A 1 97  ARG 97  97  97  ARG ARG A . n 
A 1 98  LEU 98  98  98  LEU LEU A . n 
A 1 99  LEU 99  99  99  LEU LEU A . n 
A 1 100 VAL 100 100 100 VAL VAL A . n 
A 1 101 VAL 101 101 101 VAL VAL A . n 
A 1 102 GLY 102 102 102 GLY GLY A . n 
A 1 103 GLY 103 103 103 GLY GLY A . n 
A 1 104 ALA 104 104 104 ALA ALA A . n 
A 1 105 ALA 105 105 105 ALA ALA A . n 
A 1 106 SER 106 106 ?   ?   ?   A . n 
A 1 107 LEU 107 107 ?   ?   ?   A . n 
A 1 108 GLN 108 108 ?   ?   ?   A . n 
A 1 109 ILE 109 109 ?   ?   ?   A . n 
A 1 110 ASP 110 110 ?   ?   ?   A . n 
A 1 111 GLU 111 111 ?   ?   ?   A . n 
A 1 112 ASP 112 112 ?   ?   ?   A . n 
A 1 113 GLY 113 113 ?   ?   ?   A . n 
A 1 114 ASN 114 114 ?   ?   ?   A . n 
A 1 115 THR 115 115 ?   ?   ?   A . n 
A 1 116 LEU 116 116 ?   ?   ?   A . n 
A 1 117 LEU 117 117 ?   ?   ?   A . n 
A 1 118 GLU 118 118 ?   ?   ?   A . n 
A 1 119 SER 119 119 ?   ?   ?   A . n 
A 1 120 LYS 120 120 ?   ?   ?   A . n 
A 1 121 GLY 121 121 ?   ?   ?   A . n 
A 1 122 LEU 122 122 ?   ?   ?   A . n 
A 1 123 ARG 123 123 ?   ?   ?   A . n 
A 1 124 GLU 124 124 ?   ?   ?   A . n 
A 1 125 ALA 125 125 125 ALA ALA A . n 
A 1 126 PRO 126 126 126 PRO PRO A . n 
A 1 127 TYR 127 127 127 TYR TYR A . n 
A 1 128 TYR 128 128 128 TYR TYR A . n 
A 1 129 PRO 129 129 129 PRO PRO A . n 
A 1 130 THR 130 130 130 THR THR A . n 
A 1 131 ALA 131 131 131 ALA ALA A . n 
A 1 132 ARG 132 132 132 ARG ARG A . n 
A 1 133 ALA 133 133 133 ALA ALA A . n 
A 1 134 GLN 134 134 134 GLN GLN A . n 
A 1 135 ALA 135 135 135 ALA ALA A . n 
A 1 136 LYS 136 136 136 LYS LYS A . n 
A 1 137 GLN 137 137 137 GLN GLN A . n 
A 1 138 LEU 138 138 138 LEU LEU A . n 
A 1 139 GLU 139 139 139 GLU GLU A . n 
A 1 140 HIS 140 140 140 HIS HIS A . n 
A 1 141 LEU 141 141 141 LEU LEU A . n 
A 1 142 LYS 142 142 142 LYS LYS A . n 
A 1 143 SER 143 143 143 SER SER A . n 
A 1 144 HIS 144 144 144 HIS HIS A . n 
A 1 145 GLN 145 145 145 GLN GLN A . n 
A 1 146 ALA 146 146 146 ALA ALA A . n 
A 1 147 GLU 147 147 147 GLU GLU A . n 
A 1 148 PHE 148 148 148 PHE PHE A . n 
A 1 149 SER 149 149 149 SER SER A . n 
A 1 150 TRP 150 150 150 TRP TRP A . n 
A 1 151 THR 151 151 151 THR THR A . n 
A 1 152 TYR 152 152 152 TYR TYR A . n 
A 1 153 ILE 153 153 153 ILE ILE A . n 
A 1 154 SER 154 154 154 SER SER A . n 
A 1 155 PRO 155 155 155 PRO PRO A . n 
A 1 156 SER 156 156 156 SER SER A . n 
A 1 157 ALA 157 157 157 ALA ALA A . n 
A 1 158 MSE 158 158 158 MSE MSE A . n 
A 1 159 PHE 159 159 159 PHE PHE A . n 
A 1 160 GLU 160 160 160 GLU GLU A . n 
A 1 161 PRO 161 161 161 PRO PRO A . n 
A 1 162 GLY 162 162 162 GLY GLY A . n 
A 1 163 GLU 163 163 ?   ?   ?   A . n 
A 1 164 ARG 164 164 ?   ?   ?   A . n 
A 1 165 THR 165 165 ?   ?   ?   A . n 
A 1 166 GLY 166 166 ?   ?   ?   A . n 
A 1 167 ASP 167 167 ?   ?   ?   A . n 
A 1 168 TYR 168 168 ?   ?   ?   A . n 
A 1 169 GLN 169 169 ?   ?   ?   A . n 
A 1 170 ILE 170 170 ?   ?   ?   A . n 
A 1 171 GLY 171 171 ?   ?   ?   A . n 
A 1 172 LYS 172 172 ?   ?   ?   A . n 
A 1 173 ASP 173 173 ?   ?   ?   A . n 
A 1 174 HIS 174 174 ?   ?   ?   A . n 
A 1 175 LEU 175 175 ?   ?   ?   A . n 
A 1 176 LEU 176 176 ?   ?   ?   A . n 
A 1 177 PHE 177 177 ?   ?   ?   A . n 
A 1 178 GLY 178 178 ?   ?   ?   A . n 
A 1 179 SER 179 179 ?   ?   ?   A . n 
A 1 180 ASP 180 180 ?   ?   ?   A . n 
A 1 181 GLY 181 181 ?   ?   ?   A . n 
A 1 182 ASN 182 182 ?   ?   ?   A . n 
A 1 183 SER 183 183 ?   ?   ?   A . n 
A 1 184 PHE 184 184 184 PHE PHE A . n 
A 1 185 ILE 185 185 185 ILE ILE A . n 
A 1 186 SER 186 186 186 SER SER A . n 
A 1 187 MSE 187 187 187 MSE MSE A . n 
A 1 188 GLU 188 188 188 GLU GLU A . n 
A 1 189 ASP 189 189 189 ASP ASP A . n 
A 1 190 TYR 190 190 190 TYR TYR A . n 
A 1 191 ALA 191 191 191 ALA ALA A . n 
A 1 192 ILE 192 192 192 ILE ILE A . n 
A 1 193 ALA 193 193 193 ALA ALA A . n 
A 1 194 VAL 194 194 194 VAL VAL A . n 
A 1 195 LEU 195 195 195 LEU LEU A . n 
A 1 196 ASP 196 196 196 ASP ASP A . n 
A 1 197 GLU 197 197 197 GLU GLU A . n 
A 1 198 ILE 198 198 198 ILE ILE A . n 
A 1 199 GLU 199 199 199 GLU GLU A . n 
A 1 200 ARG 200 200 200 ARG ARG A . n 
A 1 201 PRO 201 201 201 PRO PRO A . n 
A 1 202 ASN 202 202 202 ASN ASN A . n 
A 1 203 HIS 203 203 203 HIS HIS A . n 
A 1 204 LEU 204 204 204 LEU LEU A . n 
A 1 205 ASN 205 205 205 ASN ASN A . n 
A 1 206 GLU 206 206 206 GLU GLU A . n 
A 1 207 HIS 207 207 207 HIS HIS A . n 
A 1 208 PHE 208 208 208 PHE PHE A . n 
A 1 209 THR 209 209 209 THR THR A . n 
A 1 210 VAL 210 210 210 VAL VAL A . n 
A 1 211 ALA 211 211 211 ALA ALA A . n 
A 1 212 GLY 212 212 212 GLY GLY A . n 
A 1 213 LYS 213 213 ?   ?   ?   A . n 
A 1 214 LEU 214 214 ?   ?   ?   A . n 
A 1 215 GLU 215 215 ?   ?   ?   A . n 
A 1 216 HIS 216 216 ?   ?   ?   A . n 
A 1 217 HIS 217 217 ?   ?   ?   A . n 
A 1 218 HIS 218 218 ?   ?   ?   A . n 
A 1 219 HIS 219 219 ?   ?   ?   A . n 
A 1 220 HIS 220 220 ?   ?   ?   A . n 
A 1 221 HIS 221 221 ?   ?   ?   A . n 
# 
loop_
_pdbx_nonpoly_scheme.asym_id 
_pdbx_nonpoly_scheme.entity_id 
_pdbx_nonpoly_scheme.mon_id 
_pdbx_nonpoly_scheme.ndb_seq_num 
_pdbx_nonpoly_scheme.pdb_seq_num 
_pdbx_nonpoly_scheme.auth_seq_num 
_pdbx_nonpoly_scheme.pdb_mon_id 
_pdbx_nonpoly_scheme.auth_mon_id 
_pdbx_nonpoly_scheme.pdb_strand_id 
_pdbx_nonpoly_scheme.pdb_ins_code 
B 2 HOH 1  301 301 HOH WAT A . 
B 2 HOH 2  302 302 HOH WAT A . 
B 2 HOH 3  303 303 HOH WAT A . 
B 2 HOH 4  304 304 HOH WAT A . 
B 2 HOH 5  306 306 HOH WAT A . 
B 2 HOH 6  307 307 HOH WAT A . 
B 2 HOH 7  308 308 HOH WAT A . 
B 2 HOH 8  309 309 HOH WAT A . 
B 2 HOH 9  310 310 HOH WAT A . 
B 2 HOH 10 311 311 HOH WAT A . 
B 2 HOH 11 312 312 HOH WAT A . 
B 2 HOH 12 313 313 HOH WAT A . 
B 2 HOH 13 314 314 HOH WAT A . 
B 2 HOH 14 315 315 HOH WAT A . 
B 2 HOH 15 316 316 HOH WAT A . 
B 2 HOH 16 317 317 HOH WAT A . 
B 2 HOH 17 318 318 HOH WAT A . 
B 2 HOH 18 319 319 HOH WAT A . 
B 2 HOH 19 320 320 HOH WAT A . 
B 2 HOH 20 321 321 HOH WAT A . 
B 2 HOH 21 323 323 HOH WAT A . 
B 2 HOH 22 324 324 HOH WAT A . 
B 2 HOH 23 325 325 HOH WAT A . 
B 2 HOH 24 326 326 HOH WAT A . 
B 2 HOH 25 327 327 HOH WAT A . 
B 2 HOH 26 328 328 HOH WAT A . 
B 2 HOH 27 329 329 HOH WAT A . 
B 2 HOH 28 330 330 HOH WAT A . 
B 2 HOH 29 333 333 HOH WAT A . 
B 2 HOH 30 334 334 HOH WAT A . 
B 2 HOH 31 335 335 HOH WAT A . 
B 2 HOH 32 336 336 HOH WAT A . 
B 2 HOH 33 337 337 HOH WAT A . 
B 2 HOH 34 339 339 HOH WAT A . 
B 2 HOH 35 340 340 HOH WAT A . 
B 2 HOH 36 341 341 HOH WAT A . 
B 2 HOH 37 342 342 HOH WAT A . 
B 2 HOH 38 343 343 HOH WAT A . 
B 2 HOH 39 344 344 HOH WAT A . 
B 2 HOH 40 345 345 HOH WAT A . 
B 2 HOH 41 346 346 HOH WAT A . 
B 2 HOH 42 347 347 HOH WAT A . 
B 2 HOH 43 348 348 HOH WAT A . 
B 2 HOH 44 349 349 HOH WAT A . 
B 2 HOH 45 350 350 HOH WAT A . 
B 2 HOH 46 356 356 HOH WAT A . 
B 2 HOH 47 357 357 HOH WAT A . 
B 2 HOH 48 358 358 HOH WAT A . 
B 2 HOH 49 359 359 HOH WAT A . 
B 2 HOH 50 360 360 HOH WAT A . 
B 2 HOH 51 361 361 HOH WAT A . 
B 2 HOH 52 362 362 HOH WAT A . 
B 2 HOH 53 363 363 HOH WAT A . 
B 2 HOH 54 364 364 HOH WAT A . 
B 2 HOH 55 365 365 HOH WAT A . 
B 2 HOH 56 366 366 HOH WAT A . 
B 2 HOH 57 367 367 HOH WAT A . 
B 2 HOH 58 368 368 HOH WAT A . 
B 2 HOH 59 369 369 HOH WAT A . 
B 2 HOH 60 370 370 HOH WAT A . 
B 2 HOH 61 371 371 HOH WAT A . 
B 2 HOH 62 372 372 HOH WAT A . 
B 2 HOH 63 373 373 HOH WAT A . 
B 2 HOH 64 374 374 HOH WAT A . 
B 2 HOH 65 375 375 HOH WAT A . 
B 2 HOH 66 376 376 HOH WAT A . 
B 2 HOH 67 377 377 HOH WAT A . 
B 2 HOH 68 378 378 HOH WAT A . 
B 2 HOH 69 379 379 HOH WAT A . 
B 2 HOH 70 380 380 HOH WAT A . 
B 2 HOH 71 381 381 HOH WAT A . 
B 2 HOH 72 382 382 HOH WAT A . 
B 2 HOH 73 383 383 HOH WAT A . 
B 2 HOH 74 384 384 HOH WAT A . 
B 2 HOH 75 385 385 HOH WAT A . 
B 2 HOH 76 387 387 HOH WAT A . 
B 2 HOH 77 388 388 HOH WAT A . 
# 
loop_
_pdbx_unobs_or_zero_occ_atoms.id 
_pdbx_unobs_or_zero_occ_atoms.PDB_model_num 
_pdbx_unobs_or_zero_occ_atoms.polymer_flag 
_pdbx_unobs_or_zero_occ_atoms.occupancy_flag 
_pdbx_unobs_or_zero_occ_atoms.auth_asym_id 
_pdbx_unobs_or_zero_occ_atoms.auth_comp_id 
_pdbx_unobs_or_zero_occ_atoms.auth_seq_id 
_pdbx_unobs_or_zero_occ_atoms.PDB_ins_code 
_pdbx_unobs_or_zero_occ_atoms.auth_atom_id 
_pdbx_unobs_or_zero_occ_atoms.label_alt_id 
_pdbx_unobs_or_zero_occ_atoms.label_asym_id 
_pdbx_unobs_or_zero_occ_atoms.label_comp_id 
_pdbx_unobs_or_zero_occ_atoms.label_seq_id 
_pdbx_unobs_or_zero_occ_atoms.label_atom_id 
1  1 Y 1 A LYS 36 ? CG  ? A LYS 36 CG  
2  1 Y 1 A LYS 36 ? CD  ? A LYS 36 CD  
3  1 Y 1 A LYS 36 ? CE  ? A LYS 36 CE  
4  1 Y 1 A LYS 36 ? NZ  ? A LYS 36 NZ  
5  1 Y 1 A GLN 39 ? CG  ? A GLN 39 CG  
6  1 Y 1 A GLN 39 ? CD  ? A GLN 39 CD  
7  1 Y 1 A GLN 39 ? OE1 ? A GLN 39 OE1 
8  1 Y 1 A GLN 39 ? NE2 ? A GLN 39 NE2 
9  1 Y 1 A HIS 41 ? CG  ? A HIS 41 CG  
10 1 Y 1 A HIS 41 ? ND1 ? A HIS 41 ND1 
11 1 Y 1 A HIS 41 ? CD2 ? A HIS 41 CD2 
12 1 Y 1 A HIS 41 ? CE1 ? A HIS 41 CE1 
13 1 Y 1 A HIS 41 ? NE2 ? A HIS 41 NE2 
14 1 Y 1 A LYS 42 ? CG  ? A LYS 42 CG  
15 1 Y 1 A LYS 42 ? CD  ? A LYS 42 CD  
16 1 Y 1 A LYS 42 ? CE  ? A LYS 42 CE  
17 1 Y 1 A LYS 42 ? NZ  ? A LYS 42 NZ  
18 1 Y 1 A ASP 43 ? CG  ? A ASP 43 CG  
19 1 Y 1 A ASP 43 ? OD1 ? A ASP 43 OD1 
20 1 Y 1 A ASP 43 ? OD2 ? A ASP 43 OD2 
# 
loop_
_software.name 
_software.classification 
_software.version 
_software.citation_id 
_software.pdbx_ordinal 
HKL-2000  'data collection' .   ? 1 
SOLVE     phasing           .   ? 2 
CNS       refinement        1.2 ? 3 
DENZO     'data reduction'  .   ? 4 
SCALEPACK 'data scaling'    .   ? 5 
# 
_cell.entry_id           3EW7 
_cell.length_a           83.768 
_cell.length_b           83.768 
_cell.length_c           92.215 
_cell.angle_alpha        90.00 
_cell.angle_beta         90.00 
_cell.angle_gamma        120.00 
_cell.Z_PDB              6 
_cell.pdbx_unique_axis   ? 
_cell.length_a_esd       ? 
_cell.length_b_esd       ? 
_cell.length_c_esd       ? 
_cell.angle_alpha_esd    ? 
_cell.angle_beta_esd     ? 
_cell.angle_gamma_esd    ? 
# 
_symmetry.entry_id                         3EW7 
_symmetry.space_group_name_H-M             'P 31 2 1' 
_symmetry.pdbx_full_space_group_name_H-M   ? 
_symmetry.cell_setting                     ? 
_symmetry.Int_Tables_number                152 
_symmetry.space_group_name_Hall            ? 
# 
_exptl.entry_id          3EW7 
_exptl.method            'X-RAY DIFFRACTION' 
_exptl.crystals_number   1 
# 
_exptl_crystal.id                    1 
_exptl_crystal.density_meas          ? 
_exptl_crystal.density_Matthews      3.80 
_exptl_crystal.density_percent_sol   67.65 
_exptl_crystal.description           ? 
_exptl_crystal.F_000                 ? 
_exptl_crystal.preparation           ? 
# 
_exptl_crystal_grow.crystal_id      1 
_exptl_crystal_grow.method          'VAPOR DIFFUSION, HANGING DROP' 
_exptl_crystal_grow.temp            292 
_exptl_crystal_grow.temp_details    ? 
_exptl_crystal_grow.pH              4.6 
_exptl_crystal_grow.pdbx_pH_range   ? 
_exptl_crystal_grow.pdbx_details    
'18% PEG 4000, 0.1M KH(2)PO(4), 0.1M sodium acetate, pH 4.6, VAPOR DIFFUSION, HANGING DROP, temperature 292K' 
# 
_diffrn.id                     1 
_diffrn.ambient_temp           100 
_diffrn.ambient_temp_details   ? 
_diffrn.crystal_id             1 
# 
_diffrn_detector.diffrn_id              1 
_diffrn_detector.detector               CCD 
_diffrn_detector.type                   'ADSC QUANTUM 4' 
_diffrn_detector.pdbx_collection_date   2008-08-08 
_diffrn_detector.details                ? 
# 
_diffrn_radiation.diffrn_id                        1 
_diffrn_radiation.wavelength_id                    1 
_diffrn_radiation.pdbx_monochromatic_or_laue_m_l   M 
_diffrn_radiation.monochromator                    ? 
_diffrn_radiation.pdbx_diffrn_protocol             MAD 
_diffrn_radiation.pdbx_scattering_type             x-ray 
# 
loop_
_diffrn_radiation_wavelength.id 
_diffrn_radiation_wavelength.wavelength 
_diffrn_radiation_wavelength.wt 
1 0.97894 1.0 
2 0.97926 1.0 
3 0.96785 1.0 
# 
_diffrn_source.diffrn_id                   1 
_diffrn_source.source                      SYNCHROTRON 
_diffrn_source.type                        'NSLS BEAMLINE X4A' 
_diffrn_source.pdbx_synchrotron_site       NSLS 
_diffrn_source.pdbx_synchrotron_beamline   X4A 
_diffrn_source.pdbx_wavelength             ? 
_diffrn_source.pdbx_wavelength_list        '0.97894, 0.97926, 0.96785' 
# 
_reflns.entry_id                     3EW7 
_reflns.observed_criterion_sigma_I   0.0 
_reflns.observed_criterion_sigma_F   0.0 
_reflns.d_resolution_low             50.0 
_reflns.d_resolution_high            2.73 
_reflns.number_obs                   19111 
_reflns.number_all                   19317 
_reflns.percent_possible_obs         98.9 
_reflns.pdbx_Rmerge_I_obs            0.106 
_reflns.pdbx_Rsym_value              ? 
_reflns.pdbx_netI_over_sigmaI        16.05 
_reflns.B_iso_Wilson_estimate        47.1 
_reflns.pdbx_redundancy              4.5 
_reflns.R_free_details               ? 
_reflns.limit_h_max                  ? 
_reflns.limit_h_min                  ? 
_reflns.limit_k_max                  ? 
_reflns.limit_k_min                  ? 
_reflns.limit_l_max                  ? 
_reflns.limit_l_min                  ? 
_reflns.observed_criterion_F_max     ? 
_reflns.observed_criterion_F_min     ? 
_reflns.pdbx_chi_squared             ? 
_reflns.pdbx_scaling_rejects         ? 
_reflns.pdbx_diffrn_id               1 
_reflns.pdbx_ordinal                 1 
# 
_reflns_shell.d_res_high             2.73 
_reflns_shell.d_res_low              2.85 
_reflns_shell.percent_possible_all   97.9 
_reflns_shell.Rmerge_I_obs           0.648 
_reflns_shell.pdbx_Rsym_value        ? 
_reflns_shell.meanI_over_sigI_obs    4.05 
_reflns_shell.pdbx_redundancy        4.6 
_reflns_shell.percent_possible_obs   ? 
_reflns_shell.number_unique_all      ? 
_reflns_shell.number_measured_all    ? 
_reflns_shell.number_measured_obs    ? 
_reflns_shell.number_unique_obs      ? 
_reflns_shell.pdbx_chi_squared       ? 
_reflns_shell.pdbx_diffrn_id         ? 
_reflns_shell.pdbx_ordinal           1 
# 
_refine.entry_id                                 3EW7 
_refine.ls_number_reflns_obs                     14829 
_refine.ls_number_reflns_all                     ? 
_refine.pdbx_ls_sigma_I                          ? 
_refine.pdbx_ls_sigma_F                          2.0 
_refine.pdbx_data_cutoff_high_absF               362304.23 
_refine.pdbx_data_cutoff_low_absF                0.000000 
_refine.pdbx_data_cutoff_high_rms_absF           ? 
_refine.ls_d_res_low                             33.76 
_refine.ls_d_res_high                            2.73 
_refine.ls_percent_reflns_obs                    77.1 
_refine.ls_R_factor_obs                          0.224 
_refine.ls_R_factor_all                          ? 
_refine.ls_R_factor_R_work                       0.224 
_refine.ls_R_factor_R_free                       0.247 
_refine.ls_R_factor_R_free_error                 0.007 
_refine.ls_R_factor_R_free_error_details         ? 
_refine.ls_percent_reflns_R_free                 9.4 
_refine.ls_number_reflns_R_free                  1393 
_refine.ls_number_parameters                     ? 
_refine.ls_number_restraints                     ? 
_refine.occupancy_min                            ? 
_refine.occupancy_max                            ? 
_refine.correlation_coeff_Fo_to_Fc               ? 
_refine.correlation_coeff_Fo_to_Fc_free          ? 
_refine.B_iso_mean                               61.1 
_refine.aniso_B[1][1]                            12.31 
_refine.aniso_B[2][2]                            12.31 
_refine.aniso_B[3][3]                            -24.61 
_refine.aniso_B[1][2]                            0.00 
_refine.aniso_B[1][3]                            0.00 
_refine.aniso_B[2][3]                            0.00 
_refine.solvent_model_details                    'FLAT MODEL' 
_refine.solvent_model_param_ksol                 0.3 
_refine.solvent_model_param_bsol                 25.7195 
_refine.pdbx_solvent_vdw_probe_radii             ? 
_refine.pdbx_solvent_ion_probe_radii             ? 
_refine.pdbx_solvent_shrinkage_radii             ? 
_refine.pdbx_ls_cross_valid_method               THROUGHOUT 
_refine.details                                  'BULK SOLVENT MODEL USED' 
_refine.pdbx_starting_model                      ? 
_refine.pdbx_method_to_determine_struct          MAD 
_refine.pdbx_isotropic_thermal_model             RESTRAINED 
_refine.pdbx_stereochemistry_target_values       'Engh & Huber' 
_refine.pdbx_stereochem_target_val_spec_case     ? 
_refine.pdbx_R_Free_selection_details            RANDOM 
_refine.pdbx_overall_ESU_R                       ? 
_refine.pdbx_overall_ESU_R_Free                  ? 
_refine.overall_SU_ML                            ? 
_refine.pdbx_overall_phase_error                 ? 
_refine.overall_SU_B                             ? 
_refine.pdbx_refine_id                           'X-RAY DIFFRACTION' 
_refine.ls_redundancy_reflns_obs                 ? 
_refine.B_iso_min                                ? 
_refine.B_iso_max                                ? 
_refine.overall_SU_R_Cruickshank_DPI             ? 
_refine.overall_SU_R_free                        ? 
_refine.ls_wR_factor_R_free                      ? 
_refine.ls_wR_factor_R_work                      ? 
_refine.overall_FOM_free_R_set                   ? 
_refine.overall_FOM_work_R_set                   ? 
_refine.pdbx_diffrn_id                           1 
_refine.pdbx_TLS_residual_ADP_flag               ? 
_refine.pdbx_overall_SU_R_free_Cruickshank_DPI   ? 
_refine.pdbx_overall_SU_R_Blow_DPI               ? 
_refine.pdbx_overall_SU_R_free_Blow_DPI          ? 
# 
_refine_analyze.entry_id                        3EW7 
_refine_analyze.Luzzati_coordinate_error_obs    0.35 
_refine_analyze.Luzzati_sigma_a_obs             0.38 
_refine_analyze.Luzzati_d_res_low_obs           5.00 
_refine_analyze.Luzzati_coordinate_error_free   0.42 
_refine_analyze.Luzzati_sigma_a_free            0.42 
_refine_analyze.Luzzati_d_res_low_free          ? 
_refine_analyze.number_disordered_residues      ? 
_refine_analyze.occupancy_sum_hydrogen          ? 
_refine_analyze.occupancy_sum_non_hydrogen      ? 
_refine_analyze.pdbx_refine_id                  'X-RAY DIFFRACTION' 
_refine_analyze.pdbx_Luzzati_d_res_high_obs     ? 
# 
_refine_hist.pdbx_refine_id                   'X-RAY DIFFRACTION' 
_refine_hist.cycle_id                         LAST 
_refine_hist.pdbx_number_atoms_protein        1305 
_refine_hist.pdbx_number_atoms_nucleic_acid   0 
_refine_hist.pdbx_number_atoms_ligand         0 
_refine_hist.number_atoms_solvent             77 
_refine_hist.number_atoms_total               1382 
_refine_hist.d_res_high                       2.73 
_refine_hist.d_res_low                        33.76 
# 
loop_
_refine_ls_restr.type 
_refine_ls_restr.dev_ideal 
_refine_ls_restr.dev_ideal_target 
_refine_ls_restr.weight 
_refine_ls_restr.number 
_refine_ls_restr.pdbx_refine_id 
_refine_ls_restr.pdbx_restraint_function 
c_bond_d                0.014 ? ? ? 'X-RAY DIFFRACTION' ? 
c_bond_d_na             ?     ? ? ? 'X-RAY DIFFRACTION' ? 
c_bond_d_prot           ?     ? ? ? 'X-RAY DIFFRACTION' ? 
c_angle_d               ?     ? ? ? 'X-RAY DIFFRACTION' ? 
c_angle_d_na            ?     ? ? ? 'X-RAY DIFFRACTION' ? 
c_angle_d_prot          ?     ? ? ? 'X-RAY DIFFRACTION' ? 
c_angle_deg             1.7   ? ? ? 'X-RAY DIFFRACTION' ? 
c_angle_deg_na          ?     ? ? ? 'X-RAY DIFFRACTION' ? 
c_angle_deg_prot        ?     ? ? ? 'X-RAY DIFFRACTION' ? 
c_dihedral_angle_d      25.6  ? ? ? 'X-RAY DIFFRACTION' ? 
c_dihedral_angle_d_na   ?     ? ? ? 'X-RAY DIFFRACTION' ? 
c_dihedral_angle_d_prot ?     ? ? ? 'X-RAY DIFFRACTION' ? 
c_improper_angle_d      1.44  ? ? ? 'X-RAY DIFFRACTION' ? 
c_improper_angle_d_na   ?     ? ? ? 'X-RAY DIFFRACTION' ? 
c_improper_angle_d_prot ?     ? ? ? 'X-RAY DIFFRACTION' ? 
c_mcbond_it             ?     ? ? ? 'X-RAY DIFFRACTION' ? 
c_mcangle_it            ?     ? ? ? 'X-RAY DIFFRACTION' ? 
c_scbond_it             ?     ? ? ? 'X-RAY DIFFRACTION' ? 
c_scangle_it            ?     ? ? ? 'X-RAY DIFFRACTION' ? 
# 
_refine_ls_shell.pdbx_total_number_of_bins_used   6 
_refine_ls_shell.d_res_high                       2.73 
_refine_ls_shell.d_res_low                        2.90 
_refine_ls_shell.number_reflns_R_work             1454 
_refine_ls_shell.R_factor_R_work                  0.285 
_refine_ls_shell.percent_reflns_obs               49.8 
_refine_ls_shell.R_factor_R_free                  0.316 
_refine_ls_shell.R_factor_R_free_error            0.025 
_refine_ls_shell.percent_reflns_R_free            9.6 
_refine_ls_shell.number_reflns_R_free             154 
_refine_ls_shell.number_reflns_all                ? 
_refine_ls_shell.R_factor_all                     ? 
_refine_ls_shell.pdbx_refine_id                   'X-RAY DIFFRACTION' 
_refine_ls_shell.redundancy_reflns_obs            ? 
_refine_ls_shell.number_reflns_obs                ? 
# 
loop_
_pdbx_xplor_file.serial_no 
_pdbx_xplor_file.param_file 
_pdbx_xplor_file.topol_file 
_pdbx_xplor_file.pdbx_refine_id 
1 protein_rep.param protein.top 'X-RAY DIFFRACTION' 
2 dna-rna_rep.param dna-rna.top 'X-RAY DIFFRACTION' 
3 water_rep.param   water.top   'X-RAY DIFFRACTION' 
4 ion.param         ion.top     'X-RAY DIFFRACTION' 
# 
_struct.entry_id                  3EW7 
_struct.title                     
'Crystal structure of the Lmo0794 protein from Listeria monocytogenes. Northeast Structural Genomics Consortium target LmR162.' 
_struct.pdbx_model_details        ? 
_struct.pdbx_CASP_flag            ? 
_struct.pdbx_model_type_details   ? 
# 
_struct_keywords.entry_id        3EW7 
_struct_keywords.pdbx_keywords   'structural genomics, unknown function' 
_struct_keywords.text            
;Q8Y8U8_LISMO, Lmo0794, putative NAD-dependent Epimerase/dehydratase, LmR162, NESG, Structural Genomics, PSI-2, Protein Structure Initiative, Northeast Structural Genomics Consortium, unknown function
;
# 
loop_
_struct_asym.id 
_struct_asym.pdbx_blank_PDB_chainid_flag 
_struct_asym.pdbx_modified 
_struct_asym.entity_id 
_struct_asym.details 
A N N 1 ? 
B N N 2 ? 
# 
_struct_ref.id                         1 
_struct_ref.db_name                    UNP 
_struct_ref.db_code                    Q8Y8U8_LISMO 
_struct_ref.pdbx_db_accession          Q8Y8U8 
_struct_ref.entity_id                  1 
_struct_ref.pdbx_seq_one_letter_code   
;MKIGIIGATGRAGSRILEEAKNRGHEVTAIVRNAGKITQTHKDINILQKDIFDLTLSDLSDQNVVVDAYGVSPDEAEKHV
TSLDHLISVLNGTVSPRLLVVGGAASLQIDEDGNTLLESKGLREAPYYPTARAQAKQLEHLRSHQAEFSWTYISPSAMFE
PGERTGDYQIGKDHLLFGSDGNSFISMEDYAIAVLDEIERPNHLNERFTVAGK
;
_struct_ref.pdbx_align_begin           1 
_struct_ref.pdbx_db_isoform            ? 
# 
_struct_ref_seq.align_id                      1 
_struct_ref_seq.ref_id                        1 
_struct_ref_seq.pdbx_PDB_id_code              3EW7 
_struct_ref_seq.pdbx_strand_id                A 
_struct_ref_seq.seq_align_beg                 1 
_struct_ref_seq.pdbx_seq_align_beg_ins_code   ? 
_struct_ref_seq.seq_align_end                 213 
_struct_ref_seq.pdbx_seq_align_end_ins_code   ? 
_struct_ref_seq.pdbx_db_accession             Q8Y8U8 
_struct_ref_seq.db_align_beg                  1 
_struct_ref_seq.pdbx_db_align_beg_ins_code    ? 
_struct_ref_seq.db_align_end                  213 
_struct_ref_seq.pdbx_db_align_end_ins_code    ? 
_struct_ref_seq.pdbx_auth_seq_align_beg       1 
_struct_ref_seq.pdbx_auth_seq_align_end       213 
# 
loop_
_struct_ref_seq_dif.align_id 
_struct_ref_seq_dif.pdbx_pdb_id_code 
_struct_ref_seq_dif.mon_id 
_struct_ref_seq_dif.pdbx_pdb_strand_id 
_struct_ref_seq_dif.seq_num 
_struct_ref_seq_dif.pdbx_pdb_ins_code 
_struct_ref_seq_dif.pdbx_seq_db_name 
_struct_ref_seq_dif.pdbx_seq_db_accession_code 
_struct_ref_seq_dif.db_mon_id 
_struct_ref_seq_dif.pdbx_seq_db_seq_num 
_struct_ref_seq_dif.details 
_struct_ref_seq_dif.pdbx_auth_seq_num 
_struct_ref_seq_dif.pdbx_ordinal 
1 3EW7 ILE A 71  ? UNP Q8Y8U8 VAL 71  'engineered mutation' 71  1  
1 3EW7 LYS A 142 ? UNP Q8Y8U8 ARG 142 'engineered mutation' 142 2  
1 3EW7 HIS A 207 ? UNP Q8Y8U8 ARG 207 'engineered mutation' 207 3  
1 3EW7 LEU A 214 ? UNP Q8Y8U8 ?   ?   'expression tag'      214 4  
1 3EW7 GLU A 215 ? UNP Q8Y8U8 ?   ?   'expression tag'      215 5  
1 3EW7 HIS A 216 ? UNP Q8Y8U8 ?   ?   'expression tag'      216 6  
1 3EW7 HIS A 217 ? UNP Q8Y8U8 ?   ?   'expression tag'      217 7  
1 3EW7 HIS A 218 ? UNP Q8Y8U8 ?   ?   'expression tag'      218 8  
1 3EW7 HIS A 219 ? UNP Q8Y8U8 ?   ?   'expression tag'      219 9  
1 3EW7 HIS A 220 ? UNP Q8Y8U8 ?   ?   'expression tag'      220 10 
1 3EW7 HIS A 221 ? UNP Q8Y8U8 ?   ?   'expression tag'      221 11 
# 
_pdbx_struct_assembly.id                   1 
_pdbx_struct_assembly.details              author_defined_assembly 
_pdbx_struct_assembly.method_details       ? 
_pdbx_struct_assembly.oligomeric_details   monomeric 
_pdbx_struct_assembly.oligomeric_count     1 
# 
_pdbx_struct_assembly_gen.assembly_id       1 
_pdbx_struct_assembly_gen.oper_expression   1 
_pdbx_struct_assembly_gen.asym_id_list      A,B 
# 
_pdbx_struct_oper_list.id                   1 
_pdbx_struct_oper_list.type                 'identity operation' 
_pdbx_struct_oper_list.name                 1_555 
_pdbx_struct_oper_list.symmetry_operation   x,y,z 
_pdbx_struct_oper_list.matrix[1][1]         1.0000000000 
_pdbx_struct_oper_list.matrix[1][2]         0.0000000000 
_pdbx_struct_oper_list.matrix[1][3]         0.0000000000 
_pdbx_struct_oper_list.vector[1]            0.0000000000 
_pdbx_struct_oper_list.matrix[2][1]         0.0000000000 
_pdbx_struct_oper_list.matrix[2][2]         1.0000000000 
_pdbx_struct_oper_list.matrix[2][3]         0.0000000000 
_pdbx_struct_oper_list.vector[2]            0.0000000000 
_pdbx_struct_oper_list.matrix[3][1]         0.0000000000 
_pdbx_struct_oper_list.matrix[3][2]         0.0000000000 
_pdbx_struct_oper_list.matrix[3][3]         1.0000000000 
_pdbx_struct_oper_list.vector[3]            0.0000000000 
# 
loop_
_struct_conf.conf_type_id 
_struct_conf.id 
_struct_conf.pdbx_PDB_helix_id 
_struct_conf.beg_label_comp_id 
_struct_conf.beg_label_asym_id 
_struct_conf.beg_label_seq_id 
_struct_conf.pdbx_beg_PDB_ins_code 
_struct_conf.end_label_comp_id 
_struct_conf.end_label_asym_id 
_struct_conf.end_label_seq_id 
_struct_conf.pdbx_end_PDB_ins_code 
_struct_conf.beg_auth_comp_id 
_struct_conf.beg_auth_asym_id 
_struct_conf.beg_auth_seq_id 
_struct_conf.end_auth_comp_id 
_struct_conf.end_auth_asym_id 
_struct_conf.end_auth_seq_id 
_struct_conf.pdbx_PDB_helix_class 
_struct_conf.details 
_struct_conf.pdbx_PDB_helix_length 
HELX_P HELX_P1 1 GLY A 10  ? ARG A 23  ? GLY A 10  ARG A 23  1 ? 14 
HELX_P HELX_P2 2 ALA A 34  ? HIS A 41  ? ALA A 34  HIS A 41  1 ? 8  
HELX_P HELX_P3 3 ASP A 50  ? LEU A 54  ? ASP A 50  LEU A 54  5 ? 5  
HELX_P HELX_P4 4 THR A 55  ? SER A 60  ? THR A 55  SER A 60  1 ? 6  
HELX_P HELX_P5 5 LYS A 78  ? ASN A 91  ? LYS A 78  ASN A 91  1 ? 14 
HELX_P HELX_P6 6 THR A 130 ? SER A 143 ? THR A 130 SER A 143 1 ? 14 
HELX_P HELX_P7 7 SER A 186 ? ARG A 200 ? SER A 186 ARG A 200 1 ? 15 
# 
_struct_conf_type.id          HELX_P 
_struct_conf_type.criteria    ? 
_struct_conf_type.reference   ? 
# 
loop_
_struct_conn.id 
_struct_conn.conn_type_id 
_struct_conn.pdbx_leaving_atom_flag 
_struct_conn.pdbx_PDB_id 
_struct_conn.ptnr1_label_asym_id 
_struct_conn.ptnr1_label_comp_id 
_struct_conn.ptnr1_label_seq_id 
_struct_conn.ptnr1_label_atom_id 
_struct_conn.pdbx_ptnr1_label_alt_id 
_struct_conn.pdbx_ptnr1_PDB_ins_code 
_struct_conn.pdbx_ptnr1_standard_comp_id 
_struct_conn.ptnr1_symmetry 
_struct_conn.ptnr2_label_asym_id 
_struct_conn.ptnr2_label_comp_id 
_struct_conn.ptnr2_label_seq_id 
_struct_conn.ptnr2_label_atom_id 
_struct_conn.pdbx_ptnr2_label_alt_id 
_struct_conn.pdbx_ptnr2_PDB_ins_code 
_struct_conn.ptnr1_auth_asym_id 
_struct_conn.ptnr1_auth_comp_id 
_struct_conn.ptnr1_auth_seq_id 
_struct_conn.ptnr2_auth_asym_id 
_struct_conn.ptnr2_auth_comp_id 
_struct_conn.ptnr2_auth_seq_id 
_struct_conn.ptnr2_symmetry 
_struct_conn.pdbx_ptnr3_label_atom_id 
_struct_conn.pdbx_ptnr3_label_seq_id 
_struct_conn.pdbx_ptnr3_label_comp_id 
_struct_conn.pdbx_ptnr3_label_asym_id 
_struct_conn.pdbx_ptnr3_label_alt_id 
_struct_conn.pdbx_ptnr3_PDB_ins_code 
_struct_conn.details 
_struct_conn.pdbx_dist_value 
_struct_conn.pdbx_value_order 
_struct_conn.pdbx_role 
covale1 covale both ? A MSE 1   C ? ? ? 1_555 A LYS 2   N ? ? A MSE 1   A LYS 2   1_555 ? ? ? ? ? ? ? 1.331 ? ? 
covale2 covale both ? A ALA 157 C ? ? ? 1_555 A MSE 158 N ? ? A ALA 157 A MSE 158 1_555 ? ? ? ? ? ? ? 1.335 ? ? 
covale3 covale both ? A MSE 158 C ? ? ? 1_555 A PHE 159 N ? ? A MSE 158 A PHE 159 1_555 ? ? ? ? ? ? ? 1.331 ? ? 
covale4 covale both ? A SER 186 C ? ? ? 1_555 A MSE 187 N ? ? A SER 186 A MSE 187 1_555 ? ? ? ? ? ? ? 1.328 ? ? 
covale5 covale both ? A MSE 187 C ? ? ? 1_555 A GLU 188 N ? ? A MSE 187 A GLU 188 1_555 ? ? ? ? ? ? ? 1.327 ? ? 
# 
_struct_conn_type.id          covale 
_struct_conn_type.criteria    ? 
_struct_conn_type.reference   ? 
# 
loop_
_pdbx_modification_feature.ordinal 
_pdbx_modification_feature.label_comp_id 
_pdbx_modification_feature.label_asym_id 
_pdbx_modification_feature.label_seq_id 
_pdbx_modification_feature.label_alt_id 
_pdbx_modification_feature.modified_residue_label_comp_id 
_pdbx_modification_feature.modified_residue_label_asym_id 
_pdbx_modification_feature.modified_residue_label_seq_id 
_pdbx_modification_feature.modified_residue_label_alt_id 
_pdbx_modification_feature.auth_comp_id 
_pdbx_modification_feature.auth_asym_id 
_pdbx_modification_feature.auth_seq_id 
_pdbx_modification_feature.PDB_ins_code 
_pdbx_modification_feature.symmetry 
_pdbx_modification_feature.modified_residue_auth_comp_id 
_pdbx_modification_feature.modified_residue_auth_asym_id 
_pdbx_modification_feature.modified_residue_auth_seq_id 
_pdbx_modification_feature.modified_residue_PDB_ins_code 
_pdbx_modification_feature.modified_residue_symmetry 
_pdbx_modification_feature.comp_id_linking_atom 
_pdbx_modification_feature.modified_residue_id_linking_atom 
_pdbx_modification_feature.modified_residue_id 
_pdbx_modification_feature.ref_pcm_id 
_pdbx_modification_feature.ref_comp_id 
_pdbx_modification_feature.type 
_pdbx_modification_feature.category 
1 MSE A 1   ? . . . . MSE A 1   ? 1_555 . . . . . . . MET 1 MSE Selenomethionine 'Named protein modification' 
2 MSE A 158 ? . . . . MSE A 158 ? 1_555 . . . . . . . MET 1 MSE Selenomethionine 'Named protein modification' 
3 MSE A 187 ? . . . . MSE A 187 ? 1_555 . . . . . . . MET 1 MSE Selenomethionine 'Named protein modification' 
# 
_struct_sheet.id               A 
_struct_sheet.type             ? 
_struct_sheet.number_strands   7 
_struct_sheet.details          ? 
# 
loop_
_struct_sheet_order.sheet_id 
_struct_sheet_order.range_id_1 
_struct_sheet_order.range_id_2 
_struct_sheet_order.offset 
_struct_sheet_order.sense 
A 1 2 ? parallel 
A 2 3 ? parallel 
A 3 4 ? parallel 
A 4 5 ? parallel 
A 5 6 ? parallel 
A 6 7 ? parallel 
# 
loop_
_struct_sheet_range.sheet_id 
_struct_sheet_range.id 
_struct_sheet_range.beg_label_comp_id 
_struct_sheet_range.beg_label_asym_id 
_struct_sheet_range.beg_label_seq_id 
_struct_sheet_range.pdbx_beg_PDB_ins_code 
_struct_sheet_range.end_label_comp_id 
_struct_sheet_range.end_label_asym_id 
_struct_sheet_range.end_label_seq_id 
_struct_sheet_range.pdbx_end_PDB_ins_code 
_struct_sheet_range.beg_auth_comp_id 
_struct_sheet_range.beg_auth_asym_id 
_struct_sheet_range.beg_auth_seq_id 
_struct_sheet_range.end_auth_comp_id 
_struct_sheet_range.end_auth_asym_id 
_struct_sheet_range.end_auth_seq_id 
A 1 ASN A 45  ? GLN A 48  ? ASN A 45  GLN A 48  
A 2 GLU A 26  ? VAL A 31  ? GLU A 26  VAL A 31  
A 3 LYS A 2   ? ILE A 6   ? LYS A 2   ILE A 6   
A 4 VAL A 64  ? ASP A 67  ? VAL A 64  ASP A 67  
A 5 ARG A 97  ? VAL A 101 ? ARG A 97  VAL A 101 
A 6 TRP A 150 ? SER A 154 ? TRP A 150 SER A 154 
A 7 HIS A 207 ? THR A 209 ? HIS A 207 THR A 209 
# 
loop_
_pdbx_struct_sheet_hbond.sheet_id 
_pdbx_struct_sheet_hbond.range_id_1 
_pdbx_struct_sheet_hbond.range_id_2 
_pdbx_struct_sheet_hbond.range_1_label_atom_id 
_pdbx_struct_sheet_hbond.range_1_label_comp_id 
_pdbx_struct_sheet_hbond.range_1_label_asym_id 
_pdbx_struct_sheet_hbond.range_1_label_seq_id 
_pdbx_struct_sheet_hbond.range_1_PDB_ins_code 
_pdbx_struct_sheet_hbond.range_1_auth_atom_id 
_pdbx_struct_sheet_hbond.range_1_auth_comp_id 
_pdbx_struct_sheet_hbond.range_1_auth_asym_id 
_pdbx_struct_sheet_hbond.range_1_auth_seq_id 
_pdbx_struct_sheet_hbond.range_2_label_atom_id 
_pdbx_struct_sheet_hbond.range_2_label_comp_id 
_pdbx_struct_sheet_hbond.range_2_label_asym_id 
_pdbx_struct_sheet_hbond.range_2_label_seq_id 
_pdbx_struct_sheet_hbond.range_2_PDB_ins_code 
_pdbx_struct_sheet_hbond.range_2_auth_atom_id 
_pdbx_struct_sheet_hbond.range_2_auth_comp_id 
_pdbx_struct_sheet_hbond.range_2_auth_asym_id 
_pdbx_struct_sheet_hbond.range_2_auth_seq_id 
A 1 2 O ASN A 45  ? O ASN A 45  N ALA A 29  ? N ALA A 29  
A 2 3 O THR A 28  ? O THR A 28  N ILE A 5   ? N ILE A 5   
A 3 4 N GLY A 4   ? N GLY A 4   O VAL A 66  ? O VAL A 66  
A 4 5 N ASP A 67  ? N ASP A 67  O LEU A 99  ? O LEU A 99  
A 5 6 N VAL A 100 ? N VAL A 100 O THR A 151 ? O THR A 151 
A 6 7 N SER A 154 ? N SER A 154 O PHE A 208 ? O PHE A 208 
# 
_pdbx_entry_details.entry_id                   3EW7 
_pdbx_entry_details.compound_details           ? 
_pdbx_entry_details.source_details             ? 
_pdbx_entry_details.nonpolymer_details         ? 
_pdbx_entry_details.sequence_details           ? 
_pdbx_entry_details.has_ligand_of_interest     ? 
_pdbx_entry_details.has_protein_modification   Y 
# 
loop_
_pdbx_validate_torsion.id 
_pdbx_validate_torsion.PDB_model_num 
_pdbx_validate_torsion.auth_comp_id 
_pdbx_validate_torsion.auth_asym_id 
_pdbx_validate_torsion.auth_seq_id 
_pdbx_validate_torsion.PDB_ins_code 
_pdbx_validate_torsion.label_alt_id 
_pdbx_validate_torsion.phi 
_pdbx_validate_torsion.psi 
1 1 ALA A 8   ? ? -66.78  13.16   
2 1 SER A 60  ? ? -69.87  3.76    
3 1 ALA A 68  ? ? -114.26 59.66   
4 1 SER A 95  ? ? -40.53  -72.93  
5 1 ALA A 104 ? ? -31.83  120.23  
6 1 ALA A 157 ? ? -120.90 -77.00  
7 1 MSE A 158 ? ? -177.61 140.17  
8 1 PRO A 161 ? ? -38.54  122.92  
9 1 ALA A 211 ? ? -105.77 -131.43 
# 
_pdbx_SG_project.id                    1 
_pdbx_SG_project.project_name          'PSI, Protein Structure Initiative' 
_pdbx_SG_project.full_name_of_center   'Northeast Structural Genomics Consortium' 
_pdbx_SG_project.initial_of_center     NESG 
# 
loop_
_pdbx_struct_mod_residue.id 
_pdbx_struct_mod_residue.label_asym_id 
_pdbx_struct_mod_residue.label_comp_id 
_pdbx_struct_mod_residue.label_seq_id 
_pdbx_struct_mod_residue.auth_asym_id 
_pdbx_struct_mod_residue.auth_comp_id 
_pdbx_struct_mod_residue.auth_seq_id 
_pdbx_struct_mod_residue.PDB_ins_code 
_pdbx_struct_mod_residue.parent_comp_id 
_pdbx_struct_mod_residue.details 
1 A MSE 1   A MSE 1   ? MET SELENOMETHIONINE 
2 A MSE 158 A MSE 158 ? MET SELENOMETHIONINE 
3 A MSE 187 A MSE 187 ? MET SELENOMETHIONINE 
# 
loop_
_pdbx_unobs_or_zero_occ_residues.id 
_pdbx_unobs_or_zero_occ_residues.PDB_model_num 
_pdbx_unobs_or_zero_occ_residues.polymer_flag 
_pdbx_unobs_or_zero_occ_residues.occupancy_flag 
_pdbx_unobs_or_zero_occ_residues.auth_asym_id 
_pdbx_unobs_or_zero_occ_residues.auth_comp_id 
_pdbx_unobs_or_zero_occ_residues.auth_seq_id 
_pdbx_unobs_or_zero_occ_residues.PDB_ins_code 
_pdbx_unobs_or_zero_occ_residues.label_asym_id 
_pdbx_unobs_or_zero_occ_residues.label_comp_id 
_pdbx_unobs_or_zero_occ_residues.label_seq_id 
1  1 Y 1 A SER 106 ? A SER 106 
2  1 Y 1 A LEU 107 ? A LEU 107 
3  1 Y 1 A GLN 108 ? A GLN 108 
4  1 Y 1 A ILE 109 ? A ILE 109 
5  1 Y 1 A ASP 110 ? A ASP 110 
6  1 Y 1 A GLU 111 ? A GLU 111 
7  1 Y 1 A ASP 112 ? A ASP 112 
8  1 Y 1 A GLY 113 ? A GLY 113 
9  1 Y 1 A ASN 114 ? A ASN 114 
10 1 Y 1 A THR 115 ? A THR 115 
11 1 Y 1 A LEU 116 ? A LEU 116 
12 1 Y 1 A LEU 117 ? A LEU 117 
13 1 Y 1 A GLU 118 ? A GLU 118 
14 1 Y 1 A SER 119 ? A SER 119 
15 1 Y 1 A LYS 120 ? A LYS 120 
16 1 Y 1 A GLY 121 ? A GLY 121 
17 1 Y 1 A LEU 122 ? A LEU 122 
18 1 Y 1 A ARG 123 ? A ARG 123 
19 1 Y 1 A GLU 124 ? A GLU 124 
20 1 Y 1 A GLU 163 ? A GLU 163 
21 1 Y 1 A ARG 164 ? A ARG 164 
22 1 Y 1 A THR 165 ? A THR 165 
23 1 Y 1 A GLY 166 ? A GLY 166 
24 1 Y 1 A ASP 167 ? A ASP 167 
25 1 Y 1 A TYR 168 ? A TYR 168 
26 1 Y 1 A GLN 169 ? A GLN 169 
27 1 Y 1 A ILE 170 ? A ILE 170 
28 1 Y 1 A GLY 171 ? A GLY 171 
29 1 Y 1 A LYS 172 ? A LYS 172 
30 1 Y 1 A ASP 173 ? A ASP 173 
31 1 Y 1 A HIS 174 ? A HIS 174 
32 1 Y 1 A LEU 175 ? A LEU 175 
33 1 Y 1 A LEU 176 ? A LEU 176 
34 1 Y 1 A PHE 177 ? A PHE 177 
35 1 Y 1 A GLY 178 ? A GLY 178 
36 1 Y 1 A SER 179 ? A SER 179 
37 1 Y 1 A ASP 180 ? A ASP 180 
38 1 Y 1 A GLY 181 ? A GLY 181 
39 1 Y 1 A ASN 182 ? A ASN 182 
40 1 Y 1 A SER 183 ? A SER 183 
41 1 Y 1 A LYS 213 ? A LYS 213 
42 1 Y 1 A LEU 214 ? A LEU 214 
43 1 Y 1 A GLU 215 ? A GLU 215 
44 1 Y 1 A HIS 216 ? A HIS 216 
45 1 Y 1 A HIS 217 ? A HIS 217 
46 1 Y 1 A HIS 218 ? A HIS 218 
47 1 Y 1 A HIS 219 ? A HIS 219 
48 1 Y 1 A HIS 220 ? A HIS 220 
49 1 Y 1 A HIS 221 ? A HIS 221 
# 
loop_
_chem_comp_atom.comp_id 
_chem_comp_atom.atom_id 
_chem_comp_atom.type_symbol 
_chem_comp_atom.pdbx_aromatic_flag 
_chem_comp_atom.pdbx_stereo_config 
_chem_comp_atom.pdbx_ordinal 
ALA N    N  N N 1   
ALA CA   C  N S 2   
ALA C    C  N N 3   
ALA O    O  N N 4   
ALA CB   C  N N 5   
ALA OXT  O  N N 6   
ALA H    H  N N 7   
ALA H2   H  N N 8   
ALA HA   H  N N 9   
ALA HB1  H  N N 10  
ALA HB2  H  N N 11  
ALA HB3  H  N N 12  
ALA HXT  H  N N 13  
ARG N    N  N N 14  
ARG CA   C  N S 15  
ARG C    C  N N 16  
ARG O    O  N N 17  
ARG CB   C  N N 18  
ARG CG   C  N N 19  
ARG CD   C  N N 20  
ARG NE   N  N N 21  
ARG CZ   C  N N 22  
ARG NH1  N  N N 23  
ARG NH2  N  N N 24  
ARG OXT  O  N N 25  
ARG H    H  N N 26  
ARG H2   H  N N 27  
ARG HA   H  N N 28  
ARG HB2  H  N N 29  
ARG HB3  H  N N 30  
ARG HG2  H  N N 31  
ARG HG3  H  N N 32  
ARG HD2  H  N N 33  
ARG HD3  H  N N 34  
ARG HE   H  N N 35  
ARG HH11 H  N N 36  
ARG HH12 H  N N 37  
ARG HH21 H  N N 38  
ARG HH22 H  N N 39  
ARG HXT  H  N N 40  
ASN N    N  N N 41  
ASN CA   C  N S 42  
ASN C    C  N N 43  
ASN O    O  N N 44  
ASN CB   C  N N 45  
ASN CG   C  N N 46  
ASN OD1  O  N N 47  
ASN ND2  N  N N 48  
ASN OXT  O  N N 49  
ASN H    H  N N 50  
ASN H2   H  N N 51  
ASN HA   H  N N 52  
ASN HB2  H  N N 53  
ASN HB3  H  N N 54  
ASN HD21 H  N N 55  
ASN HD22 H  N N 56  
ASN HXT  H  N N 57  
ASP N    N  N N 58  
ASP CA   C  N S 59  
ASP C    C  N N 60  
ASP O    O  N N 61  
ASP CB   C  N N 62  
ASP CG   C  N N 63  
ASP OD1  O  N N 64  
ASP OD2  O  N N 65  
ASP OXT  O  N N 66  
ASP H    H  N N 67  
ASP H2   H  N N 68  
ASP HA   H  N N 69  
ASP HB2  H  N N 70  
ASP HB3  H  N N 71  
ASP HD2  H  N N 72  
ASP HXT  H  N N 73  
GLN N    N  N N 74  
GLN CA   C  N S 75  
GLN C    C  N N 76  
GLN O    O  N N 77  
GLN CB   C  N N 78  
GLN CG   C  N N 79  
GLN CD   C  N N 80  
GLN OE1  O  N N 81  
GLN NE2  N  N N 82  
GLN OXT  O  N N 83  
GLN H    H  N N 84  
GLN H2   H  N N 85  
GLN HA   H  N N 86  
GLN HB2  H  N N 87  
GLN HB3  H  N N 88  
GLN HG2  H  N N 89  
GLN HG3  H  N N 90  
GLN HE21 H  N N 91  
GLN HE22 H  N N 92  
GLN HXT  H  N N 93  
GLU N    N  N N 94  
GLU CA   C  N S 95  
GLU C    C  N N 96  
GLU O    O  N N 97  
GLU CB   C  N N 98  
GLU CG   C  N N 99  
GLU CD   C  N N 100 
GLU OE1  O  N N 101 
GLU OE2  O  N N 102 
GLU OXT  O  N N 103 
GLU H    H  N N 104 
GLU H2   H  N N 105 
GLU HA   H  N N 106 
GLU HB2  H  N N 107 
GLU HB3  H  N N 108 
GLU HG2  H  N N 109 
GLU HG3  H  N N 110 
GLU HE2  H  N N 111 
GLU HXT  H  N N 112 
GLY N    N  N N 113 
GLY CA   C  N N 114 
GLY C    C  N N 115 
GLY O    O  N N 116 
GLY OXT  O  N N 117 
GLY H    H  N N 118 
GLY H2   H  N N 119 
GLY HA2  H  N N 120 
GLY HA3  H  N N 121 
GLY HXT  H  N N 122 
HIS N    N  N N 123 
HIS CA   C  N S 124 
HIS C    C  N N 125 
HIS O    O  N N 126 
HIS CB   C  N N 127 
HIS CG   C  Y N 128 
HIS ND1  N  Y N 129 
HIS CD2  C  Y N 130 
HIS CE1  C  Y N 131 
HIS NE2  N  Y N 132 
HIS OXT  O  N N 133 
HIS H    H  N N 134 
HIS H2   H  N N 135 
HIS HA   H  N N 136 
HIS HB2  H  N N 137 
HIS HB3  H  N N 138 
HIS HD1  H  N N 139 
HIS HD2  H  N N 140 
HIS HE1  H  N N 141 
HIS HE2  H  N N 142 
HIS HXT  H  N N 143 
HOH O    O  N N 144 
HOH H1   H  N N 145 
HOH H2   H  N N 146 
ILE N    N  N N 147 
ILE CA   C  N S 148 
ILE C    C  N N 149 
ILE O    O  N N 150 
ILE CB   C  N S 151 
ILE CG1  C  N N 152 
ILE CG2  C  N N 153 
ILE CD1  C  N N 154 
ILE OXT  O  N N 155 
ILE H    H  N N 156 
ILE H2   H  N N 157 
ILE HA   H  N N 158 
ILE HB   H  N N 159 
ILE HG12 H  N N 160 
ILE HG13 H  N N 161 
ILE HG21 H  N N 162 
ILE HG22 H  N N 163 
ILE HG23 H  N N 164 
ILE HD11 H  N N 165 
ILE HD12 H  N N 166 
ILE HD13 H  N N 167 
ILE HXT  H  N N 168 
LEU N    N  N N 169 
LEU CA   C  N S 170 
LEU C    C  N N 171 
LEU O    O  N N 172 
LEU CB   C  N N 173 
LEU CG   C  N N 174 
LEU CD1  C  N N 175 
LEU CD2  C  N N 176 
LEU OXT  O  N N 177 
LEU H    H  N N 178 
LEU H2   H  N N 179 
LEU HA   H  N N 180 
LEU HB2  H  N N 181 
LEU HB3  H  N N 182 
LEU HG   H  N N 183 
LEU HD11 H  N N 184 
LEU HD12 H  N N 185 
LEU HD13 H  N N 186 
LEU HD21 H  N N 187 
LEU HD22 H  N N 188 
LEU HD23 H  N N 189 
LEU HXT  H  N N 190 
LYS N    N  N N 191 
LYS CA   C  N S 192 
LYS C    C  N N 193 
LYS O    O  N N 194 
LYS CB   C  N N 195 
LYS CG   C  N N 196 
LYS CD   C  N N 197 
LYS CE   C  N N 198 
LYS NZ   N  N N 199 
LYS OXT  O  N N 200 
LYS H    H  N N 201 
LYS H2   H  N N 202 
LYS HA   H  N N 203 
LYS HB2  H  N N 204 
LYS HB3  H  N N 205 
LYS HG2  H  N N 206 
LYS HG3  H  N N 207 
LYS HD2  H  N N 208 
LYS HD3  H  N N 209 
LYS HE2  H  N N 210 
LYS HE3  H  N N 211 
LYS HZ1  H  N N 212 
LYS HZ2  H  N N 213 
LYS HZ3  H  N N 214 
LYS HXT  H  N N 215 
MSE N    N  N N 216 
MSE CA   C  N S 217 
MSE C    C  N N 218 
MSE O    O  N N 219 
MSE OXT  O  N N 220 
MSE CB   C  N N 221 
MSE CG   C  N N 222 
MSE SE   SE N N 223 
MSE CE   C  N N 224 
MSE H    H  N N 225 
MSE H2   H  N N 226 
MSE HA   H  N N 227 
MSE HXT  H  N N 228 
MSE HB2  H  N N 229 
MSE HB3  H  N N 230 
MSE HG2  H  N N 231 
MSE HG3  H  N N 232 
MSE HE1  H  N N 233 
MSE HE2  H  N N 234 
MSE HE3  H  N N 235 
PHE N    N  N N 236 
PHE CA   C  N S 237 
PHE C    C  N N 238 
PHE O    O  N N 239 
PHE CB   C  N N 240 
PHE CG   C  Y N 241 
PHE CD1  C  Y N 242 
PHE CD2  C  Y N 243 
PHE CE1  C  Y N 244 
PHE CE2  C  Y N 245 
PHE CZ   C  Y N 246 
PHE OXT  O  N N 247 
PHE H    H  N N 248 
PHE H2   H  N N 249 
PHE HA   H  N N 250 
PHE HB2  H  N N 251 
PHE HB3  H  N N 252 
PHE HD1  H  N N 253 
PHE HD2  H  N N 254 
PHE HE1  H  N N 255 
PHE HE2  H  N N 256 
PHE HZ   H  N N 257 
PHE HXT  H  N N 258 
PRO N    N  N N 259 
PRO CA   C  N S 260 
PRO C    C  N N 261 
PRO O    O  N N 262 
PRO CB   C  N N 263 
PRO CG   C  N N 264 
PRO CD   C  N N 265 
PRO OXT  O  N N 266 
PRO H    H  N N 267 
PRO HA   H  N N 268 
PRO HB2  H  N N 269 
PRO HB3  H  N N 270 
PRO HG2  H  N N 271 
PRO HG3  H  N N 272 
PRO HD2  H  N N 273 
PRO HD3  H  N N 274 
PRO HXT  H  N N 275 
SER N    N  N N 276 
SER CA   C  N S 277 
SER C    C  N N 278 
SER O    O  N N 279 
SER CB   C  N N 280 
SER OG   O  N N 281 
SER OXT  O  N N 282 
SER H    H  N N 283 
SER H2   H  N N 284 
SER HA   H  N N 285 
SER HB2  H  N N 286 
SER HB3  H  N N 287 
SER HG   H  N N 288 
SER HXT  H  N N 289 
THR N    N  N N 290 
THR CA   C  N S 291 
THR C    C  N N 292 
THR O    O  N N 293 
THR CB   C  N R 294 
THR OG1  O  N N 295 
THR CG2  C  N N 296 
THR OXT  O  N N 297 
THR H    H  N N 298 
THR H2   H  N N 299 
THR HA   H  N N 300 
THR HB   H  N N 301 
THR HG1  H  N N 302 
THR HG21 H  N N 303 
THR HG22 H  N N 304 
THR HG23 H  N N 305 
THR HXT  H  N N 306 
TRP N    N  N N 307 
TRP CA   C  N S 308 
TRP C    C  N N 309 
TRP O    O  N N 310 
TRP CB   C  N N 311 
TRP CG   C  Y N 312 
TRP CD1  C  Y N 313 
TRP CD2  C  Y N 314 
TRP NE1  N  Y N 315 
TRP CE2  C  Y N 316 
TRP CE3  C  Y N 317 
TRP CZ2  C  Y N 318 
TRP CZ3  C  Y N 319 
TRP CH2  C  Y N 320 
TRP OXT  O  N N 321 
TRP H    H  N N 322 
TRP H2   H  N N 323 
TRP HA   H  N N 324 
TRP HB2  H  N N 325 
TRP HB3  H  N N 326 
TRP HD1  H  N N 327 
TRP HE1  H  N N 328 
TRP HE3  H  N N 329 
TRP HZ2  H  N N 330 
TRP HZ3  H  N N 331 
TRP HH2  H  N N 332 
TRP HXT  H  N N 333 
TYR N    N  N N 334 
TYR CA   C  N S 335 
TYR C    C  N N 336 
TYR O    O  N N 337 
TYR CB   C  N N 338 
TYR CG   C  Y N 339 
TYR CD1  C  Y N 340 
TYR CD2  C  Y N 341 
TYR CE1  C  Y N 342 
TYR CE2  C  Y N 343 
TYR CZ   C  Y N 344 
TYR OH   O  N N 345 
TYR OXT  O  N N 346 
TYR H    H  N N 347 
TYR H2   H  N N 348 
TYR HA   H  N N 349 
TYR HB2  H  N N 350 
TYR HB3  H  N N 351 
TYR HD1  H  N N 352 
TYR HD2  H  N N 353 
TYR HE1  H  N N 354 
TYR HE2  H  N N 355 
TYR HH   H  N N 356 
TYR HXT  H  N N 357 
VAL N    N  N N 358 
VAL CA   C  N S 359 
VAL C    C  N N 360 
VAL O    O  N N 361 
VAL CB   C  N N 362 
VAL CG1  C  N N 363 
VAL CG2  C  N N 364 
VAL OXT  O  N N 365 
VAL H    H  N N 366 
VAL H2   H  N N 367 
VAL HA   H  N N 368 
VAL HB   H  N N 369 
VAL HG11 H  N N 370 
VAL HG12 H  N N 371 
VAL HG13 H  N N 372 
VAL HG21 H  N N 373 
VAL HG22 H  N N 374 
VAL HG23 H  N N 375 
VAL HXT  H  N N 376 
# 
loop_
_chem_comp_bond.comp_id 
_chem_comp_bond.atom_id_1 
_chem_comp_bond.atom_id_2 
_chem_comp_bond.value_order 
_chem_comp_bond.pdbx_aromatic_flag 
_chem_comp_bond.pdbx_stereo_config 
_chem_comp_bond.pdbx_ordinal 
ALA N   CA   sing N N 1   
ALA N   H    sing N N 2   
ALA N   H2   sing N N 3   
ALA CA  C    sing N N 4   
ALA CA  CB   sing N N 5   
ALA CA  HA   sing N N 6   
ALA C   O    doub N N 7   
ALA C   OXT  sing N N 8   
ALA CB  HB1  sing N N 9   
ALA CB  HB2  sing N N 10  
ALA CB  HB3  sing N N 11  
ALA OXT HXT  sing N N 12  
ARG N   CA   sing N N 13  
ARG N   H    sing N N 14  
ARG N   H2   sing N N 15  
ARG CA  C    sing N N 16  
ARG CA  CB   sing N N 17  
ARG CA  HA   sing N N 18  
ARG C   O    doub N N 19  
ARG C   OXT  sing N N 20  
ARG CB  CG   sing N N 21  
ARG CB  HB2  sing N N 22  
ARG CB  HB3  sing N N 23  
ARG CG  CD   sing N N 24  
ARG CG  HG2  sing N N 25  
ARG CG  HG3  sing N N 26  
ARG CD  NE   sing N N 27  
ARG CD  HD2  sing N N 28  
ARG CD  HD3  sing N N 29  
ARG NE  CZ   sing N N 30  
ARG NE  HE   sing N N 31  
ARG CZ  NH1  sing N N 32  
ARG CZ  NH2  doub N N 33  
ARG NH1 HH11 sing N N 34  
ARG NH1 HH12 sing N N 35  
ARG NH2 HH21 sing N N 36  
ARG NH2 HH22 sing N N 37  
ARG OXT HXT  sing N N 38  
ASN N   CA   sing N N 39  
ASN N   H    sing N N 40  
ASN N   H2   sing N N 41  
ASN CA  C    sing N N 42  
ASN CA  CB   sing N N 43  
ASN CA  HA   sing N N 44  
ASN C   O    doub N N 45  
ASN C   OXT  sing N N 46  
ASN CB  CG   sing N N 47  
ASN CB  HB2  sing N N 48  
ASN CB  HB3  sing N N 49  
ASN CG  OD1  doub N N 50  
ASN CG  ND2  sing N N 51  
ASN ND2 HD21 sing N N 52  
ASN ND2 HD22 sing N N 53  
ASN OXT HXT  sing N N 54  
ASP N   CA   sing N N 55  
ASP N   H    sing N N 56  
ASP N   H2   sing N N 57  
ASP CA  C    sing N N 58  
ASP CA  CB   sing N N 59  
ASP CA  HA   sing N N 60  
ASP C   O    doub N N 61  
ASP C   OXT  sing N N 62  
ASP CB  CG   sing N N 63  
ASP CB  HB2  sing N N 64  
ASP CB  HB3  sing N N 65  
ASP CG  OD1  doub N N 66  
ASP CG  OD2  sing N N 67  
ASP OD2 HD2  sing N N 68  
ASP OXT HXT  sing N N 69  
GLN N   CA   sing N N 70  
GLN N   H    sing N N 71  
GLN N   H2   sing N N 72  
GLN CA  C    sing N N 73  
GLN CA  CB   sing N N 74  
GLN CA  HA   sing N N 75  
GLN C   O    doub N N 76  
GLN C   OXT  sing N N 77  
GLN CB  CG   sing N N 78  
GLN CB  HB2  sing N N 79  
GLN CB  HB3  sing N N 80  
GLN CG  CD   sing N N 81  
GLN CG  HG2  sing N N 82  
GLN CG  HG3  sing N N 83  
GLN CD  OE1  doub N N 84  
GLN CD  NE2  sing N N 85  
GLN NE2 HE21 sing N N 86  
GLN NE2 HE22 sing N N 87  
GLN OXT HXT  sing N N 88  
GLU N   CA   sing N N 89  
GLU N   H    sing N N 90  
GLU N   H2   sing N N 91  
GLU CA  C    sing N N 92  
GLU CA  CB   sing N N 93  
GLU CA  HA   sing N N 94  
GLU C   O    doub N N 95  
GLU C   OXT  sing N N 96  
GLU CB  CG   sing N N 97  
GLU CB  HB2  sing N N 98  
GLU CB  HB3  sing N N 99  
GLU CG  CD   sing N N 100 
GLU CG  HG2  sing N N 101 
GLU CG  HG3  sing N N 102 
GLU CD  OE1  doub N N 103 
GLU CD  OE2  sing N N 104 
GLU OE2 HE2  sing N N 105 
GLU OXT HXT  sing N N 106 
GLY N   CA   sing N N 107 
GLY N   H    sing N N 108 
GLY N   H2   sing N N 109 
GLY CA  C    sing N N 110 
GLY CA  HA2  sing N N 111 
GLY CA  HA3  sing N N 112 
GLY C   O    doub N N 113 
GLY C   OXT  sing N N 114 
GLY OXT HXT  sing N N 115 
HIS N   CA   sing N N 116 
HIS N   H    sing N N 117 
HIS N   H2   sing N N 118 
HIS CA  C    sing N N 119 
HIS CA  CB   sing N N 120 
HIS CA  HA   sing N N 121 
HIS C   O    doub N N 122 
HIS C   OXT  sing N N 123 
HIS CB  CG   sing N N 124 
HIS CB  HB2  sing N N 125 
HIS CB  HB3  sing N N 126 
HIS CG  ND1  sing Y N 127 
HIS CG  CD2  doub Y N 128 
HIS ND1 CE1  doub Y N 129 
HIS ND1 HD1  sing N N 130 
HIS CD2 NE2  sing Y N 131 
HIS CD2 HD2  sing N N 132 
HIS CE1 NE2  sing Y N 133 
HIS CE1 HE1  sing N N 134 
HIS NE2 HE2  sing N N 135 
HIS OXT HXT  sing N N 136 
HOH O   H1   sing N N 137 
HOH O   H2   sing N N 138 
ILE N   CA   sing N N 139 
ILE N   H    sing N N 140 
ILE N   H2   sing N N 141 
ILE CA  C    sing N N 142 
ILE CA  CB   sing N N 143 
ILE CA  HA   sing N N 144 
ILE C   O    doub N N 145 
ILE C   OXT  sing N N 146 
ILE CB  CG1  sing N N 147 
ILE CB  CG2  sing N N 148 
ILE CB  HB   sing N N 149 
ILE CG1 CD1  sing N N 150 
ILE CG1 HG12 sing N N 151 
ILE CG1 HG13 sing N N 152 
ILE CG2 HG21 sing N N 153 
ILE CG2 HG22 sing N N 154 
ILE CG2 HG23 sing N N 155 
ILE CD1 HD11 sing N N 156 
ILE CD1 HD12 sing N N 157 
ILE CD1 HD13 sing N N 158 
ILE OXT HXT  sing N N 159 
LEU N   CA   sing N N 160 
LEU N   H    sing N N 161 
LEU N   H2   sing N N 162 
LEU CA  C    sing N N 163 
LEU CA  CB   sing N N 164 
LEU CA  HA   sing N N 165 
LEU C   O    doub N N 166 
LEU C   OXT  sing N N 167 
LEU CB  CG   sing N N 168 
LEU CB  HB2  sing N N 169 
LEU CB  HB3  sing N N 170 
LEU CG  CD1  sing N N 171 
LEU CG  CD2  sing N N 172 
LEU CG  HG   sing N N 173 
LEU CD1 HD11 sing N N 174 
LEU CD1 HD12 sing N N 175 
LEU CD1 HD13 sing N N 176 
LEU CD2 HD21 sing N N 177 
LEU CD2 HD22 sing N N 178 
LEU CD2 HD23 sing N N 179 
LEU OXT HXT  sing N N 180 
LYS N   CA   sing N N 181 
LYS N   H    sing N N 182 
LYS N   H2   sing N N 183 
LYS CA  C    sing N N 184 
LYS CA  CB   sing N N 185 
LYS CA  HA   sing N N 186 
LYS C   O    doub N N 187 
LYS C   OXT  sing N N 188 
LYS CB  CG   sing N N 189 
LYS CB  HB2  sing N N 190 
LYS CB  HB3  sing N N 191 
LYS CG  CD   sing N N 192 
LYS CG  HG2  sing N N 193 
LYS CG  HG3  sing N N 194 
LYS CD  CE   sing N N 195 
LYS CD  HD2  sing N N 196 
LYS CD  HD3  sing N N 197 
LYS CE  NZ   sing N N 198 
LYS CE  HE2  sing N N 199 
LYS CE  HE3  sing N N 200 
LYS NZ  HZ1  sing N N 201 
LYS NZ  HZ2  sing N N 202 
LYS NZ  HZ3  sing N N 203 
LYS OXT HXT  sing N N 204 
MSE N   CA   sing N N 205 
MSE N   H    sing N N 206 
MSE N   H2   sing N N 207 
MSE CA  C    sing N N 208 
MSE CA  CB   sing N N 209 
MSE CA  HA   sing N N 210 
MSE C   O    doub N N 211 
MSE C   OXT  sing N N 212 
MSE OXT HXT  sing N N 213 
MSE CB  CG   sing N N 214 
MSE CB  HB2  sing N N 215 
MSE CB  HB3  sing N N 216 
MSE CG  SE   sing N N 217 
MSE CG  HG2  sing N N 218 
MSE CG  HG3  sing N N 219 
MSE SE  CE   sing N N 220 
MSE CE  HE1  sing N N 221 
MSE CE  HE2  sing N N 222 
MSE CE  HE3  sing N N 223 
PHE N   CA   sing N N 224 
PHE N   H    sing N N 225 
PHE N   H2   sing N N 226 
PHE CA  C    sing N N 227 
PHE CA  CB   sing N N 228 
PHE CA  HA   sing N N 229 
PHE C   O    doub N N 230 
PHE C   OXT  sing N N 231 
PHE CB  CG   sing N N 232 
PHE CB  HB2  sing N N 233 
PHE CB  HB3  sing N N 234 
PHE CG  CD1  doub Y N 235 
PHE CG  CD2  sing Y N 236 
PHE CD1 CE1  sing Y N 237 
PHE CD1 HD1  sing N N 238 
PHE CD2 CE2  doub Y N 239 
PHE CD2 HD2  sing N N 240 
PHE CE1 CZ   doub Y N 241 
PHE CE1 HE1  sing N N 242 
PHE CE2 CZ   sing Y N 243 
PHE CE2 HE2  sing N N 244 
PHE CZ  HZ   sing N N 245 
PHE OXT HXT  sing N N 246 
PRO N   CA   sing N N 247 
PRO N   CD   sing N N 248 
PRO N   H    sing N N 249 
PRO CA  C    sing N N 250 
PRO CA  CB   sing N N 251 
PRO CA  HA   sing N N 252 
PRO C   O    doub N N 253 
PRO C   OXT  sing N N 254 
PRO CB  CG   sing N N 255 
PRO CB  HB2  sing N N 256 
PRO CB  HB3  sing N N 257 
PRO CG  CD   sing N N 258 
PRO CG  HG2  sing N N 259 
PRO CG  HG3  sing N N 260 
PRO CD  HD2  sing N N 261 
PRO CD  HD3  sing N N 262 
PRO OXT HXT  sing N N 263 
SER N   CA   sing N N 264 
SER N   H    sing N N 265 
SER N   H2   sing N N 266 
SER CA  C    sing N N 267 
SER CA  CB   sing N N 268 
SER CA  HA   sing N N 269 
SER C   O    doub N N 270 
SER C   OXT  sing N N 271 
SER CB  OG   sing N N 272 
SER CB  HB2  sing N N 273 
SER CB  HB3  sing N N 274 
SER OG  HG   sing N N 275 
SER OXT HXT  sing N N 276 
THR N   CA   sing N N 277 
THR N   H    sing N N 278 
THR N   H2   sing N N 279 
THR CA  C    sing N N 280 
THR CA  CB   sing N N 281 
THR CA  HA   sing N N 282 
THR C   O    doub N N 283 
THR C   OXT  sing N N 284 
THR CB  OG1  sing N N 285 
THR CB  CG2  sing N N 286 
THR CB  HB   sing N N 287 
THR OG1 HG1  sing N N 288 
THR CG2 HG21 sing N N 289 
THR CG2 HG22 sing N N 290 
THR CG2 HG23 sing N N 291 
THR OXT HXT  sing N N 292 
TRP N   CA   sing N N 293 
TRP N   H    sing N N 294 
TRP N   H2   sing N N 295 
TRP CA  C    sing N N 296 
TRP CA  CB   sing N N 297 
TRP CA  HA   sing N N 298 
TRP C   O    doub N N 299 
TRP C   OXT  sing N N 300 
TRP CB  CG   sing N N 301 
TRP CB  HB2  sing N N 302 
TRP CB  HB3  sing N N 303 
TRP CG  CD1  doub Y N 304 
TRP CG  CD2  sing Y N 305 
TRP CD1 NE1  sing Y N 306 
TRP CD1 HD1  sing N N 307 
TRP CD2 CE2  doub Y N 308 
TRP CD2 CE3  sing Y N 309 
TRP NE1 CE2  sing Y N 310 
TRP NE1 HE1  sing N N 311 
TRP CE2 CZ2  sing Y N 312 
TRP CE3 CZ3  doub Y N 313 
TRP CE3 HE3  sing N N 314 
TRP CZ2 CH2  doub Y N 315 
TRP CZ2 HZ2  sing N N 316 
TRP CZ3 CH2  sing Y N 317 
TRP CZ3 HZ3  sing N N 318 
TRP CH2 HH2  sing N N 319 
TRP OXT HXT  sing N N 320 
TYR N   CA   sing N N 321 
TYR N   H    sing N N 322 
TYR N   H2   sing N N 323 
TYR CA  C    sing N N 324 
TYR CA  CB   sing N N 325 
TYR CA  HA   sing N N 326 
TYR C   O    doub N N 327 
TYR C   OXT  sing N N 328 
TYR CB  CG   sing N N 329 
TYR CB  HB2  sing N N 330 
TYR CB  HB3  sing N N 331 
TYR CG  CD1  doub Y N 332 
TYR CG  CD2  sing Y N 333 
TYR CD1 CE1  sing Y N 334 
TYR CD1 HD1  sing N N 335 
TYR CD2 CE2  doub Y N 336 
TYR CD2 HD2  sing N N 337 
TYR CE1 CZ   doub Y N 338 
TYR CE1 HE1  sing N N 339 
TYR CE2 CZ   sing Y N 340 
TYR CE2 HE2  sing N N 341 
TYR CZ  OH   sing N N 342 
TYR OH  HH   sing N N 343 
TYR OXT HXT  sing N N 344 
VAL N   CA   sing N N 345 
VAL N   H    sing N N 346 
VAL N   H2   sing N N 347 
VAL CA  C    sing N N 348 
VAL CA  CB   sing N N 349 
VAL CA  HA   sing N N 350 
VAL C   O    doub N N 351 
VAL C   OXT  sing N N 352 
VAL CB  CG1  sing N N 353 
VAL CB  CG2  sing N N 354 
VAL CB  HB   sing N N 355 
VAL CG1 HG11 sing N N 356 
VAL CG1 HG12 sing N N 357 
VAL CG1 HG13 sing N N 358 
VAL CG2 HG21 sing N N 359 
VAL CG2 HG22 sing N N 360 
VAL CG2 HG23 sing N N 361 
VAL OXT HXT  sing N N 362 
# 
_atom_sites.entry_id                    3EW7 
_atom_sites.fract_transf_matrix[1][1]   -0.01253834 
_atom_sites.fract_transf_matrix[1][2]   -0.00463992 
_atom_sites.fract_transf_matrix[1][3]   -0.00335806 
_atom_sites.fract_transf_matrix[2][1]   -0.00928609 
_atom_sites.fract_transf_matrix[2][2]   -0.00252549 
_atom_sites.fract_transf_matrix[2][3]   0.00986999 
_atom_sites.fract_transf_matrix[3][1]   -0.00357655 
_atom_sites.fract_transf_matrix[3][2]   0.01020951 
_atom_sites.fract_transf_matrix[3][3]   -0.00075261 
_atom_sites.fract_transf_vector[1]      0.772390 
_atom_sites.fract_transf_vector[2]      0.429236 
_atom_sites.fract_transf_vector[3]      0.183567 
# 
loop_
_atom_type.symbol 
C  
N  
O  
SE 
# 
loop_
_atom_site.group_PDB 
_atom_site.id 
_atom_site.type_symbol 
_atom_site.label_atom_id 
_atom_site.label_alt_id 
_atom_site.label_comp_id 
_atom_site.label_asym_id 
_atom_site.label_entity_id 
_atom_site.label_seq_id 
_atom_site.pdbx_PDB_ins_code 
_atom_site.Cartn_x 
_atom_site.Cartn_y 
_atom_site.Cartn_z 
_atom_site.occupancy 
_atom_site.B_iso_or_equiv 
_atom_site.pdbx_formal_charge 
_atom_site.auth_seq_id 
_atom_site.auth_comp_id 
_atom_site.auth_asym_id 
_atom_site.auth_atom_id 
_atom_site.pdbx_PDB_model_num 
HETATM 1    N  N   . MSE A 1 1   ? -1.203  -9.838  -13.695 1.00 68.10 ? 1   MSE A N   1 
HETATM 2    C  CA  . MSE A 1 1   ? -2.163  -9.012  -12.908 1.00 67.23 ? 1   MSE A CA  1 
HETATM 3    C  C   . MSE A 1 1   ? -1.593  -7.611  -12.725 1.00 65.17 ? 1   MSE A C   1 
HETATM 4    O  O   . MSE A 1 1   ? -0.400  -7.450  -12.475 1.00 64.81 ? 1   MSE A O   1 
HETATM 5    C  CB  . MSE A 1 1   ? -2.393  -9.641  -11.544 1.00 70.80 ? 1   MSE A CB  1 
HETATM 6    C  CG  . MSE A 1 1   ? -3.754  -9.368  -10.958 1.00 76.76 ? 1   MSE A CG  1 
HETATM 7    SE SE  . MSE A 1 1   ? -3.822  -9.653  -9.041  1.00 85.28 ? 1   MSE A SE  1 
HETATM 8    C  CE  . MSE A 1 1   ? -3.841  -7.790  -8.582  1.00 81.62 ? 1   MSE A CE  1 
ATOM   9    N  N   . LYS A 1 2   ? -2.449  -6.600  -12.848 1.00 62.49 ? 2   LYS A N   1 
ATOM   10   C  CA  . LYS A 1 2   ? -2.022  -5.212  -12.711 1.00 59.84 ? 2   LYS A CA  1 
ATOM   11   C  C   . LYS A 1 2   ? -2.021  -4.705  -11.273 1.00 57.86 ? 2   LYS A C   1 
ATOM   12   O  O   . LYS A 1 2   ? -3.073  -4.547  -10.658 1.00 56.90 ? 2   LYS A O   1 
ATOM   13   C  CB  . LYS A 1 2   ? -2.904  -4.321  -13.587 1.00 60.52 ? 2   LYS A CB  1 
ATOM   14   C  CG  . LYS A 1 2   ? -2.278  -3.994  -14.926 1.00 61.19 ? 2   LYS A CG  1 
ATOM   15   C  CD  . LYS A 1 2   ? -3.317  -3.714  -15.989 1.00 63.57 ? 2   LYS A CD  1 
ATOM   16   C  CE  . LYS A 1 2   ? -2.640  -3.298  -17.288 1.00 65.83 ? 2   LYS A CE  1 
ATOM   17   N  NZ  . LYS A 1 2   ? -3.478  -3.566  -18.495 1.00 66.45 ? 2   LYS A NZ  1 
ATOM   18   N  N   . ILE A 1 3   ? -0.827  -4.434  -10.749 1.00 54.96 ? 3   ILE A N   1 
ATOM   19   C  CA  . ILE A 1 3   ? -0.663  -3.955  -9.383  1.00 51.64 ? 3   ILE A CA  1 
ATOM   20   C  C   . ILE A 1 3   ? 0.092   -2.630  -9.286  1.00 50.43 ? 3   ILE A C   1 
ATOM   21   O  O   . ILE A 1 3   ? 1.244   -2.531  -9.700  1.00 49.98 ? 3   ILE A O   1 
ATOM   22   C  CB  . ILE A 1 3   ? 0.079   -5.003  -8.538  1.00 51.77 ? 3   ILE A CB  1 
ATOM   23   C  CG1 . ILE A 1 3   ? -0.723  -6.308  -8.522  1.00 53.24 ? 3   ILE A CG1 1 
ATOM   24   C  CG2 . ILE A 1 3   ? 0.272   -4.493  -7.127  1.00 51.91 ? 3   ILE A CG2 1 
ATOM   25   C  CD1 . ILE A 1 3   ? -0.023  -7.487  -7.858  1.00 52.40 ? 3   ILE A CD1 1 
ATOM   26   N  N   . GLY A 1 4   ? -0.567  -1.617  -8.731  1.00 50.12 ? 4   GLY A N   1 
ATOM   27   C  CA  . GLY A 1 4   ? 0.057   -0.313  -8.566  1.00 49.30 ? 4   GLY A CA  1 
ATOM   28   C  C   . GLY A 1 4   ? 0.513   -0.115  -7.132  1.00 48.58 ? 4   GLY A C   1 
ATOM   29   O  O   . GLY A 1 4   ? -0.249  -0.358  -6.200  1.00 48.66 ? 4   GLY A O   1 
ATOM   30   N  N   . ILE A 1 5   ? 1.754   0.325   -6.942  1.00 47.87 ? 5   ILE A N   1 
ATOM   31   C  CA  . ILE A 1 5   ? 2.272   0.521   -5.595  1.00 47.44 ? 5   ILE A CA  1 
ATOM   32   C  C   . ILE A 1 5   ? 2.614   1.961   -5.219  1.00 47.73 ? 5   ILE A C   1 
ATOM   33   O  O   . ILE A 1 5   ? 3.544   2.562   -5.757  1.00 47.76 ? 5   ILE A O   1 
ATOM   34   C  CB  . ILE A 1 5   ? 3.529   -0.351  -5.337  1.00 45.92 ? 5   ILE A CB  1 
ATOM   35   C  CG1 . ILE A 1 5   ? 3.203   -1.832  -5.534  1.00 45.97 ? 5   ILE A CG1 1 
ATOM   36   C  CG2 . ILE A 1 5   ? 4.029   -0.136  -3.915  1.00 45.05 ? 5   ILE A CG2 1 
ATOM   37   C  CD1 . ILE A 1 5   ? 3.830   -2.444  -6.773  1.00 44.23 ? 5   ILE A CD1 1 
ATOM   38   N  N   . ILE A 1 6   ? 1.850   2.503   -4.280  1.00 48.45 ? 6   ILE A N   1 
ATOM   39   C  CA  . ILE A 1 6   ? 2.079   3.847   -3.780  1.00 49.68 ? 6   ILE A CA  1 
ATOM   40   C  C   . ILE A 1 6   ? 3.139   3.725   -2.690  1.00 50.54 ? 6   ILE A C   1 
ATOM   41   O  O   . ILE A 1 6   ? 2.974   2.955   -1.736  1.00 49.47 ? 6   ILE A O   1 
ATOM   42   C  CB  . ILE A 1 6   ? 0.800   4.437   -3.166  1.00 49.70 ? 6   ILE A CB  1 
ATOM   43   C  CG1 . ILE A 1 6   ? -0.272  4.570   -4.251  1.00 50.01 ? 6   ILE A CG1 1 
ATOM   44   C  CG2 . ILE A 1 6   ? 1.098   5.784   -2.529  1.00 48.42 ? 6   ILE A CG2 1 
ATOM   45   C  CD1 . ILE A 1 6   ? -1.670  4.800   -3.715  1.00 49.85 ? 6   ILE A CD1 1 
ATOM   46   N  N   . GLY A 1 7   ? 4.223   4.481   -2.841  1.00 51.16 ? 7   GLY A N   1 
ATOM   47   C  CA  . GLY A 1 7   ? 5.307   4.442   -1.876  1.00 52.05 ? 7   GLY A CA  1 
ATOM   48   C  C   . GLY A 1 7   ? 6.320   3.383   -2.259  1.00 52.60 ? 7   GLY A C   1 
ATOM   49   O  O   . GLY A 1 7   ? 6.994   2.810   -1.396  1.00 53.54 ? 7   GLY A O   1 
ATOM   50   N  N   . ALA A 1 8   ? 6.437   3.137   -3.563  1.00 51.90 ? 8   ALA A N   1 
ATOM   51   C  CA  . ALA A 1 8   ? 7.336   2.121   -4.092  1.00 52.62 ? 8   ALA A CA  1 
ATOM   52   C  C   . ALA A 1 8   ? 8.817   2.397   -3.905  1.00 53.52 ? 8   ALA A C   1 
ATOM   53   O  O   . ALA A 1 8   ? 9.653   1.731   -4.517  1.00 54.63 ? 8   ALA A O   1 
ATOM   54   C  CB  . ALA A 1 8   ? 7.035   1.896   -5.565  1.00 52.18 ? 8   ALA A CB  1 
ATOM   55   N  N   . THR A 1 9   ? 9.138   3.372   -3.062  1.00 54.36 ? 9   THR A N   1 
ATOM   56   C  CA  . THR A 1 9   ? 10.523  3.739   -2.788  1.00 55.24 ? 9   THR A CA  1 
ATOM   57   C  C   . THR A 1 9   ? 10.918  3.409   -1.354  1.00 56.12 ? 9   THR A C   1 
ATOM   58   O  O   . THR A 1 9   ? 12.067  3.072   -1.083  1.00 57.27 ? 9   THR A O   1 
ATOM   59   C  CB  . THR A 1 9   ? 10.737  5.239   -3.048  1.00 56.72 ? 9   THR A CB  1 
ATOM   60   O  OG1 . THR A 1 9   ? 11.057  5.432   -4.430  1.00 58.59 ? 9   THR A OG1 1 
ATOM   61   C  CG2 . THR A 1 9   ? 11.850  5.796   -2.161  1.00 56.27 ? 9   THR A CG2 1 
ATOM   62   N  N   . GLY A 1 10  ? 9.955   3.506   -0.444  1.00 56.80 ? 10  GLY A N   1 
ATOM   63   C  CA  . GLY A 1 10  ? 10.209  3.217   0.955   1.00 57.35 ? 10  GLY A CA  1 
ATOM   64   C  C   . GLY A 1 10  ? 10.496  1.752   1.223   1.00 57.90 ? 10  GLY A C   1 
ATOM   65   O  O   . GLY A 1 10  ? 10.317  0.895   0.359   1.00 56.33 ? 10  GLY A O   1 
ATOM   66   N  N   . ARG A 1 11  ? 10.934  1.470   2.444   1.00 59.68 ? 11  ARG A N   1 
ATOM   67   C  CA  . ARG A 1 11  ? 11.283  0.122   2.872   1.00 60.77 ? 11  ARG A CA  1 
ATOM   68   C  C   . ARG A 1 11  ? 10.263  -0.933  2.476   1.00 59.97 ? 11  ARG A C   1 
ATOM   69   O  O   . ARG A 1 11  ? 10.564  -1.841  1.712   1.00 61.09 ? 11  ARG A O   1 
ATOM   70   C  CB  . ARG A 1 11  ? 11.469  0.085   4.391   1.00 63.26 ? 11  ARG A CB  1 
ATOM   71   C  CG  . ARG A 1 11  ? 11.852  -1.279  4.963   1.00 67.59 ? 11  ARG A CG  1 
ATOM   72   C  CD  . ARG A 1 11  ? 13.333  -1.341  5.329   1.00 72.83 ? 11  ARG A CD  1 
ATOM   73   N  NE  . ARG A 1 11  ? 13.705  -2.581  6.019   1.00 76.20 ? 11  ARG A NE  1 
ATOM   74   C  CZ  . ARG A 1 11  ? 13.426  -2.852  7.296   1.00 78.63 ? 11  ARG A CZ  1 
ATOM   75   N  NH1 . ARG A 1 11  ? 12.764  -1.972  8.045   1.00 78.80 ? 11  ARG A NH1 1 
ATOM   76   N  NH2 . ARG A 1 11  ? 13.814  -4.007  7.824   1.00 78.34 ? 11  ARG A NH2 1 
ATOM   77   N  N   . ALA A 1 12  ? 9.055   -0.794  3.011   1.00 58.53 ? 12  ALA A N   1 
ATOM   78   C  CA  . ALA A 1 12  ? 7.982   -1.743  2.764   1.00 56.02 ? 12  ALA A CA  1 
ATOM   79   C  C   . ALA A 1 12  ? 7.530   -1.814  1.315   1.00 55.27 ? 12  ALA A C   1 
ATOM   80   O  O   . ALA A 1 12  ? 7.442   -2.897  0.735   1.00 56.10 ? 12  ALA A O   1 
ATOM   81   C  CB  . ALA A 1 12  ? 6.798   -1.417  3.657   1.00 53.82 ? 12  ALA A CB  1 
ATOM   82   N  N   . GLY A 1 13  ? 7.258   -0.657  0.729   1.00 53.97 ? 13  GLY A N   1 
ATOM   83   C  CA  . GLY A 1 13  ? 6.782   -0.626  -0.637  1.00 53.81 ? 13  GLY A CA  1 
ATOM   84   C  C   . GLY A 1 13  ? 7.804   -1.083  -1.637  1.00 55.53 ? 13  GLY A C   1 
ATOM   85   O  O   . GLY A 1 13  ? 7.468   -1.578  -2.711  1.00 55.03 ? 13  GLY A O   1 
ATOM   86   N  N   . SER A 1 14  ? 9.065   -0.923  -1.278  1.00 57.62 ? 14  SER A N   1 
ATOM   87   C  CA  . SER A 1 14  ? 10.154  -1.306  -2.157  1.00 58.61 ? 14  SER A CA  1 
ATOM   88   C  C   . SER A 1 14  ? 10.180  -2.818  -2.424  1.00 58.33 ? 14  SER A C   1 
ATOM   89   O  O   . SER A 1 14  ? 10.375  -3.261  -3.570  1.00 59.14 ? 14  SER A O   1 
ATOM   90   C  CB  . SER A 1 14  ? 11.472  -0.854  -1.538  1.00 59.67 ? 14  SER A CB  1 
ATOM   91   O  OG  . SER A 1 14  ? 12.437  -0.623  -2.542  1.00 63.10 ? 14  SER A OG  1 
ATOM   92   N  N   . ARG A 1 15  ? 9.986   -3.608  -1.372  1.00 56.07 ? 15  ARG A N   1 
ATOM   93   C  CA  . ARG A 1 15  ? 9.999   -5.058  -1.515  1.00 55.82 ? 15  ARG A CA  1 
ATOM   94   C  C   . ARG A 1 15  ? 8.680   -5.493  -2.106  1.00 53.31 ? 15  ARG A C   1 
ATOM   95   O  O   . ARG A 1 15  ? 8.649   -6.281  -3.045  1.00 54.91 ? 15  ARG A O   1 
ATOM   96   C  CB  . ARG A 1 15  ? 10.173  -5.763  -0.166  1.00 58.60 ? 15  ARG A CB  1 
ATOM   97   C  CG  . ARG A 1 15  ? 10.796  -4.925  0.935   1.00 63.07 ? 15  ARG A CG  1 
ATOM   98   C  CD  . ARG A 1 15  ? 12.320  -4.969  0.954   1.00 66.59 ? 15  ARG A CD  1 
ATOM   99   N  NE  . ARG A 1 15  ? 12.882  -5.901  -0.023  1.00 69.44 ? 15  ARG A NE  1 
ATOM   100  C  CZ  . ARG A 1 15  ? 13.527  -5.530  -1.127  1.00 68.91 ? 15  ARG A CZ  1 
ATOM   101  N  NH1 . ARG A 1 15  ? 13.697  -4.239  -1.405  1.00 66.85 ? 15  ARG A NH1 1 
ATOM   102  N  NH2 . ARG A 1 15  ? 14.005  -6.455  -1.950  1.00 66.91 ? 15  ARG A NH2 1 
ATOM   103  N  N   . ILE A 1 16  ? 7.587   -4.986  -1.547  1.00 49.78 ? 16  ILE A N   1 
ATOM   104  C  CA  . ILE A 1 16  ? 6.280   -5.344  -2.052  1.00 46.17 ? 16  ILE A CA  1 
ATOM   105  C  C   . ILE A 1 16  ? 6.333   -5.285  -3.568  1.00 46.65 ? 16  ILE A C   1 
ATOM   106  O  O   . ILE A 1 16  ? 5.792   -6.147  -4.259  1.00 47.02 ? 16  ILE A O   1 
ATOM   107  C  CB  . ILE A 1 16  ? 5.204   -4.400  -1.523  1.00 42.78 ? 16  ILE A CB  1 
ATOM   108  C  CG1 . ILE A 1 16  ? 5.016   -4.653  -0.023  1.00 40.65 ? 16  ILE A CG1 1 
ATOM   109  C  CG2 . ILE A 1 16  ? 3.904   -4.612  -2.283  1.00 40.83 ? 16  ILE A CG2 1 
ATOM   110  C  CD1 . ILE A 1 16  ? 3.853   -3.911  0.605   1.00 38.81 ? 16  ILE A CD1 1 
ATOM   111  N  N   . LEU A 1 17  ? 7.030   -4.289  -4.089  1.00 46.91 ? 17  LEU A N   1 
ATOM   112  C  CA  . LEU A 1 17  ? 7.148   -4.152  -5.527  1.00 47.97 ? 17  LEU A CA  1 
ATOM   113  C  C   . LEU A 1 17  ? 7.989   -5.267  -6.107  1.00 47.82 ? 17  LEU A C   1 
ATOM   114  O  O   . LEU A 1 17  ? 7.572   -5.910  -7.071  1.00 48.42 ? 17  LEU A O   1 
ATOM   115  C  CB  . LEU A 1 17  ? 7.745   -2.792  -5.897  1.00 49.59 ? 17  LEU A CB  1 
ATOM   116  C  CG  . LEU A 1 17  ? 7.987   -2.593  -7.398  1.00 50.43 ? 17  LEU A CG  1 
ATOM   117  C  CD1 . LEU A 1 17  ? 7.683   -1.162  -7.828  1.00 47.23 ? 17  LEU A CD1 1 
ATOM   118  C  CD2 . LEU A 1 17  ? 9.429   -2.983  -7.716  1.00 51.99 ? 17  LEU A CD2 1 
ATOM   119  N  N   . GLU A 1 18  ? 9.170   -5.497  -5.536  1.00 48.41 ? 18  GLU A N   1 
ATOM   120  C  CA  . GLU A 1 18  ? 10.045  -6.571  -6.027  1.00 51.02 ? 18  GLU A CA  1 
ATOM   121  C  C   . GLU A 1 18  ? 9.300   -7.899  -6.067  1.00 49.96 ? 18  GLU A C   1 
ATOM   122  O  O   . GLU A 1 18  ? 9.189   -8.522  -7.120  1.00 48.46 ? 18  GLU A O   1 
ATOM   123  C  CB  . GLU A 1 18  ? 11.299  -6.720  -5.148  1.00 53.70 ? 18  GLU A CB  1 
ATOM   124  C  CG  . GLU A 1 18  ? 12.415  -5.719  -5.451  1.00 58.87 ? 18  GLU A CG  1 
ATOM   125  C  CD  . GLU A 1 18  ? 12.762  -5.656  -6.940  1.00 62.60 ? 18  GLU A CD  1 
ATOM   126  O  OE1 . GLU A 1 18  ? 13.009  -6.726  -7.550  1.00 64.78 ? 18  GLU A OE1 1 
ATOM   127  O  OE2 . GLU A 1 18  ? 12.788  -4.532  -7.498  1.00 65.18 ? 18  GLU A OE2 1 
ATOM   128  N  N   . GLU A 1 19  ? 8.796   -8.310  -4.905  1.00 50.83 ? 19  GLU A N   1 
ATOM   129  C  CA  . GLU A 1 19  ? 8.035   -9.549  -4.736  1.00 51.26 ? 19  GLU A CA  1 
ATOM   130  C  C   . GLU A 1 19  ? 6.936   -9.645  -5.790  1.00 51.08 ? 19  GLU A C   1 
ATOM   131  O  O   . GLU A 1 19  ? 6.704   -10.709 -6.370  1.00 51.83 ? 19  GLU A O   1 
ATOM   132  C  CB  . GLU A 1 19  ? 7.410   -9.584  -3.334  1.00 50.85 ? 19  GLU A CB  1 
ATOM   133  C  CG  . GLU A 1 19  ? 6.665   -10.862 -2.989  1.00 51.58 ? 19  GLU A CG  1 
ATOM   134  C  CD  . GLU A 1 19  ? 7.570   -12.076 -2.989  1.00 53.33 ? 19  GLU A CD  1 
ATOM   135  O  OE1 . GLU A 1 19  ? 8.736   -11.931 -2.575  1.00 55.25 ? 19  GLU A OE1 1 
ATOM   136  O  OE2 . GLU A 1 19  ? 7.118   -13.171 -3.386  1.00 53.76 ? 19  GLU A OE2 1 
ATOM   137  N  N   . ALA A 1 20  ? 6.257   -8.531  -6.033  1.00 49.80 ? 20  ALA A N   1 
ATOM   138  C  CA  . ALA A 1 20  ? 5.198   -8.520  -7.022  1.00 51.31 ? 20  ALA A CA  1 
ATOM   139  C  C   . ALA A 1 20  ? 5.753   -8.795  -8.424  1.00 52.26 ? 20  ALA A C   1 
ATOM   140  O  O   . ALA A 1 20  ? 5.295   -9.708  -9.121  1.00 52.10 ? 20  ALA A O   1 
ATOM   141  C  CB  . ALA A 1 20  ? 4.480   -7.189  -6.985  1.00 51.44 ? 20  ALA A CB  1 
ATOM   142  N  N   . LYS A 1 21  ? 6.742   -8.001  -8.823  1.00 52.72 ? 21  LYS A N   1 
ATOM   143  C  CA  . LYS A 1 21  ? 7.379   -8.145  -10.129 1.00 53.40 ? 21  LYS A CA  1 
ATOM   144  C  C   . LYS A 1 21  ? 7.885   -9.571  -10.313 1.00 51.85 ? 21  LYS A C   1 
ATOM   145  O  O   . LYS A 1 21  ? 7.689   -10.188 -11.366 1.00 52.43 ? 21  LYS A O   1 
ATOM   146  C  CB  . LYS A 1 21  ? 8.559   -7.172  -10.230 1.00 56.94 ? 21  LYS A CB  1 
ATOM   147  C  CG  . LYS A 1 21  ? 9.346   -7.222  -11.538 1.00 62.20 ? 21  LYS A CG  1 
ATOM   148  C  CD  . LYS A 1 21  ? 10.828  -6.886  -11.285 1.00 67.58 ? 21  LYS A CD  1 
ATOM   149  C  CE  . LYS A 1 21  ? 11.661  -6.798  -12.573 1.00 69.25 ? 21  LYS A CE  1 
ATOM   150  N  NZ  . LYS A 1 21  ? 11.835  -5.386  -13.055 1.00 70.78 ? 21  LYS A NZ  1 
ATOM   151  N  N   . ASN A 1 22  ? 8.536   -10.087 -9.274  1.00 49.16 ? 22  ASN A N   1 
ATOM   152  C  CA  . ASN A 1 22  ? 9.100   -11.426 -9.300  1.00 46.53 ? 22  ASN A CA  1 
ATOM   153  C  C   . ASN A 1 22  ? 8.034   -12.490 -9.427  1.00 46.69 ? 22  ASN A C   1 
ATOM   154  O  O   . ASN A 1 22  ? 8.292   -13.558 -9.979  1.00 46.59 ? 22  ASN A O   1 
ATOM   155  C  CB  . ASN A 1 22  ? 9.954   -11.685 -8.055  1.00 45.26 ? 22  ASN A CB  1 
ATOM   156  C  CG  . ASN A 1 22  ? 11.201  -10.819 -8.012  1.00 46.75 ? 22  ASN A CG  1 
ATOM   157  O  OD1 . ASN A 1 22  ? 11.782  -10.488 -9.051  1.00 47.19 ? 22  ASN A OD1 1 
ATOM   158  N  ND2 . ASN A 1 22  ? 11.628  -10.457 -6.810  1.00 45.40 ? 22  ASN A ND2 1 
ATOM   159  N  N   . ARG A 1 23  ? 6.838   -12.227 -8.908  1.00 46.73 ? 23  ARG A N   1 
ATOM   160  C  CA  . ARG A 1 23  ? 5.783   -13.221 -9.032  1.00 45.72 ? 23  ARG A CA  1 
ATOM   161  C  C   . ARG A 1 23  ? 5.094   -13.111 -10.392 1.00 46.90 ? 23  ARG A C   1 
ATOM   162  O  O   . ARG A 1 23  ? 4.065   -13.742 -10.636 1.00 47.08 ? 23  ARG A O   1 
ATOM   163  C  CB  . ARG A 1 23  ? 4.804   -13.121 -7.857  1.00 42.68 ? 23  ARG A CB  1 
ATOM   164  C  CG  . ARG A 1 23  ? 5.142   -14.142 -6.796  1.00 42.37 ? 23  ARG A CG  1 
ATOM   165  C  CD  . ARG A 1 23  ? 5.024   -13.654 -5.372  1.00 43.30 ? 23  ARG A CD  1 
ATOM   166  N  NE  . ARG A 1 23  ? 3.815   -14.155 -4.729  1.00 45.86 ? 23  ARG A NE  1 
ATOM   167  C  CZ  . ARG A 1 23  ? 3.725   -14.510 -3.448  1.00 45.37 ? 23  ARG A CZ  1 
ATOM   168  N  NH1 . ARG A 1 23  ? 4.780   -14.430 -2.643  1.00 43.82 ? 23  ARG A NH1 1 
ATOM   169  N  NH2 . ARG A 1 23  ? 2.563   -14.926 -2.967  1.00 45.98 ? 23  ARG A NH2 1 
ATOM   170  N  N   . GLY A 1 24  ? 5.691   -12.310 -11.276 1.00 47.43 ? 24  GLY A N   1 
ATOM   171  C  CA  . GLY A 1 24  ? 5.197   -12.161 -12.633 1.00 48.47 ? 24  GLY A CA  1 
ATOM   172  C  C   . GLY A 1 24  ? 4.109   -11.164 -12.954 1.00 50.82 ? 24  GLY A C   1 
ATOM   173  O  O   . GLY A 1 24  ? 3.491   -11.262 -14.020 1.00 49.91 ? 24  GLY A O   1 
ATOM   174  N  N   . HIS A 1 25  ? 3.879   -10.193 -12.073 1.00 52.89 ? 25  HIS A N   1 
ATOM   175  C  CA  . HIS A 1 25  ? 2.829   -9.195  -12.297 1.00 54.04 ? 25  HIS A CA  1 
ATOM   176  C  C   . HIS A 1 25  ? 3.282   -7.905  -12.973 1.00 55.28 ? 25  HIS A C   1 
ATOM   177  O  O   . HIS A 1 25  ? 4.465   -7.571  -12.931 1.00 57.40 ? 25  HIS A O   1 
ATOM   178  C  CB  . HIS A 1 25  ? 2.170   -8.835  -10.971 1.00 52.07 ? 25  HIS A CB  1 
ATOM   179  C  CG  . HIS A 1 25  ? 1.474   -9.980  -10.322 1.00 51.48 ? 25  HIS A CG  1 
ATOM   180  N  ND1 . HIS A 1 25  ? 2.031   -10.709 -9.297  1.00 49.97 ? 25  HIS A ND1 1 
ATOM   181  C  CD2 . HIS A 1 25  ? 0.271   -10.544 -10.577 1.00 50.27 ? 25  HIS A CD2 1 
ATOM   182  C  CE1 . HIS A 1 25  ? 1.199   -11.672 -8.945  1.00 50.04 ? 25  HIS A CE1 1 
ATOM   183  N  NE2 . HIS A 1 25  ? 0.122   -11.593 -9.706  1.00 50.35 ? 25  HIS A NE2 1 
ATOM   184  N  N   . GLU A 1 26  ? 2.343   -7.193  -13.600 1.00 55.52 ? 26  GLU A N   1 
ATOM   185  C  CA  . GLU A 1 26  ? 2.652   -5.917  -14.238 1.00 56.75 ? 26  GLU A CA  1 
ATOM   186  C  C   . GLU A 1 26  ? 2.559   -4.877  -13.129 1.00 55.38 ? 26  GLU A C   1 
ATOM   187  O  O   . GLU A 1 26  ? 1.466   -4.470  -12.729 1.00 54.95 ? 26  GLU A O   1 
ATOM   188  C  CB  . GLU A 1 26  ? 1.645   -5.578  -15.332 1.00 60.54 ? 26  GLU A CB  1 
ATOM   189  C  CG  . GLU A 1 26  ? 1.658   -6.509  -16.520 1.00 68.84 ? 26  GLU A CG  1 
ATOM   190  C  CD  . GLU A 1 26  ? 0.598   -6.141  -17.551 1.00 74.66 ? 26  GLU A CD  1 
ATOM   191  O  OE1 . GLU A 1 26  ? 0.316   -6.972  -18.445 1.00 77.17 ? 26  GLU A OE1 1 
ATOM   192  O  OE2 . GLU A 1 26  ? 0.049   -5.014  -17.468 1.00 77.85 ? 26  GLU A OE2 1 
ATOM   193  N  N   . VAL A 1 27  ? 3.717   -4.458  -12.637 1.00 52.93 ? 27  VAL A N   1 
ATOM   194  C  CA  . VAL A 1 27  ? 3.794   -3.503  -11.549 1.00 52.15 ? 27  VAL A CA  1 
ATOM   195  C  C   . VAL A 1 27  ? 3.908   -2.058  -11.995 1.00 52.84 ? 27  VAL A C   1 
ATOM   196  O  O   . VAL A 1 27  ? 4.684   -1.744  -12.896 1.00 53.90 ? 27  VAL A O   1 
ATOM   197  C  CB  . VAL A 1 27  ? 5.014   -3.822  -10.656 1.00 51.99 ? 27  VAL A CB  1 
ATOM   198  C  CG1 . VAL A 1 27  ? 5.211   -2.737  -9.621  1.00 52.22 ? 27  VAL A CG1 1 
ATOM   199  C  CG2 . VAL A 1 27  ? 4.831   -5.164  -9.984  1.00 50.27 ? 27  VAL A CG2 1 
ATOM   200  N  N   . THR A 1 28  ? 3.124   -1.182  -11.373 1.00 53.19 ? 28  THR A N   1 
ATOM   201  C  CA  . THR A 1 28  ? 3.197   0.245   -11.668 1.00 54.44 ? 28  THR A CA  1 
ATOM   202  C  C   . THR A 1 28  ? 3.658   0.942   -10.398 1.00 55.69 ? 28  THR A C   1 
ATOM   203  O  O   . THR A 1 28  ? 3.057   0.775   -9.336  1.00 54.83 ? 28  THR A O   1 
ATOM   204  C  CB  . THR A 1 28  ? 1.842   0.857   -12.077 1.00 54.85 ? 28  THR A CB  1 
ATOM   205  O  OG1 . THR A 1 28  ? 1.527   0.474   -13.419 1.00 58.05 ? 28  THR A OG1 1 
ATOM   206  C  CG2 . THR A 1 28  ? 1.901   2.381   -12.008 1.00 54.28 ? 28  THR A CG2 1 
ATOM   207  N  N   . ALA A 1 29  ? 4.742   1.705   -10.507 1.00 56.98 ? 29  ALA A N   1 
ATOM   208  C  CA  . ALA A 1 29  ? 5.266   2.436   -9.368  1.00 57.86 ? 29  ALA A CA  1 
ATOM   209  C  C   . ALA A 1 29  ? 4.606   3.812   -9.364  1.00 59.01 ? 29  ALA A C   1 
ATOM   210  O  O   . ALA A 1 29  ? 4.725   4.570   -10.326 1.00 59.94 ? 29  ALA A O   1 
ATOM   211  C  CB  . ALA A 1 29  ? 6.779   2.572   -9.472  1.00 56.84 ? 29  ALA A CB  1 
ATOM   212  N  N   . ILE A 1 30  ? 3.888   4.116   -8.288  1.00 58.86 ? 30  ILE A N   1 
ATOM   213  C  CA  . ILE A 1 30  ? 3.213   5.393   -8.147  1.00 58.92 ? 30  ILE A CA  1 
ATOM   214  C  C   . ILE A 1 30  ? 4.021   6.174   -7.122  1.00 62.50 ? 30  ILE A C   1 
ATOM   215  O  O   . ILE A 1 30  ? 4.083   5.802   -5.946  1.00 63.17 ? 30  ILE A O   1 
ATOM   216  C  CB  . ILE A 1 30  ? 1.774   5.175   -7.675  1.00 56.82 ? 30  ILE A CB  1 
ATOM   217  C  CG1 . ILE A 1 30  ? 1.036   4.316   -8.706  1.00 54.84 ? 30  ILE A CG1 1 
ATOM   218  C  CG2 . ILE A 1 30  ? 1.069   6.507   -7.487  1.00 54.90 ? 30  ILE A CG2 1 
ATOM   219  C  CD1 . ILE A 1 30  ? -0.348  3.896   -8.288  1.00 51.25 ? 30  ILE A CD1 1 
ATOM   220  N  N   . VAL A 1 31  ? 4.647   7.257   -7.586  1.00 65.70 ? 31  VAL A N   1 
ATOM   221  C  CA  . VAL A 1 31  ? 5.515   8.074   -6.744  1.00 67.69 ? 31  VAL A CA  1 
ATOM   222  C  C   . VAL A 1 31  ? 5.504   9.575   -7.028  1.00 69.75 ? 31  VAL A C   1 
ATOM   223  O  O   . VAL A 1 31  ? 5.030   10.023  -8.076  1.00 69.21 ? 31  VAL A O   1 
ATOM   224  C  CB  . VAL A 1 31  ? 6.953   7.597   -6.882  1.00 66.96 ? 31  VAL A CB  1 
ATOM   225  C  CG1 . VAL A 1 31  ? 7.090   6.204   -6.279  1.00 66.70 ? 31  VAL A CG1 1 
ATOM   226  C  CG2 . VAL A 1 31  ? 7.345   7.590   -8.361  1.00 65.89 ? 31  VAL A CG2 1 
ATOM   227  N  N   . ARG A 1 32  ? 6.051   10.341  -6.083  1.00 72.10 ? 32  ARG A N   1 
ATOM   228  C  CA  . ARG A 1 32  ? 6.127   11.789  -6.199  1.00 74.40 ? 32  ARG A CA  1 
ATOM   229  C  C   . ARG A 1 32  ? 7.228   12.196  -7.169  1.00 76.46 ? 32  ARG A C   1 
ATOM   230  O  O   . ARG A 1 32  ? 7.030   13.071  -8.004  1.00 76.28 ? 32  ARG A O   1 
ATOM   231  C  CB  . ARG A 1 32  ? 6.381   12.416  -4.827  1.00 75.83 ? 32  ARG A CB  1 
ATOM   232  C  CG  . ARG A 1 32  ? 5.272   12.157  -3.814  1.00 77.72 ? 32  ARG A CG  1 
ATOM   233  C  CD  . ARG A 1 32  ? 5.369   13.103  -2.623  1.00 78.14 ? 32  ARG A CD  1 
ATOM   234  N  NE  . ARG A 1 32  ? 5.554   14.474  -3.085  1.00 77.06 ? 32  ARG A NE  1 
ATOM   235  C  CZ  . ARG A 1 32  ? 6.676   15.162  -2.921  1.00 77.54 ? 32  ARG A CZ  1 
ATOM   236  N  NH1 . ARG A 1 32  ? 7.703   14.612  -2.292  1.00 77.62 ? 32  ARG A NH1 1 
ATOM   237  N  NH2 . ARG A 1 32  ? 6.787   16.385  -3.424  1.00 77.70 ? 32  ARG A NH2 1 
ATOM   238  N  N   . ASN A 1 33  ? 8.391   11.559  -7.058  1.00 79.71 ? 33  ASN A N   1 
ATOM   239  C  CA  . ASN A 1 33  ? 9.513   11.844  -7.950  1.00 83.08 ? 33  ASN A CA  1 
ATOM   240  C  C   . ASN A 1 33  ? 10.001  10.542  -8.547  1.00 84.62 ? 33  ASN A C   1 
ATOM   241  O  O   . ASN A 1 33  ? 10.208  9.565   -7.833  1.00 84.60 ? 33  ASN A O   1 
ATOM   242  C  CB  . ASN A 1 33  ? 10.676  12.483  -7.195  1.00 85.21 ? 33  ASN A CB  1 
ATOM   243  C  CG  . ASN A 1 33  ? 10.274  13.733  -6.448  1.00 87.71 ? 33  ASN A CG  1 
ATOM   244  O  OD1 . ASN A 1 33  ? 10.192  14.820  -7.025  1.00 88.90 ? 33  ASN A OD1 1 
ATOM   245  N  ND2 . ASN A 1 33  ? 10.003  13.582  -5.154  1.00 89.17 ? 33  ASN A ND2 1 
ATOM   246  N  N   . ALA A 1 34  ? 10.195  10.529  -9.857  1.00 87.25 ? 34  ALA A N   1 
ATOM   247  C  CA  . ALA A 1 34  ? 10.693  9.341   -10.525 1.00 89.74 ? 34  ALA A CA  1 
ATOM   248  C  C   . ALA A 1 34  ? 12.206  9.271   -10.225 1.00 91.54 ? 34  ALA A C   1 
ATOM   249  O  O   . ALA A 1 34  ? 12.924  8.467   -10.818 1.00 91.47 ? 34  ALA A O   1 
ATOM   250  C  CB  . ALA A 1 34  ? 10.447  9.452   -12.033 1.00 89.40 ? 34  ALA A CB  1 
ATOM   251  N  N   . GLY A 1 35  ? 12.650  10.109  -9.290  1.00 93.77 ? 35  GLY A N   1 
ATOM   252  C  CA  . GLY A 1 35  ? 14.040  10.172  -8.917  1.00 96.57 ? 35  GLY A CA  1 
ATOM   253  C  C   . GLY A 1 35  ? 14.786  8.902   -8.553  1.00 98.33 ? 35  GLY A C   1 
ATOM   254  O  O   . GLY A 1 35  ? 15.594  8.383   -9.338  1.00 98.47 ? 35  GLY A O   1 
ATOM   255  N  N   . LYS A 1 36  ? 14.517  8.382   -7.356  1.00 99.00 ? 36  LYS A N   1 
ATOM   256  C  CA  . LYS A 1 36  ? 15.142  7.151   -6.873  1.00 99.00 ? 36  LYS A CA  1 
ATOM   257  C  C   . LYS A 1 36  ? 14.888  5.976   -7.819  1.00 99.00 ? 36  LYS A C   1 
ATOM   258  O  O   . LYS A 1 36  ? 15.816  5.395   -8.393  1.00 99.00 ? 36  LYS A O   1 
ATOM   259  C  CB  . LYS A 1 36  ? 14.634  6.831   -5.457  1.00 98.83 ? 36  LYS A CB  1 
ATOM   260  N  N   . ILE A 1 37  ? 13.614  5.647   -7.994  1.00 99.00 ? 37  ILE A N   1 
ATOM   261  C  CA  . ILE A 1 37  ? 13.142  4.521   -8.821  1.00 99.00 ? 37  ILE A CA  1 
ATOM   262  C  C   . ILE A 1 37  ? 13.619  4.300   -10.268 1.00 99.00 ? 37  ILE A C   1 
ATOM   263  O  O   . ILE A 1 37  ? 13.925  3.172   -10.639 1.00 99.00 ? 37  ILE A O   1 
ATOM   264  C  CB  . ILE A 1 37  ? 11.592  4.487   -8.906  1.00 99.00 ? 37  ILE A CB  1 
ATOM   265  C  CG1 . ILE A 1 37  ? 11.118  3.161   -9.505  1.00 99.00 ? 37  ILE A CG1 1 
ATOM   266  C  CG2 . ILE A 1 37  ? 11.095  5.610   -9.814  1.00 99.00 ? 37  ILE A CG2 1 
ATOM   267  C  CD1 . ILE A 1 37  ? 10.780  2.104   -8.487  1.00 98.92 ? 37  ILE A CD1 1 
ATOM   268  N  N   . THR A 1 38  ? 13.622  5.358   -11.078 1.00 99.00 ? 38  THR A N   1 
ATOM   269  C  CA  . THR A 1 38  ? 14.014  5.252   -12.482 1.00 99.00 ? 38  THR A CA  1 
ATOM   270  C  C   . THR A 1 38  ? 15.348  4.532   -12.663 1.00 99.00 ? 38  THR A C   1 
ATOM   271  O  O   . THR A 1 38  ? 15.468  3.599   -13.474 1.00 99.00 ? 38  THR A O   1 
ATOM   272  C  CB  . THR A 1 38  ? 14.113  6.647   -13.148 1.00 99.00 ? 38  THR A CB  1 
ATOM   273  O  OG1 . THR A 1 38  ? 12.833  7.283   -13.077 1.00 99.00 ? 38  THR A OG1 1 
ATOM   274  C  CG2 . THR A 1 38  ? 14.526  6.523   -14.614 1.00 99.00 ? 38  THR A CG2 1 
ATOM   275  N  N   . GLN A 1 39  ? 16.339  4.976   -11.896 1.00 99.00 ? 39  GLN A N   1 
ATOM   276  C  CA  . GLN A 1 39  ? 17.664  4.392   -11.955 1.00 99.00 ? 39  GLN A CA  1 
ATOM   277  C  C   . GLN A 1 39  ? 17.572  2.865   -11.945 1.00 99.00 ? 39  GLN A C   1 
ATOM   278  O  O   . GLN A 1 39  ? 18.181  2.185   -12.780 1.00 99.00 ? 39  GLN A O   1 
ATOM   279  C  CB  . GLN A 1 39  ? 18.501  4.890   -10.767 1.00 99.00 ? 39  GLN A CB  1 
ATOM   280  N  N   . THR A 1 40  ? 16.781  2.334   -11.016 1.00 99.00 ? 40  THR A N   1 
ATOM   281  C  CA  . THR A 1 40  ? 16.608  0.890   -10.870 1.00 99.00 ? 40  THR A CA  1 
ATOM   282  C  C   . THR A 1 40  ? 15.446  0.265   -11.657 1.00 99.00 ? 40  THR A C   1 
ATOM   283  O  O   . THR A 1 40  ? 15.583  -0.823  -12.225 1.00 99.00 ? 40  THR A O   1 
ATOM   284  C  CB  . THR A 1 40  ? 16.463  0.529   -9.368  1.00 99.00 ? 40  THR A CB  1 
ATOM   285  O  OG1 . THR A 1 40  ? 15.797  1.593   -8.674  1.00 99.00 ? 40  THR A OG1 1 
ATOM   286  C  CG2 . THR A 1 40  ? 17.826  0.299   -8.743  1.00 99.00 ? 40  THR A CG2 1 
ATOM   287  N  N   . HIS A 1 41  ? 14.307  0.948   -11.699 1.00 99.00 ? 41  HIS A N   1 
ATOM   288  C  CA  . HIS A 1 41  ? 13.135  0.437   -12.402 1.00 99.00 ? 41  HIS A CA  1 
ATOM   289  C  C   . HIS A 1 41  ? 13.068  0.901   -13.857 1.00 99.00 ? 41  HIS A C   1 
ATOM   290  O  O   . HIS A 1 41  ? 12.350  1.849   -14.197 1.00 99.00 ? 41  HIS A O   1 
ATOM   291  C  CB  . HIS A 1 41  ? 11.872  0.854   -11.662 1.00 99.00 ? 41  HIS A CB  1 
ATOM   292  N  N   . LYS A 1 42  ? 13.816  0.217   -14.716 1.00 99.00 ? 42  LYS A N   1 
ATOM   293  C  CA  . LYS A 1 42  ? 13.847  0.556   -16.132 1.00 99.00 ? 42  LYS A CA  1 
ATOM   294  C  C   . LYS A 1 42  ? 12.918  -0.345  -16.954 1.00 98.41 ? 42  LYS A C   1 
ATOM   295  O  O   . LYS A 1 42  ? 12.897  -0.259  -18.181 1.00 98.66 ? 42  LYS A O   1 
ATOM   296  C  CB  . LYS A 1 42  ? 15.279  0.453   -16.654 1.00 99.00 ? 42  LYS A CB  1 
ATOM   297  N  N   . ASP A 1 43  ? 12.145  -1.197  -16.283 1.00 96.77 ? 43  ASP A N   1 
ATOM   298  C  CA  . ASP A 1 43  ? 11.245  -2.105  -16.986 1.00 94.68 ? 43  ASP A CA  1 
ATOM   299  C  C   . ASP A 1 43  ? 9.798   -2.029  -16.520 1.00 93.32 ? 43  ASP A C   1 
ATOM   300  O  O   . ASP A 1 43  ? 8.892   -2.450  -17.238 1.00 93.12 ? 43  ASP A O   1 
ATOM   301  C  CB  . ASP A 1 43  ? 11.744  -3.530  -16.844 1.00 94.26 ? 43  ASP A CB  1 
ATOM   302  N  N   . ILE A 1 44  ? 9.585   -1.489  -15.323 1.00 91.55 ? 44  ILE A N   1 
ATOM   303  C  CA  . ILE A 1 44  ? 8.244   -1.386  -14.755 1.00 88.99 ? 44  ILE A CA  1 
ATOM   304  C  C   . ILE A 1 44  ? 7.556   -0.053  -15.057 1.00 86.39 ? 44  ILE A C   1 
ATOM   305  O  O   . ILE A 1 44  ? 8.211   0.973   -15.209 1.00 84.82 ? 44  ILE A O   1 
ATOM   306  C  CB  . ILE A 1 44  ? 8.287   -1.650  -13.212 1.00 89.59 ? 44  ILE A CB  1 
ATOM   307  C  CG1 . ILE A 1 44  ? 7.828   -0.424  -12.421 1.00 90.03 ? 44  ILE A CG1 1 
ATOM   308  C  CG2 . ILE A 1 44  ? 9.707   -2.037  -12.797 1.00 90.12 ? 44  ILE A CG2 1 
ATOM   309  C  CD1 . ILE A 1 44  ? 8.852   0.682   -12.325 1.00 89.51 ? 44  ILE A CD1 1 
ATOM   310  N  N   . ASN A 1 45  ? 6.229   -0.086  -15.150 1.00 84.36 ? 45  ASN A N   1 
ATOM   311  C  CA  . ASN A 1 45  ? 5.435   1.106   -15.439 1.00 82.28 ? 45  ASN A CA  1 
ATOM   312  C  C   . ASN A 1 45  ? 5.538   2.153   -14.314 1.00 79.91 ? 45  ASN A C   1 
ATOM   313  O  O   . ASN A 1 45  ? 5.613   1.812   -13.132 1.00 79.36 ? 45  ASN A O   1 
ATOM   314  C  CB  . ASN A 1 45  ? 3.976   0.706   -15.635 1.00 84.10 ? 45  ASN A CB  1 
ATOM   315  C  CG  . ASN A 1 45  ? 3.247   1.623   -16.579 1.00 86.95 ? 45  ASN A CG  1 
ATOM   316  O  OD1 . ASN A 1 45  ? 3.489   2.828   -16.601 1.00 89.26 ? 45  ASN A OD1 1 
ATOM   317  N  ND2 . ASN A 1 45  ? 2.336   1.059   -17.364 1.00 89.05 ? 45  ASN A ND2 1 
ATOM   318  N  N   . ILE A 1 46  ? 5.537   3.432   -14.682 1.00 76.52 ? 46  ILE A N   1 
ATOM   319  C  CA  . ILE A 1 46  ? 5.648   4.509   -13.699 1.00 73.34 ? 46  ILE A CA  1 
ATOM   320  C  C   . ILE A 1 46  ? 4.612   5.617   -13.859 1.00 71.94 ? 46  ILE A C   1 
ATOM   321  O  O   . ILE A 1 46  ? 4.449   6.176   -14.938 1.00 72.94 ? 46  ILE A O   1 
ATOM   322  C  CB  . ILE A 1 46  ? 7.039   5.192   -13.757 1.00 71.55 ? 46  ILE A CB  1 
ATOM   323  C  CG1 . ILE A 1 46  ? 8.114   4.271   -13.195 1.00 71.61 ? 46  ILE A CG1 1 
ATOM   324  C  CG2 . ILE A 1 46  ? 7.024   6.478   -12.954 1.00 70.74 ? 46  ILE A CG2 1 
ATOM   325  C  CD1 . ILE A 1 46  ? 9.513   4.859   -13.287 1.00 71.63 ? 46  ILE A CD1 1 
ATOM   326  N  N   . LEU A 1 47  ? 3.913   5.931   -12.776 1.00 69.72 ? 47  LEU A N   1 
ATOM   327  C  CA  . LEU A 1 47  ? 2.945   7.020   -12.785 1.00 67.30 ? 47  LEU A CA  1 
ATOM   328  C  C   . LEU A 1 47  ? 3.473   7.976   -11.731 1.00 66.55 ? 47  LEU A C   1 
ATOM   329  O  O   . LEU A 1 47  ? 3.426   7.675   -10.540 1.00 65.86 ? 47  LEU A O   1 
ATOM   330  C  CB  . LEU A 1 47  ? 1.554   6.544   -12.375 1.00 65.89 ? 47  LEU A CB  1 
ATOM   331  C  CG  . LEU A 1 47  ? 0.524   7.675   -12.332 1.00 64.59 ? 47  LEU A CG  1 
ATOM   332  C  CD1 . LEU A 1 47  ? 0.021   7.958   -13.730 1.00 65.31 ? 47  LEU A CD1 1 
ATOM   333  C  CD2 . LEU A 1 47  ? -0.631  7.288   -11.441 1.00 65.04 ? 47  LEU A CD2 1 
ATOM   334  N  N   . GLN A 1 48  ? 4.007   9.113   -12.162 1.00 65.86 ? 48  GLN A N   1 
ATOM   335  C  CA  . GLN A 1 48  ? 4.531   10.079  -11.208 1.00 65.36 ? 48  GLN A CA  1 
ATOM   336  C  C   . GLN A 1 48  ? 3.401   10.957  -10.721 1.00 63.79 ? 48  GLN A C   1 
ATOM   337  O  O   . GLN A 1 48  ? 2.996   11.891  -11.408 1.00 63.36 ? 48  GLN A O   1 
ATOM   338  C  CB  . GLN A 1 48  ? 5.608   10.957  -11.836 1.00 67.20 ? 48  GLN A CB  1 
ATOM   339  C  CG  . GLN A 1 48  ? 6.182   11.966  -10.851 1.00 69.42 ? 48  GLN A CG  1 
ATOM   340  C  CD  . GLN A 1 48  ? 7.498   12.556  -11.317 1.00 72.66 ? 48  GLN A CD  1 
ATOM   341  O  OE1 . GLN A 1 48  ? 7.542   13.658  -11.867 1.00 74.30 ? 48  GLN A OE1 1 
ATOM   342  N  NE2 . GLN A 1 48  ? 8.582   11.818  -11.106 1.00 73.30 ? 48  GLN A NE2 1 
ATOM   343  N  N   . LYS A 1 49  ? 2.896   10.652  -9.533  1.00 61.53 ? 49  LYS A N   1 
ATOM   344  C  CA  . LYS A 1 49  ? 1.794   11.415  -8.970  1.00 60.00 ? 49  LYS A CA  1 
ATOM   345  C  C   . LYS A 1 49  ? 1.766   11.251  -7.458  1.00 59.41 ? 49  LYS A C   1 
ATOM   346  O  O   . LYS A 1 49  ? 1.939   10.151  -6.944  1.00 60.02 ? 49  LYS A O   1 
ATOM   347  C  CB  . LYS A 1 49  ? 0.477   10.922  -9.573  1.00 57.69 ? 49  LYS A CB  1 
ATOM   348  C  CG  . LYS A 1 49  ? -0.411  12.008  -10.141 1.00 56.75 ? 49  LYS A CG  1 
ATOM   349  C  CD  . LYS A 1 49  ? -1.332  11.422  -11.206 1.00 57.43 ? 49  LYS A CD  1 
ATOM   350  C  CE  . LYS A 1 49  ? -2.148  12.484  -11.936 1.00 57.01 ? 49  LYS A CE  1 
ATOM   351  N  NZ  . LYS A 1 49  ? -3.358  12.918  -11.179 1.00 58.02 ? 49  LYS A NZ  1 
ATOM   352  N  N   . ASP A 1 50  ? 1.570   12.342  -6.736  1.00 58.66 ? 50  ASP A N   1 
ATOM   353  C  CA  . ASP A 1 50  ? 1.504   12.229  -5.295  1.00 58.21 ? 50  ASP A CA  1 
ATOM   354  C  C   . ASP A 1 50  ? 0.158   11.602  -5.000  1.00 56.60 ? 50  ASP A C   1 
ATOM   355  O  O   . ASP A 1 50  ? -0.781  11.747  -5.777  1.00 57.31 ? 50  ASP A O   1 
ATOM   356  C  CB  . ASP A 1 50  ? 1.600   13.594  -4.623  1.00 60.86 ? 50  ASP A CB  1 
ATOM   357  C  CG  . ASP A 1 50  ? 1.336   13.522  -3.126  1.00 64.17 ? 50  ASP A CG  1 
ATOM   358  O  OD1 . ASP A 1 50  ? 2.090   12.819  -2.404  1.00 64.47 ? 50  ASP A OD1 1 
ATOM   359  O  OD2 . ASP A 1 50  ? 0.363   14.171  -2.674  1.00 66.99 ? 50  ASP A OD2 1 
ATOM   360  N  N   . ILE A 1 51  ? 0.070   10.909  -3.873  1.00 54.28 ? 51  ILE A N   1 
ATOM   361  C  CA  . ILE A 1 51  ? -1.150  10.230  -3.476  1.00 51.04 ? 51  ILE A CA  1 
ATOM   362  C  C   . ILE A 1 51  ? -2.375  11.155  -3.476  1.00 51.40 ? 51  ILE A C   1 
ATOM   363  O  O   . ILE A 1 51  ? -3.453  10.794  -3.950  1.00 49.02 ? 51  ILE A O   1 
ATOM   364  C  CB  . ILE A 1 51  ? -0.949  9.583   -2.084  1.00 47.98 ? 51  ILE A CB  1 
ATOM   365  C  CG1 . ILE A 1 51  ? -2.116  8.667   -1.750  1.00 44.58 ? 51  ILE A CG1 1 
ATOM   366  C  CG2 . ILE A 1 51  ? -0.767  10.657  -1.031  1.00 46.20 ? 51  ILE A CG2 1 
ATOM   367  C  CD1 . ILE A 1 51  ? -1.880  7.860   -0.506  1.00 44.69 ? 51  ILE A CD1 1 
ATOM   368  N  N   . PHE A 1 52  ? -2.189  12.363  -2.967  1.00 52.14 ? 52  PHE A N   1 
ATOM   369  C  CA  . PHE A 1 52  ? -3.271  13.332  -2.878  1.00 52.33 ? 52  PHE A CA  1 
ATOM   370  C  C   . PHE A 1 52  ? -3.877  13.753  -4.208  1.00 53.48 ? 52  PHE A C   1 
ATOM   371  O  O   . PHE A 1 52  ? -5.026  14.188  -4.252  1.00 52.46 ? 52  PHE A O   1 
ATOM   372  C  CB  . PHE A 1 52  ? -2.780  14.562  -2.117  1.00 50.60 ? 52  PHE A CB  1 
ATOM   373  C  CG  . PHE A 1 52  ? -2.709  14.355  -0.641  1.00 50.24 ? 52  PHE A CG  1 
ATOM   374  C  CD1 . PHE A 1 52  ? -3.872  14.290  0.115   1.00 50.00 ? 52  PHE A CD1 1 
ATOM   375  C  CD2 . PHE A 1 52  ? -1.485  14.165  -0.008  1.00 50.75 ? 52  PHE A CD2 1 
ATOM   376  C  CE1 . PHE A 1 52  ? -3.824  14.038  1.482   1.00 49.12 ? 52  PHE A CE1 1 
ATOM   377  C  CE2 . PHE A 1 52  ? -1.427  13.907  1.375   1.00 50.43 ? 52  PHE A CE2 1 
ATOM   378  C  CZ  . PHE A 1 52  ? -2.600  13.846  2.116   1.00 48.60 ? 52  PHE A CZ  1 
ATOM   379  N  N   . ASP A 1 53  ? -3.114  13.615  -5.288  1.00 55.83 ? 53  ASP A N   1 
ATOM   380  C  CA  . ASP A 1 53  ? -3.587  14.004  -6.615  1.00 58.38 ? 53  ASP A CA  1 
ATOM   381  C  C   . ASP A 1 53  ? -4.193  12.861  -7.407  1.00 58.87 ? 53  ASP A C   1 
ATOM   382  O  O   . ASP A 1 53  ? -4.644  13.057  -8.536  1.00 60.01 ? 53  ASP A O   1 
ATOM   383  C  CB  . ASP A 1 53  ? -2.445  14.589  -7.447  1.00 60.33 ? 53  ASP A CB  1 
ATOM   384  C  CG  . ASP A 1 53  ? -1.720  15.699  -6.738  1.00 62.07 ? 53  ASP A CG  1 
ATOM   385  O  OD1 . ASP A 1 53  ? -2.397  16.586  -6.172  1.00 61.62 ? 53  ASP A OD1 1 
ATOM   386  O  OD2 . ASP A 1 53  ? -0.471  15.681  -6.762  1.00 65.36 ? 53  ASP A OD2 1 
ATOM   387  N  N   . LEU A 1 54  ? -4.190  11.669  -6.832  1.00 58.55 ? 54  LEU A N   1 
ATOM   388  C  CA  . LEU A 1 54  ? -4.735  10.505  -7.517  1.00 58.28 ? 54  LEU A CA  1 
ATOM   389  C  C   . LEU A 1 54  ? -6.245  10.575  -7.782  1.00 58.63 ? 54  LEU A C   1 
ATOM   390  O  O   . LEU A 1 54  ? -7.043  10.857  -6.878  1.00 57.89 ? 54  LEU A O   1 
ATOM   391  C  CB  . LEU A 1 54  ? -4.392  9.253   -6.716  1.00 57.43 ? 54  LEU A CB  1 
ATOM   392  C  CG  . LEU A 1 54  ? -3.152  8.468   -7.144  1.00 56.94 ? 54  LEU A CG  1 
ATOM   393  C  CD1 . LEU A 1 54  ? -2.146  9.382   -7.821  1.00 58.18 ? 54  LEU A CD1 1 
ATOM   394  C  CD2 . LEU A 1 54  ? -2.562  7.779   -5.927  1.00 55.06 ? 54  LEU A CD2 1 
ATOM   395  N  N   . THR A 1 55  ? -6.632  10.318  -9.029  1.00 58.29 ? 55  THR A N   1 
ATOM   396  C  CA  . THR A 1 55  ? -8.044  10.337  -9.410  1.00 59.78 ? 55  THR A CA  1 
ATOM   397  C  C   . THR A 1 55  ? -8.462  8.930   -9.766  1.00 59.75 ? 55  THR A C   1 
ATOM   398  O  O   . THR A 1 55  ? -7.638  8.141   -10.222 1.00 60.58 ? 55  THR A O   1 
ATOM   399  C  CB  . THR A 1 55  ? -8.289  11.178  -10.655 1.00 60.87 ? 55  THR A CB  1 
ATOM   400  O  OG1 . THR A 1 55  ? -7.693  10.518  -11.781 1.00 62.67 ? 55  THR A OG1 1 
ATOM   401  C  CG2 . THR A 1 55  ? -7.682  12.565  -10.497 1.00 61.70 ? 55  THR A CG2 1 
ATOM   402  N  N   . LEU A 1 56  ? -9.740  8.616   -9.575  1.00 59.73 ? 56  LEU A N   1 
ATOM   403  C  CA  . LEU A 1 56  ? -10.251 7.285   -9.899  1.00 59.59 ? 56  LEU A CA  1 
ATOM   404  C  C   . LEU A 1 56  ? -9.686  6.800   -11.232 1.00 60.30 ? 56  LEU A C   1 
ATOM   405  O  O   . LEU A 1 56  ? -9.299  5.636   -11.371 1.00 60.75 ? 56  LEU A O   1 
ATOM   406  C  CB  . LEU A 1 56  ? -11.778 7.301   -9.977  1.00 58.69 ? 56  LEU A CB  1 
ATOM   407  C  CG  . LEU A 1 56  ? -12.456 5.962   -10.308 1.00 57.39 ? 56  LEU A CG  1 
ATOM   408  C  CD1 . LEU A 1 56  ? -12.247 4.973   -9.165  1.00 54.73 ? 56  LEU A CD1 1 
ATOM   409  C  CD2 . LEU A 1 56  ? -13.944 6.184   -10.548 1.00 55.42 ? 56  LEU A CD2 1 
ATOM   410  N  N   . SER A 1 57  ? -9.635  7.699   -12.209 1.00 61.13 ? 57  SER A N   1 
ATOM   411  C  CA  . SER A 1 57  ? -9.118  7.372   -13.536 1.00 61.03 ? 57  SER A CA  1 
ATOM   412  C  C   . SER A 1 57  ? -7.801  6.593   -13.512 1.00 60.24 ? 57  SER A C   1 
ATOM   413  O  O   . SER A 1 57  ? -7.733  5.476   -14.018 1.00 60.28 ? 57  SER A O   1 
ATOM   414  C  CB  . SER A 1 57  ? -8.939  8.646   -14.361 1.00 61.68 ? 57  SER A CB  1 
ATOM   415  O  OG  . SER A 1 57  ? -8.386  8.348   -15.628 1.00 61.14 ? 57  SER A OG  1 
ATOM   416  N  N   . ASP A 1 58  ? -6.756  7.169   -12.926 1.00 60.77 ? 58  ASP A N   1 
ATOM   417  C  CA  . ASP A 1 58  ? -5.471  6.475   -12.892 1.00 62.14 ? 58  ASP A CA  1 
ATOM   418  C  C   . ASP A 1 58  ? -5.363  5.334   -11.878 1.00 60.68 ? 58  ASP A C   1 
ATOM   419  O  O   . ASP A 1 58  ? -4.353  4.633   -11.830 1.00 61.26 ? 58  ASP A O   1 
ATOM   420  C  CB  . ASP A 1 58  ? -4.309  7.467   -12.702 1.00 65.28 ? 58  ASP A CB  1 
ATOM   421  C  CG  . ASP A 1 58  ? -4.683  8.664   -11.852 1.00 68.49 ? 58  ASP A CG  1 
ATOM   422  O  OD1 . ASP A 1 58  ? -5.385  8.477   -10.841 1.00 72.49 ? 58  ASP A OD1 1 
ATOM   423  O  OD2 . ASP A 1 58  ? -4.258  9.795   -12.189 1.00 67.95 ? 58  ASP A OD2 1 
ATOM   424  N  N   . LEU A 1 59  ? -6.408  5.133   -11.084 1.00 58.90 ? 59  LEU A N   1 
ATOM   425  C  CA  . LEU A 1 59  ? -6.408  4.051   -10.108 1.00 57.74 ? 59  LEU A CA  1 
ATOM   426  C  C   . LEU A 1 59  ? -7.066  2.806   -10.700 1.00 59.03 ? 59  LEU A C   1 
ATOM   427  O  O   . LEU A 1 59  ? -6.607  1.684   -10.485 1.00 59.62 ? 59  LEU A O   1 
ATOM   428  C  CB  . LEU A 1 59  ? -7.165  4.473   -8.853  1.00 55.66 ? 59  LEU A CB  1 
ATOM   429  C  CG  . LEU A 1 59  ? -6.375  4.532   -7.548  1.00 54.11 ? 59  LEU A CG  1 
ATOM   430  C  CD1 . LEU A 1 59  ? -5.099  5.334   -7.758  1.00 53.61 ? 59  LEU A CD1 1 
ATOM   431  C  CD2 . LEU A 1 59  ? -7.241  5.151   -6.461  1.00 51.08 ? 59  LEU A CD2 1 
ATOM   432  N  N   . SER A 1 60  ? -8.145  3.009   -11.451 1.00 60.03 ? 60  SER A N   1 
ATOM   433  C  CA  . SER A 1 60  ? -8.870  1.903   -12.058 1.00 60.84 ? 60  SER A CA  1 
ATOM   434  C  C   . SER A 1 60  ? -8.088  1.224   -13.184 1.00 61.49 ? 60  SER A C   1 
ATOM   435  O  O   . SER A 1 60  ? -8.590  0.322   -13.849 1.00 62.02 ? 60  SER A O   1 
ATOM   436  C  CB  . SER A 1 60  ? -10.233 2.391   -12.554 1.00 60.85 ? 60  SER A CB  1 
ATOM   437  O  OG  . SER A 1 60  ? -10.106 3.599   -13.280 1.00 60.98 ? 60  SER A OG  1 
ATOM   438  N  N   . ASP A 1 61  ? -6.856  1.667   -13.402 1.00 62.44 ? 61  ASP A N   1 
ATOM   439  C  CA  . ASP A 1 61  ? -6.000  1.059   -14.413 1.00 63.46 ? 61  ASP A CA  1 
ATOM   440  C  C   . ASP A 1 61  ? -5.467  -0.225  -13.799 1.00 62.24 ? 61  ASP A C   1 
ATOM   441  O  O   . ASP A 1 61  ? -5.038  -1.141  -14.499 1.00 62.58 ? 61  ASP A O   1 
ATOM   442  C  CB  . ASP A 1 61  ? -4.813  1.973   -14.711 1.00 68.22 ? 61  ASP A CB  1 
ATOM   443  C  CG  . ASP A 1 61  ? -4.952  2.706   -16.017 1.00 73.04 ? 61  ASP A CG  1 
ATOM   444  O  OD1 . ASP A 1 61  ? -6.103  3.020   -16.403 1.00 75.93 ? 61  ASP A OD1 1 
ATOM   445  O  OD2 . ASP A 1 61  ? -3.903  2.979   -16.642 1.00 76.26 ? 61  ASP A OD2 1 
ATOM   446  N  N   . GLN A 1 62  ? -5.518  -0.275  -12.470 1.00 60.37 ? 62  GLN A N   1 
ATOM   447  C  CA  . GLN A 1 62  ? -4.994  -1.391  -11.689 1.00 57.13 ? 62  GLN A CA  1 
ATOM   448  C  C   . GLN A 1 62  ? -6.027  -2.329  -11.093 1.00 55.84 ? 62  GLN A C   1 
ATOM   449  O  O   . GLN A 1 62  ? -7.149  -1.928  -10.795 1.00 58.46 ? 62  GLN A O   1 
ATOM   450  C  CB  . GLN A 1 62  ? -4.152  -0.828  -10.549 1.00 56.44 ? 62  GLN A CB  1 
ATOM   451  C  CG  . GLN A 1 62  ? -3.267  0.319   -10.965 1.00 53.87 ? 62  GLN A CG  1 
ATOM   452  C  CD  . GLN A 1 62  ? -2.161  -0.117  -11.902 1.00 53.35 ? 62  GLN A CD  1 
ATOM   453  O  OE1 . GLN A 1 62  ? -1.443  0.714   -12.447 1.00 53.78 ? 62  GLN A OE1 1 
ATOM   454  N  NE2 . GLN A 1 62  ? -2.013  -1.423  -12.089 1.00 50.94 ? 62  GLN A NE2 1 
ATOM   455  N  N   . ASN A 1 63  ? -5.628  -3.582  -10.903 1.00 53.14 ? 63  ASN A N   1 
ATOM   456  C  CA  . ASN A 1 63  ? -6.494  -4.590  -10.302 1.00 50.53 ? 63  ASN A CA  1 
ATOM   457  C  C   . ASN A 1 63  ? -6.358  -4.455  -8.789  1.00 49.06 ? 63  ASN A C   1 
ATOM   458  O  O   . ASN A 1 63  ? -7.279  -4.764  -8.031  1.00 48.49 ? 63  ASN A O   1 
ATOM   459  C  CB  . ASN A 1 63  ? -6.075  -6.002  -10.748 1.00 50.71 ? 63  ASN A CB  1 
ATOM   460  C  CG  . ASN A 1 63  ? -6.304  -6.239  -12.237 1.00 52.76 ? 63  ASN A CG  1 
ATOM   461  O  OD1 . ASN A 1 63  ? -5.355  -6.437  -13.008 1.00 53.10 ? 63  ASN A OD1 1 
ATOM   462  N  ND2 . ASN A 1 63  ? -7.570  -6.210  -12.650 1.00 52.90 ? 63  ASN A ND2 1 
ATOM   463  N  N   . VAL A 1 64  ? -5.190  -3.982  -8.360  1.00 48.12 ? 64  VAL A N   1 
ATOM   464  C  CA  . VAL A 1 64  ? -4.896  -3.776  -6.949  1.00 45.86 ? 64  VAL A CA  1 
ATOM   465  C  C   . VAL A 1 64  ? -4.008  -2.569  -6.748  1.00 44.48 ? 64  VAL A C   1 
ATOM   466  O  O   . VAL A 1 64  ? -3.059  -2.354  -7.490  1.00 44.85 ? 64  VAL A O   1 
ATOM   467  C  CB  . VAL A 1 64  ? -4.154  -4.980  -6.333  1.00 46.45 ? 64  VAL A CB  1 
ATOM   468  C  CG1 . VAL A 1 64  ? -3.621  -4.607  -4.947  1.00 46.17 ? 64  VAL A CG1 1 
ATOM   469  C  CG2 . VAL A 1 64  ? -5.097  -6.165  -6.212  1.00 47.47 ? 64  VAL A CG2 1 
ATOM   470  N  N   . VAL A 1 65  ? -4.326  -1.781  -5.735  1.00 44.42 ? 65  VAL A N   1 
ATOM   471  C  CA  . VAL A 1 65  ? -3.517  -0.617  -5.407  1.00 43.29 ? 65  VAL A CA  1 
ATOM   472  C  C   . VAL A 1 65  ? -3.003  -0.793  -3.975  1.00 42.23 ? 65  VAL A C   1 
ATOM   473  O  O   . VAL A 1 65  ? -3.783  -0.785  -3.014  1.00 40.71 ? 65  VAL A O   1 
ATOM   474  C  CB  . VAL A 1 65  ? -4.333  0.693   -5.506  1.00 43.51 ? 65  VAL A CB  1 
ATOM   475  C  CG1 . VAL A 1 65  ? -3.471  1.877   -5.095  1.00 42.95 ? 65  VAL A CG1 1 
ATOM   476  C  CG2 . VAL A 1 65  ? -4.837  0.888   -6.923  1.00 43.98 ? 65  VAL A CG2 1 
ATOM   477  N  N   . VAL A 1 66  ? -1.693  -0.981  -3.842  1.00 41.09 ? 66  VAL A N   1 
ATOM   478  C  CA  . VAL A 1 66  ? -1.075  -1.137  -2.530  1.00 39.27 ? 66  VAL A CA  1 
ATOM   479  C  C   . VAL A 1 66  ? -0.717  0.228   -1.977  1.00 38.70 ? 66  VAL A C   1 
ATOM   480  O  O   . VAL A 1 66  ? 0.101   0.936   -2.551  1.00 35.87 ? 66  VAL A O   1 
ATOM   481  C  CB  . VAL A 1 66  ? 0.216   -1.974  -2.589  1.00 37.47 ? 66  VAL A CB  1 
ATOM   482  C  CG1 . VAL A 1 66  ? 0.930   -1.917  -1.241  1.00 36.27 ? 66  VAL A CG1 1 
ATOM   483  C  CG2 . VAL A 1 66  ? -0.114  -3.412  -2.931  1.00 34.34 ? 66  VAL A CG2 1 
ATOM   484  N  N   . ASP A 1 67  ? -1.341  0.597   -0.867  1.00 40.39 ? 67  ASP A N   1 
ATOM   485  C  CA  . ASP A 1 67  ? -1.048  1.879   -0.253  1.00 44.24 ? 67  ASP A CA  1 
ATOM   486  C  C   . ASP A 1 67  ? 0.076   1.690   0.757   1.00 45.05 ? 67  ASP A C   1 
ATOM   487  O  O   . ASP A 1 67  ? -0.158  1.310   1.911   1.00 44.59 ? 67  ASP A O   1 
ATOM   488  C  CB  . ASP A 1 67  ? -2.291  2.462   0.438   1.00 45.63 ? 67  ASP A CB  1 
ATOM   489  C  CG  . ASP A 1 67  ? -2.026  3.837   1.057   1.00 47.34 ? 67  ASP A CG  1 
ATOM   490  O  OD1 . ASP A 1 67  ? -0.924  4.389   0.839   1.00 47.51 ? 67  ASP A OD1 1 
ATOM   491  O  OD2 . ASP A 1 67  ? -2.921  4.365   1.756   1.00 46.97 ? 67  ASP A OD2 1 
ATOM   492  N  N   . ALA A 1 68  ? 1.299   1.921   0.298   1.00 45.14 ? 68  ALA A N   1 
ATOM   493  C  CA  . ALA A 1 68  ? 2.459   1.808   1.156   1.00 47.63 ? 68  ALA A CA  1 
ATOM   494  C  C   . ALA A 1 68  ? 3.017   3.222   1.261   1.00 51.04 ? 68  ALA A C   1 
ATOM   495  O  O   . ALA A 1 68  ? 4.157   3.506   0.878   1.00 52.10 ? 68  ALA A O   1 
ATOM   496  C  CB  . ALA A 1 68  ? 3.465   0.878   0.545   1.00 46.16 ? 68  ALA A CB  1 
ATOM   497  N  N   . TYR A 1 69  ? 2.181   4.117   1.767   1.00 52.65 ? 69  TYR A N   1 
ATOM   498  C  CA  . TYR A 1 69  ? 2.539   5.513   1.928   1.00 53.35 ? 69  TYR A CA  1 
ATOM   499  C  C   . TYR A 1 69  ? 3.356   5.715   3.191   1.00 55.64 ? 69  TYR A C   1 
ATOM   500  O  O   . TYR A 1 69  ? 3.153   5.022   4.193   1.00 55.28 ? 69  TYR A O   1 
ATOM   501  C  CB  . TYR A 1 69  ? 1.270   6.343   2.012   1.00 51.04 ? 69  TYR A CB  1 
ATOM   502  C  CG  . TYR A 1 69  ? 1.492   7.832   2.071   1.00 48.55 ? 69  TYR A CG  1 
ATOM   503  C  CD1 . TYR A 1 69  ? 1.872   8.541   0.933   1.00 48.01 ? 69  TYR A CD1 1 
ATOM   504  C  CD2 . TYR A 1 69  ? 1.251   8.546   3.248   1.00 46.67 ? 69  TYR A CD2 1 
ATOM   505  C  CE1 . TYR A 1 69  ? 1.996   9.927   0.960   1.00 48.34 ? 69  TYR A CE1 1 
ATOM   506  C  CE2 . TYR A 1 69  ? 1.377   9.929   3.287   1.00 45.96 ? 69  TYR A CE2 1 
ATOM   507  C  CZ  . TYR A 1 69  ? 1.744   10.609  2.140   1.00 47.62 ? 69  TYR A CZ  1 
ATOM   508  O  OH  . TYR A 1 69  ? 1.834   11.979  2.158   1.00 50.48 ? 69  TYR A OH  1 
ATOM   509  N  N   . GLY A 1 70  ? 4.274   6.676   3.140   1.00 57.88 ? 70  GLY A N   1 
ATOM   510  C  CA  . GLY A 1 70  ? 5.103   6.972   4.296   1.00 60.70 ? 70  GLY A CA  1 
ATOM   511  C  C   . GLY A 1 70  ? 6.579   6.709   4.070   1.00 63.04 ? 70  GLY A C   1 
ATOM   512  O  O   . GLY A 1 70  ? 7.172   5.874   4.745   1.00 62.84 ? 70  GLY A O   1 
ATOM   513  N  N   . ILE A 1 71  ? 7.167   7.432   3.120   1.00 65.12 ? 71  ILE A N   1 
ATOM   514  C  CA  . ILE A 1 71  ? 8.580   7.282   2.782   1.00 67.77 ? 71  ILE A CA  1 
ATOM   515  C  C   . ILE A 1 71  ? 9.448   8.331   3.471   1.00 68.63 ? 71  ILE A C   1 
ATOM   516  O  O   . ILE A 1 71  ? 10.676  8.212   3.498   1.00 68.57 ? 71  ILE A O   1 
ATOM   517  C  CB  . ILE A 1 71  ? 8.797   7.438   1.267   1.00 69.19 ? 71  ILE A CB  1 
ATOM   518  C  CG1 . ILE A 1 71  ? 7.885   6.464   0.517   1.00 70.29 ? 71  ILE A CG1 1 
ATOM   519  C  CG2 . ILE A 1 71  ? 10.275  7.208   0.920   1.00 71.19 ? 71  ILE A CG2 1 
ATOM   520  C  CD1 . ILE A 1 71  ? 7.725   6.783   -0.972  1.00 71.84 ? 71  ILE A CD1 1 
ATOM   521  N  N   . SER A 1 72  ? 8.807   9.356   4.025   1.00 69.63 ? 72  SER A N   1 
ATOM   522  C  CA  . SER A 1 72  ? 9.535   10.442  4.673   1.00 68.93 ? 72  SER A CA  1 
ATOM   523  C  C   . SER A 1 72  ? 8.791   11.017  5.879   1.00 68.53 ? 72  SER A C   1 
ATOM   524  O  O   . SER A 1 72  ? 7.642   10.668  6.140   1.00 68.61 ? 72  SER A O   1 
ATOM   525  C  CB  . SER A 1 72  ? 9.784   11.552  3.663   1.00 68.00 ? 72  SER A CB  1 
ATOM   526  O  OG  . SER A 1 72  ? 8.567   12.214  3.389   1.00 68.94 ? 72  SER A OG  1 
ATOM   527  N  N   . PRO A 1 73  ? 9.444   11.936  6.613   1.00 67.83 ? 73  PRO A N   1 
ATOM   528  C  CA  . PRO A 1 73  ? 8.874   12.574  7.802   1.00 66.47 ? 73  PRO A CA  1 
ATOM   529  C  C   . PRO A 1 73  ? 7.524   13.249  7.593   1.00 65.39 ? 73  PRO A C   1 
ATOM   530  O  O   . PRO A 1 73  ? 6.621   13.108  8.425   1.00 65.91 ? 73  PRO A O   1 
ATOM   531  C  CB  . PRO A 1 73  ? 9.949   13.580  8.204   1.00 66.63 ? 73  PRO A CB  1 
ATOM   532  C  CG  . PRO A 1 73  ? 11.211  12.973  7.667   1.00 66.35 ? 73  PRO A CG  1 
ATOM   533  C  CD  . PRO A 1 73  ? 10.778  12.494  6.324   1.00 66.48 ? 73  PRO A CD  1 
ATOM   534  N  N   . ASP A 1 74  ? 7.389   13.987  6.494   1.00 63.25 ? 74  ASP A N   1 
ATOM   535  C  CA  . ASP A 1 74  ? 6.146   14.700  6.220   1.00 61.67 ? 74  ASP A CA  1 
ATOM   536  C  C   . ASP A 1 74  ? 5.009   13.749  5.890   1.00 60.76 ? 74  ASP A C   1 
ATOM   537  O  O   . ASP A 1 74  ? 3.877   13.952  6.336   1.00 60.68 ? 74  ASP A O   1 
ATOM   538  C  CB  . ASP A 1 74  ? 6.343   15.704  5.083   1.00 61.81 ? 74  ASP A CB  1 
ATOM   539  C  CG  . ASP A 1 74  ? 6.447   15.043  3.730   1.00 62.26 ? 74  ASP A CG  1 
ATOM   540  O  OD1 . ASP A 1 74  ? 5.425   14.996  3.008   1.00 62.96 ? 74  ASP A OD1 1 
ATOM   541  O  OD2 . ASP A 1 74  ? 7.548   14.568  3.395   1.00 59.81 ? 74  ASP A OD2 1 
ATOM   542  N  N   . GLU A 1 75  ? 5.303   12.709  5.116   1.00 59.34 ? 75  GLU A N   1 
ATOM   543  C  CA  . GLU A 1 75  ? 4.281   11.739  4.768   1.00 57.23 ? 75  GLU A CA  1 
ATOM   544  C  C   . GLU A 1 75  ? 3.812   11.074  6.046   1.00 57.40 ? 75  GLU A C   1 
ATOM   545  O  O   . GLU A 1 75  ? 2.746   10.480  6.085   1.00 58.60 ? 75  GLU A O   1 
ATOM   546  C  CB  . GLU A 1 75  ? 4.826   10.675  3.814   1.00 55.87 ? 75  GLU A CB  1 
ATOM   547  C  CG  . GLU A 1 75  ? 5.268   11.203  2.462   1.00 57.41 ? 75  GLU A CG  1 
ATOM   548  C  CD  . GLU A 1 75  ? 5.361   10.117  1.396   1.00 58.10 ? 75  GLU A CD  1 
ATOM   549  O  OE1 . GLU A 1 75  ? 5.382   8.912   1.748   1.00 56.88 ? 75  GLU A OE1 1 
ATOM   550  O  OE2 . GLU A 1 75  ? 5.424   10.479  0.200   1.00 58.08 ? 75  GLU A OE2 1 
ATOM   551  N  N   . ALA A 1 76  ? 4.611   11.189  7.099   1.00 58.34 ? 76  ALA A N   1 
ATOM   552  C  CA  . ALA A 1 76  ? 4.277   10.567  8.372   1.00 59.38 ? 76  ALA A CA  1 
ATOM   553  C  C   . ALA A 1 76  ? 3.192   11.312  9.127   1.00 60.13 ? 76  ALA A C   1 
ATOM   554  O  O   . ALA A 1 76  ? 2.639   10.792  10.091  1.00 62.12 ? 76  ALA A O   1 
ATOM   555  C  CB  . ALA A 1 76  ? 5.527   10.439  9.238   1.00 58.52 ? 76  ALA A CB  1 
ATOM   556  N  N   . GLU A 1 77  ? 2.878   12.527  8.698   1.00 59.20 ? 77  GLU A N   1 
ATOM   557  C  CA  . GLU A 1 77  ? 1.835   13.279  9.382   1.00 60.06 ? 77  GLU A CA  1 
ATOM   558  C  C   . GLU A 1 77  ? 0.566   13.294  8.538   1.00 59.79 ? 77  GLU A C   1 
ATOM   559  O  O   . GLU A 1 77  ? -0.496  13.721  8.999   1.00 60.59 ? 77  GLU A O   1 
ATOM   560  C  CB  . GLU A 1 77  ? 2.283   14.723  9.615   1.00 60.35 ? 77  GLU A CB  1 
ATOM   561  C  CG  . GLU A 1 77  ? 3.740   14.889  9.963   1.00 60.69 ? 77  GLU A CG  1 
ATOM   562  C  CD  . GLU A 1 77  ? 4.129   16.352  10.062  1.00 61.43 ? 77  GLU A CD  1 
ATOM   563  O  OE1 . GLU A 1 77  ? 5.332   16.665  9.936   1.00 61.44 ? 77  GLU A OE1 1 
ATOM   564  O  OE2 . GLU A 1 77  ? 3.231   17.189  10.271  1.00 63.27 ? 77  GLU A OE2 1 
ATOM   565  N  N   . LYS A 1 78  ? 0.680   12.815  7.302   1.00 58.19 ? 78  LYS A N   1 
ATOM   566  C  CA  . LYS A 1 78  ? -0.435  12.815  6.362   1.00 56.44 ? 78  LYS A CA  1 
ATOM   567  C  C   . LYS A 1 78  ? -1.077  11.461  6.066   1.00 56.56 ? 78  LYS A C   1 
ATOM   568  O  O   . LYS A 1 78  ? -1.755  11.308  5.052   1.00 56.96 ? 78  LYS A O   1 
ATOM   569  C  CB  . LYS A 1 78  ? 0.032   13.448  5.047   1.00 54.87 ? 78  LYS A CB  1 
ATOM   570  C  CG  . LYS A 1 78  ? 0.400   14.915  5.185   1.00 52.54 ? 78  LYS A CG  1 
ATOM   571  C  CD  . LYS A 1 78  ? 0.908   15.542  3.897   1.00 47.60 ? 78  LYS A CD  1 
ATOM   572  C  CE  . LYS A 1 78  ? 2.342   15.170  3.642   1.00 47.86 ? 78  LYS A CE  1 
ATOM   573  N  NZ  . LYS A 1 78  ? 2.921   15.980  2.541   1.00 49.22 ? 78  LYS A NZ  1 
ATOM   574  N  N   . HIS A 1 79  ? -0.883  10.487  6.947   1.00 56.22 ? 79  HIS A N   1 
ATOM   575  C  CA  . HIS A 1 79  ? -1.446  9.157   6.723   1.00 56.21 ? 79  HIS A CA  1 
ATOM   576  C  C   . HIS A 1 79  ? -2.965  9.085   6.704   1.00 55.73 ? 79  HIS A C   1 
ATOM   577  O  O   . HIS A 1 79  ? -3.562  8.643   5.726   1.00 55.58 ? 79  HIS A O   1 
ATOM   578  C  CB  . HIS A 1 79  ? -0.908  8.173   7.762   1.00 56.19 ? 79  HIS A CB  1 
ATOM   579  C  CG  . HIS A 1 79  ? 0.397   7.563   7.379   1.00 56.62 ? 79  HIS A CG  1 
ATOM   580  N  ND1 . HIS A 1 79  ? 1.583   7.878   8.006   1.00 56.92 ? 79  HIS A ND1 1 
ATOM   581  C  CD2 . HIS A 1 79  ? 0.712   6.681   6.400   1.00 56.65 ? 79  HIS A CD2 1 
ATOM   582  C  CE1 . HIS A 1 79  ? 2.571   7.214   7.432   1.00 57.56 ? 79  HIS A CE1 1 
ATOM   583  N  NE2 . HIS A 1 79  ? 2.066   6.481   6.455   1.00 56.53 ? 79  HIS A NE2 1 
ATOM   584  N  N   . VAL A 1 80  ? -3.586  9.502   7.795   1.00 55.75 ? 80  VAL A N   1 
ATOM   585  C  CA  . VAL A 1 80  ? -5.033  9.483   7.903   1.00 56.63 ? 80  VAL A CA  1 
ATOM   586  C  C   . VAL A 1 80  ? -5.670  10.343  6.813   1.00 56.39 ? 80  VAL A C   1 
ATOM   587  O  O   . VAL A 1 80  ? -6.695  9.986   6.235   1.00 57.90 ? 80  VAL A O   1 
ATOM   588  C  CB  . VAL A 1 80  ? -5.473  9.996   9.296   1.00 56.19 ? 80  VAL A CB  1 
ATOM   589  C  CG1 . VAL A 1 80  ? -4.596  11.183  9.700   1.00 60.09 ? 80  VAL A CG1 1 
ATOM   590  C  CG2 . VAL A 1 80  ? -6.951  10.396  9.273   1.00 54.91 ? 80  VAL A CG2 1 
ATOM   591  N  N   . THR A 1 81  ? -5.039  11.468  6.523   1.00 55.81 ? 81  THR A N   1 
ATOM   592  C  CA  . THR A 1 81  ? -5.565  12.378  5.523   1.00 55.39 ? 81  THR A CA  1 
ATOM   593  C  C   . THR A 1 81  ? -5.514  11.867  4.078   1.00 54.24 ? 81  THR A C   1 
ATOM   594  O  O   . THR A 1 81  ? -6.495  12.001  3.339   1.00 54.49 ? 81  THR A O   1 
ATOM   595  C  CB  . THR A 1 81  ? -4.865  13.754  5.658   1.00 55.01 ? 81  THR A CB  1 
ATOM   596  O  OG1 . THR A 1 81  ? -5.701  14.628  6.427   1.00 51.48 ? 81  THR A OG1 1 
ATOM   597  C  CG2 . THR A 1 81  ? -4.612  14.374  4.322   1.00 54.62 ? 81  THR A CG2 1 
ATOM   598  N  N   . SER A 1 82  ? -4.385  11.286  3.681   1.00 51.66 ? 82  SER A N   1 
ATOM   599  C  CA  . SER A 1 82  ? -4.233  10.757  2.327   1.00 49.11 ? 82  SER A CA  1 
ATOM   600  C  C   . SER A 1 82  ? -5.143  9.557   2.091   1.00 48.48 ? 82  SER A C   1 
ATOM   601  O  O   . SER A 1 82  ? -5.662  9.364   0.994   1.00 48.41 ? 82  SER A O   1 
ATOM   602  C  CB  . SER A 1 82  ? -2.779  10.353  2.070   1.00 48.23 ? 82  SER A CB  1 
ATOM   603  O  OG  . SER A 1 82  ? -2.303  9.498   3.092   1.00 44.52 ? 82  SER A OG  1 
ATOM   604  N  N   . LEU A 1 83  ? -5.331  8.739   3.117   1.00 46.88 ? 83  LEU A N   1 
ATOM   605  C  CA  . LEU A 1 83  ? -6.196  7.588   2.963   1.00 46.58 ? 83  LEU A CA  1 
ATOM   606  C  C   . LEU A 1 83  ? -7.617  8.092   2.765   1.00 46.47 ? 83  LEU A C   1 
ATOM   607  O  O   . LEU A 1 83  ? -8.366  7.561   1.942   1.00 45.28 ? 83  LEU A O   1 
ATOM   608  C  CB  . LEU A 1 83  ? -6.122  6.673   4.190   1.00 45.61 ? 83  LEU A CB  1 
ATOM   609  C  CG  . LEU A 1 83  ? -7.045  5.444   4.164   1.00 44.63 ? 83  LEU A CG  1 
ATOM   610  C  CD1 . LEU A 1 83  ? -6.857  4.672   2.858   1.00 42.23 ? 83  LEU A CD1 1 
ATOM   611  C  CD2 . LEU A 1 83  ? -6.754  4.553   5.366   1.00 42.30 ? 83  LEU A CD2 1 
ATOM   612  N  N   . ASP A 1 84  ? -7.989  9.126   3.513   1.00 46.44 ? 84  ASP A N   1 
ATOM   613  C  CA  . ASP A 1 84  ? -9.324  9.680   3.386   1.00 46.36 ? 84  ASP A CA  1 
ATOM   614  C  C   . ASP A 1 84  ? -9.564  10.044  1.929   1.00 46.79 ? 84  ASP A C   1 
ATOM   615  O  O   . ASP A 1 84  ? -10.641 9.770   1.393   1.00 48.27 ? 84  ASP A O   1 
ATOM   616  C  CB  . ASP A 1 84  ? -9.500  10.906  4.283   1.00 45.33 ? 84  ASP A CB  1 
ATOM   617  C  CG  . ASP A 1 84  ? -9.751  10.537  5.745   1.00 46.65 ? 84  ASP A CG  1 
ATOM   618  O  OD1 . ASP A 1 84  ? -9.947  9.342   6.060   1.00 47.31 ? 84  ASP A OD1 1 
ATOM   619  O  OD2 . ASP A 1 84  ? -9.760  11.456  6.593   1.00 47.82 ? 84  ASP A OD2 1 
ATOM   620  N  N   . HIS A 1 85  ? -8.561  10.639  1.282   1.00 44.56 ? 85  HIS A N   1 
ATOM   621  C  CA  . HIS A 1 85  ? -8.688  11.010  -0.121  1.00 43.45 ? 85  HIS A CA  1 
ATOM   622  C  C   . HIS A 1 85  ? -8.996  9.790   -0.988  1.00 44.49 ? 85  HIS A C   1 
ATOM   623  O  O   . HIS A 1 85  ? -9.908  9.820   -1.812  1.00 44.53 ? 85  HIS A O   1 
ATOM   624  C  CB  . HIS A 1 85  ? -7.409  11.673  -0.626  1.00 41.59 ? 85  HIS A CB  1 
ATOM   625  C  CG  . HIS A 1 85  ? -7.383  11.874  -2.111  1.00 42.36 ? 85  HIS A CG  1 
ATOM   626  N  ND1 . HIS A 1 85  ? -8.234  12.744  -2.761  1.00 44.65 ? 85  HIS A ND1 1 
ATOM   627  C  CD2 . HIS A 1 85  ? -6.634  11.293  -3.078  1.00 42.92 ? 85  HIS A CD2 1 
ATOM   628  C  CE1 . HIS A 1 85  ? -8.010  12.686  -4.063  1.00 44.76 ? 85  HIS A CE1 1 
ATOM   629  N  NE2 . HIS A 1 85  ? -7.044  11.813  -4.282  1.00 42.79 ? 85  HIS A NE2 1 
ATOM   630  N  N   . LEU A 1 86  ? -8.231  8.719   -0.802  1.00 45.56 ? 86  LEU A N   1 
ATOM   631  C  CA  . LEU A 1 86  ? -8.432  7.503   -1.578  1.00 46.70 ? 86  LEU A CA  1 
ATOM   632  C  C   . LEU A 1 86  ? -9.808  6.909   -1.321  1.00 48.12 ? 86  LEU A C   1 
ATOM   633  O  O   . LEU A 1 86  ? -10.452 6.403   -2.241  1.00 48.95 ? 86  LEU A O   1 
ATOM   634  C  CB  . LEU A 1 86  ? -7.346  6.472   -1.249  1.00 46.03 ? 86  LEU A CB  1 
ATOM   635  C  CG  . LEU A 1 86  ? -5.924  6.852   -1.683  1.00 46.62 ? 86  LEU A CG  1 
ATOM   636  C  CD1 . LEU A 1 86  ? -4.945  5.754   -1.308  1.00 44.12 ? 86  LEU A CD1 1 
ATOM   637  C  CD2 . LEU A 1 86  ? -5.896  7.078   -3.187  1.00 46.64 ? 86  LEU A CD2 1 
ATOM   638  N  N   . ILE A 1 87  ? -10.256 6.981   -0.071  1.00 48.60 ? 87  ILE A N   1 
ATOM   639  C  CA  . ILE A 1 87  ? -11.556 6.454   0.304   1.00 48.04 ? 87  ILE A CA  1 
ATOM   640  C  C   . ILE A 1 87  ? -12.675 7.157   -0.459  1.00 49.93 ? 87  ILE A C   1 
ATOM   641  O  O   . ILE A 1 87  ? -13.560 6.495   -0.997  1.00 51.86 ? 87  ILE A O   1 
ATOM   642  C  CB  . ILE A 1 87  ? -11.791 6.588   1.829   1.00 47.71 ? 87  ILE A CB  1 
ATOM   643  C  CG1 . ILE A 1 87  ? -11.051 5.460   2.553   1.00 44.34 ? 87  ILE A CG1 1 
ATOM   644  C  CG2 . ILE A 1 87  ? -13.297 6.568   2.152   1.00 46.15 ? 87  ILE A CG2 1 
ATOM   645  C  CD1 . ILE A 1 87  ? -10.920 5.668   4.051   0.50 44.25 ? 87  ILE A CD1 1 
ATOM   646  N  N   . SER A 1 88  ? -12.641 8.482   -0.531  1.00 50.09 ? 88  SER A N   1 
ATOM   647  C  CA  . SER A 1 88  ? -13.705 9.188   -1.250  1.00 52.42 ? 88  SER A CA  1 
ATOM   648  C  C   . SER A 1 88  ? -13.613 8.933   -2.760  1.00 52.54 ? 88  SER A C   1 
ATOM   649  O  O   . SER A 1 88  ? -14.628 8.780   -3.449  1.00 53.31 ? 88  SER A O   1 
ATOM   650  C  CB  . SER A 1 88  ? -13.656 10.699  -0.969  1.00 53.07 ? 88  SER A CB  1 
ATOM   651  O  OG  . SER A 1 88  ? -12.580 11.325  -1.650  1.00 56.09 ? 88  SER A OG  1 
ATOM   652  N  N   . VAL A 1 89  ? -12.392 8.884   -3.269  1.00 51.10 ? 89  VAL A N   1 
ATOM   653  C  CA  . VAL A 1 89  ? -12.173 8.655   -4.680  1.00 49.81 ? 89  VAL A CA  1 
ATOM   654  C  C   . VAL A 1 89  ? -12.593 7.241   -5.069  1.00 51.16 ? 89  VAL A C   1 
ATOM   655  O  O   . VAL A 1 89  ? -13.103 7.009   -6.166  1.00 51.04 ? 89  VAL A O   1 
ATOM   656  C  CB  . VAL A 1 89  ? -10.686 8.878   -5.030  1.00 49.20 ? 89  VAL A CB  1 
ATOM   657  C  CG1 . VAL A 1 89  ? -10.327 8.180   -6.327  1.00 48.04 ? 89  VAL A CG1 1 
ATOM   658  C  CG2 . VAL A 1 89  ? -10.415 10.361  -5.146  1.00 46.68 ? 89  VAL A CG2 1 
ATOM   659  N  N   . LEU A 1 90  ? -12.389 6.299   -4.156  1.00 51.90 ? 90  LEU A N   1 
ATOM   660  C  CA  . LEU A 1 90  ? -12.720 4.899   -4.413  1.00 52.42 ? 90  LEU A CA  1 
ATOM   661  C  C   . LEU A 1 90  ? -14.157 4.500   -4.088  1.00 53.20 ? 90  LEU A C   1 
ATOM   662  O  O   . LEU A 1 90  ? -14.596 3.411   -4.456  1.00 52.62 ? 90  LEU A O   1 
ATOM   663  C  CB  . LEU A 1 90  ? -11.776 3.995   -3.614  1.00 51.53 ? 90  LEU A CB  1 
ATOM   664  C  CG  . LEU A 1 90  ? -10.720 3.144   -4.317  1.00 51.35 ? 90  LEU A CG  1 
ATOM   665  C  CD1 . LEU A 1 90  ? -10.829 3.302   -5.818  1.00 51.77 ? 90  LEU A CD1 1 
ATOM   666  C  CD2 . LEU A 1 90  ? -9.342  3.553   -3.831  1.00 51.68 ? 90  LEU A CD2 1 
ATOM   667  N  N   . ASN A 1 91  ? -14.886 5.376   -3.404  1.00 53.96 ? 91  ASN A N   1 
ATOM   668  C  CA  . ASN A 1 91  ? -16.253 5.074   -3.000  1.00 56.48 ? 91  ASN A CA  1 
ATOM   669  C  C   . ASN A 1 91  ? -17.197 4.566   -4.093  1.00 57.41 ? 91  ASN A C   1 
ATOM   670  O  O   . ASN A 1 91  ? -17.107 4.993   -5.243  1.00 58.19 ? 91  ASN A O   1 
ATOM   671  C  CB  . ASN A 1 91  ? -16.880 6.291   -2.346  1.00 58.66 ? 91  ASN A CB  1 
ATOM   672  C  CG  . ASN A 1 91  ? -18.193 5.961   -1.679  1.00 61.31 ? 91  ASN A CG  1 
ATOM   673  O  OD1 . ASN A 1 91  ? -18.216 5.289   -0.644  1.00 64.74 ? 91  ASN A OD1 1 
ATOM   674  N  ND2 . ASN A 1 91  ? -19.296 6.409   -2.275  1.00 59.67 ? 91  ASN A ND2 1 
ATOM   675  N  N   . GLY A 1 92  ? -18.118 3.672   -3.708  1.00 57.39 ? 92  GLY A N   1 
ATOM   676  C  CA  . GLY A 1 92  ? -19.085 3.096   -4.636  1.00 56.57 ? 92  GLY A CA  1 
ATOM   677  C  C   . GLY A 1 92  ? -18.385 2.302   -5.722  1.00 57.08 ? 92  GLY A C   1 
ATOM   678  O  O   . GLY A 1 92  ? -18.764 2.335   -6.895  1.00 57.06 ? 92  GLY A O   1 
ATOM   679  N  N   . THR A 1 93  ? -17.386 1.533   -5.306  1.00 56.85 ? 93  THR A N   1 
ATOM   680  C  CA  . THR A 1 93  ? -16.578 0.779   -6.241  1.00 57.20 ? 93  THR A CA  1 
ATOM   681  C  C   . THR A 1 93  ? -16.060 -0.582  -5.755  1.00 57.95 ? 93  THR A C   1 
ATOM   682  O  O   . THR A 1 93  ? -16.039 -0.873  -4.559  1.00 59.46 ? 93  THR A O   1 
ATOM   683  C  CB  . THR A 1 93  ? -15.373 1.655   -6.617  1.00 58.28 ? 93  THR A CB  1 
ATOM   684  O  OG1 . THR A 1 93  ? -15.548 2.165   -7.939  1.00 60.04 ? 93  THR A OG1 1 
ATOM   685  C  CG2 . THR A 1 93  ? -14.073 0.900   -6.472  1.00 57.24 ? 93  THR A CG2 1 
ATOM   686  N  N   . VAL A 1 94  ? -15.639 -1.417  -6.701  1.00 57.92 ? 94  VAL A N   1 
ATOM   687  C  CA  . VAL A 1 94  ? -15.016 -2.700  -6.383  1.00 57.64 ? 94  VAL A CA  1 
ATOM   688  C  C   . VAL A 1 94  ? -13.817 -2.777  -7.374  1.00 57.91 ? 94  VAL A C   1 
ATOM   689  O  O   . VAL A 1 94  ? -13.055 -3.742  -7.349  1.00 56.56 ? 94  VAL A O   1 
ATOM   690  C  CB  . VAL A 1 94  ? -15.989 -3.913  -6.579  1.00 56.82 ? 94  VAL A CB  1 
ATOM   691  C  CG1 . VAL A 1 94  ? -16.420 -4.038  -8.037  1.00 53.27 ? 94  VAL A CG1 1 
ATOM   692  C  CG2 . VAL A 1 94  ? -15.292 -5.201  -6.097  1.00 56.09 ? 94  VAL A CG2 1 
ATOM   693  N  N   . SER A 1 95  ? -13.675 -1.728  -8.190  1.00 59.53 ? 95  SER A N   1 
ATOM   694  C  CA  . SER A 1 95  ? -12.671 -1.528  -9.241  1.00 61.40 ? 95  SER A CA  1 
ATOM   695  C  C   . SER A 1 95  ? -11.224 -1.974  -8.928  1.00 59.67 ? 95  SER A C   1 
ATOM   696  O  O   . SER A 1 95  ? -10.703 -2.802  -9.713  1.00 60.71 ? 95  SER A O   1 
ATOM   697  C  CB  . SER A 1 95  ? -12.718 -0.026  -9.672  1.00 63.73 ? 95  SER A CB  1 
ATOM   698  O  OG  . SER A 1 95  ? -12.564 0.760   -8.512  1.00 66.91 ? 95  SER A OG  1 
ATOM   699  N  N   . PRO A 1 96  ? -10.470 -1.257  -8.073  1.00 56.34 ? 96  PRO A N   1 
ATOM   700  C  CA  . PRO A 1 96  ? -9.136  -1.779  -7.781  1.00 54.21 ? 96  PRO A CA  1 
ATOM   701  C  C   . PRO A 1 96  ? -9.374  -2.164  -6.333  1.00 50.94 ? 96  PRO A C   1 
ATOM   702  O  O   . PRO A 1 96  ? -10.274 -1.621  -5.684  1.00 51.49 ? 96  PRO A O   1 
ATOM   703  C  CB  . PRO A 1 96  ? -8.218  -0.550  -7.853  1.00 53.90 ? 96  PRO A CB  1 
ATOM   704  C  CG  . PRO A 1 96  ? -8.780  0.227   -8.834  1.00 56.13 ? 96  PRO A CG  1 
ATOM   705  C  CD  . PRO A 1 96  ? -10.256 0.178   -8.394  1.00 55.09 ? 96  PRO A CD  1 
ATOM   706  N  N   . ARG A 1 97  ? -8.590  -3.078  -5.813  1.00 48.37 ? 97  ARG A N   1 
ATOM   707  C  CA  . ARG A 1 97  ? -8.727  -3.441  -4.415  1.00 46.49 ? 97  ARG A CA  1 
ATOM   708  C  C   . ARG A 1 97  ? -7.740  -2.501  -3.732  1.00 44.65 ? 97  ARG A C   1 
ATOM   709  O  O   . ARG A 1 97  ? -6.638  -2.307  -4.245  1.00 43.73 ? 97  ARG A O   1 
ATOM   710  C  CB  . ARG A 1 97  ? -8.299  -4.896  -4.226  1.00 46.54 ? 97  ARG A CB  1 
ATOM   711  C  CG  . ARG A 1 97  ? -8.623  -5.462  -2.885  1.00 45.32 ? 97  ARG A CG  1 
ATOM   712  C  CD  . ARG A 1 97  ? -8.291  -6.919  -2.863  1.00 42.89 ? 97  ARG A CD  1 
ATOM   713  N  NE  . ARG A 1 97  ? -8.120  -7.355  -1.490  1.00 40.48 ? 97  ARG A NE  1 
ATOM   714  C  CZ  . ARG A 1 97  ? -7.409  -8.418  -1.160  1.00 41.72 ? 97  ARG A CZ  1 
ATOM   715  N  NH1 . ARG A 1 97  ? -6.823  -9.130  -2.117  1.00 38.94 ? 97  ARG A NH1 1 
ATOM   716  N  NH2 . ARG A 1 97  ? -7.263  -8.747  0.118   1.00 43.92 ? 97  ARG A NH2 1 
ATOM   717  N  N   . LEU A 1 98  ? -8.123  -1.893  -2.609  1.00 43.26 ? 98  LEU A N   1 
ATOM   718  C  CA  . LEU A 1 98  ? -7.165  -1.014  -1.960  1.00 43.00 ? 98  LEU A CA  1 
ATOM   719  C  C   . LEU A 1 98  ? -6.555  -1.772  -0.797  1.00 43.25 ? 98  LEU A C   1 
ATOM   720  O  O   . LEU A 1 98  ? -7.245  -2.085  0.167   1.00 45.19 ? 98  LEU A O   1 
ATOM   721  C  CB  . LEU A 1 98  ? -7.823  0.264   -1.444  1.00 41.20 ? 98  LEU A CB  1 
ATOM   722  C  CG  . LEU A 1 98  ? -6.820  1.237   -0.812  1.00 39.36 ? 98  LEU A CG  1 
ATOM   723  C  CD1 . LEU A 1 98  ? -5.849  1.756   -1.866  1.00 35.38 ? 98  LEU A CD1 1 
ATOM   724  C  CD2 . LEU A 1 98  ? -7.558  2.378   -0.162  1.00 38.97 ? 98  LEU A CD2 1 
ATOM   725  N  N   . LEU A 1 99  ? -5.269  -2.081  -0.908  1.00 43.72 ? 99  LEU A N   1 
ATOM   726  C  CA  . LEU A 1 99  ? -4.548  -2.801  0.133   1.00 44.76 ? 99  LEU A CA  1 
ATOM   727  C  C   . LEU A 1 99  ? -3.711  -1.777  0.914   1.00 45.23 ? 99  LEU A C   1 
ATOM   728  O  O   . LEU A 1 99  ? -2.770  -1.189  0.377   1.00 43.93 ? 99  LEU A O   1 
ATOM   729  C  CB  . LEU A 1 99  ? -3.632  -3.848  -0.509  1.00 47.03 ? 99  LEU A CB  1 
ATOM   730  C  CG  . LEU A 1 99  ? -3.055  -5.029  0.283   1.00 50.13 ? 99  LEU A CG  1 
ATOM   731  C  CD1 . LEU A 1 99  ? -2.917  -4.694  1.757   1.00 52.75 ? 99  LEU A CD1 1 
ATOM   732  C  CD2 . LEU A 1 99  ? -3.977  -6.217  0.125   1.00 52.01 ? 99  LEU A CD2 1 
ATOM   733  N  N   . VAL A 1 100 ? -4.057  -1.563  2.177   1.00 45.98 ? 100 VAL A N   1 
ATOM   734  C  CA  . VAL A 1 100 ? -3.335  -0.601  3.005   1.00 48.87 ? 100 VAL A CA  1 
ATOM   735  C  C   . VAL A 1 100 ? -2.315  -1.313  3.891   1.00 50.52 ? 100 VAL A C   1 
ATOM   736  O  O   . VAL A 1 100 ? -2.662  -2.201  4.661   1.00 51.79 ? 100 VAL A O   1 
ATOM   737  C  CB  . VAL A 1 100 ? -4.315  0.197   3.888   1.00 48.77 ? 100 VAL A CB  1 
ATOM   738  C  CG1 . VAL A 1 100 ? -3.662  1.468   4.373   1.00 46.78 ? 100 VAL A CG1 1 
ATOM   739  C  CG2 . VAL A 1 100 ? -5.571  0.515   3.100   1.00 48.70 ? 100 VAL A CG2 1 
ATOM   740  N  N   . VAL A 1 101 ? -1.056  -0.903  3.791   1.00 53.02 ? 101 VAL A N   1 
ATOM   741  C  CA  . VAL A 1 101 ? 0.026   -1.524  4.553   1.00 54.62 ? 101 VAL A CA  1 
ATOM   742  C  C   . VAL A 1 101 ? 0.471   -0.760  5.803   1.00 57.84 ? 101 VAL A C   1 
ATOM   743  O  O   . VAL A 1 101 ? 0.916   0.381   5.700   1.00 58.87 ? 101 VAL A O   1 
ATOM   744  C  CB  . VAL A 1 101 ? 1.250   -1.706  3.647   1.00 53.10 ? 101 VAL A CB  1 
ATOM   745  C  CG1 . VAL A 1 101 ? 2.351   -2.414  4.402   1.00 53.12 ? 101 VAL A CG1 1 
ATOM   746  C  CG2 . VAL A 1 101 ? 0.860   -2.474  2.394   1.00 51.26 ? 101 VAL A CG2 1 
ATOM   747  N  N   . GLY A 1 102 ? 0.370   -1.390  6.974   1.00 60.83 ? 102 GLY A N   1 
ATOM   748  C  CA  . GLY A 1 102 ? 0.793   -0.743  8.212   1.00 65.50 ? 102 GLY A CA  1 
ATOM   749  C  C   . GLY A 1 102 ? 2.079   -1.344  8.770   1.00 68.98 ? 102 GLY A C   1 
ATOM   750  O  O   . GLY A 1 102 ? 2.740   -2.110  8.071   1.00 68.74 ? 102 GLY A O   1 
ATOM   751  N  N   . GLY A 1 103 ? 2.443   -1.011  10.012  1.00 72.85 ? 103 GLY A N   1 
ATOM   752  C  CA  . GLY A 1 103 ? 3.658   -1.570  10.607  1.00 76.41 ? 103 GLY A CA  1 
ATOM   753  C  C   . GLY A 1 103 ? 3.802   -1.435  12.120  1.00 79.60 ? 103 GLY A C   1 
ATOM   754  O  O   . GLY A 1 103 ? 4.805   -0.915  12.598  1.00 81.33 ? 103 GLY A O   1 
ATOM   755  N  N   . ALA A 1 104 ? 2.820   -1.934  12.871  1.00 82.43 ? 104 ALA A N   1 
ATOM   756  C  CA  . ALA A 1 104 ? 2.783   -1.854  14.341  1.00 86.03 ? 104 ALA A CA  1 
ATOM   757  C  C   . ALA A 1 104 ? 4.103   -1.872  15.141  1.00 88.52 ? 104 ALA A C   1 
ATOM   758  O  O   . ALA A 1 104 ? 4.870   -2.838  15.081  1.00 89.33 ? 104 ALA A O   1 
ATOM   759  C  CB  . ALA A 1 104 ? 1.847   -2.946  14.881  1.00 84.91 ? 104 ALA A CB  1 
ATOM   760  N  N   . ALA A 1 105 ? 4.337   -0.799  15.907  1.00 91.02 ? 105 ALA A N   1 
ATOM   761  C  CA  . ALA A 1 105 ? 5.525   -0.652  16.762  1.00 92.86 ? 105 ALA A CA  1 
ATOM   762  C  C   . ALA A 1 105 ? 5.094   -0.415  18.220  1.00 93.84 ? 105 ALA A C   1 
ATOM   763  O  O   . ALA A 1 105 ? 5.892   -0.004  19.070  1.00 94.79 ? 105 ALA A O   1 
ATOM   764  C  CB  . ALA A 1 105 ? 6.396   0.516   16.273  1.00 92.43 ? 105 ALA A CB  1 
ATOM   765  N  N   . ALA A 1 125 ? 12.125  7.731   12.658  1.00 93.27 ? 125 ALA A N   1 
ATOM   766  C  CA  . ALA A 1 125 ? 12.714  6.829   11.668  1.00 92.71 ? 125 ALA A CA  1 
ATOM   767  C  C   . ALA A 1 125 ? 11.661  5.985   10.938  1.00 91.45 ? 125 ALA A C   1 
ATOM   768  O  O   . ALA A 1 125 ? 11.793  5.734   9.737   1.00 91.77 ? 125 ALA A O   1 
ATOM   769  C  CB  . ALA A 1 125 ? 13.751  5.920   12.339  1.00 93.20 ? 125 ALA A CB  1 
ATOM   770  N  N   . PRO A 1 126 ? 10.618  5.518   11.651  1.00 89.87 ? 126 PRO A N   1 
ATOM   771  C  CA  . PRO A 1 126 ? 9.568   4.709   11.016  1.00 87.98 ? 126 PRO A CA  1 
ATOM   772  C  C   . PRO A 1 126 ? 8.560   5.647   10.355  1.00 86.14 ? 126 PRO A C   1 
ATOM   773  O  O   . PRO A 1 126 ? 7.787   6.321   11.038  1.00 86.04 ? 126 PRO A O   1 
ATOM   774  C  CB  . PRO A 1 126 ? 8.971   3.945   12.194  1.00 88.10 ? 126 PRO A CB  1 
ATOM   775  C  CG  . PRO A 1 126 ? 9.047   4.958   13.301  1.00 88.38 ? 126 PRO A CG  1 
ATOM   776  C  CD  . PRO A 1 126 ? 10.431  5.563   13.115  1.00 89.31 ? 126 PRO A CD  1 
ATOM   777  N  N   . TYR A 1 127 ? 8.563   5.689   9.029   1.00 83.80 ? 127 TYR A N   1 
ATOM   778  C  CA  . TYR A 1 127 ? 7.669   6.592   8.321   1.00 82.48 ? 127 TYR A CA  1 
ATOM   779  C  C   . TYR A 1 127 ? 6.280   6.069   7.986   1.00 80.86 ? 127 TYR A C   1 
ATOM   780  O  O   . TYR A 1 127 ? 5.501   6.763   7.344   1.00 79.77 ? 127 TYR A O   1 
ATOM   781  C  CB  . TYR A 1 127 ? 8.359   7.109   7.061   1.00 82.63 ? 127 TYR A CB  1 
ATOM   782  C  CG  . TYR A 1 127 ? 9.681   7.758   7.361   1.00 82.62 ? 127 TYR A CG  1 
ATOM   783  C  CD1 . TYR A 1 127 ? 9.823   8.609   8.458   1.00 83.36 ? 127 TYR A CD1 1 
ATOM   784  C  CD2 . TYR A 1 127 ? 10.797  7.514   6.566   1.00 83.61 ? 127 TYR A CD2 1 
ATOM   785  C  CE1 . TYR A 1 127 ? 11.044  9.200   8.761   1.00 85.36 ? 127 TYR A CE1 1 
ATOM   786  C  CE2 . TYR A 1 127 ? 12.030  8.103   6.852   1.00 85.60 ? 127 TYR A CE2 1 
ATOM   787  C  CZ  . TYR A 1 127 ? 12.148  8.943   7.954   1.00 86.68 ? 127 TYR A CZ  1 
ATOM   788  O  OH  . TYR A 1 127 ? 13.368  9.520   8.253   1.00 87.42 ? 127 TYR A OH  1 
ATOM   789  N  N   . TYR A 1 128 ? 5.968   4.854   8.418   1.00 80.17 ? 128 TYR A N   1 
ATOM   790  C  CA  . TYR A 1 128 ? 4.651   4.295   8.161   1.00 79.48 ? 128 TYR A CA  1 
ATOM   791  C  C   . TYR A 1 128 ? 3.699   4.806   9.236   1.00 78.43 ? 128 TYR A C   1 
ATOM   792  O  O   . TYR A 1 128 ? 4.125   5.468   10.180  1.00 77.18 ? 128 TYR A O   1 
ATOM   793  C  CB  . TYR A 1 128 ? 4.710   2.764   8.139   1.00 80.68 ? 128 TYR A CB  1 
ATOM   794  C  CG  . TYR A 1 128 ? 5.411   2.130   9.315   1.00 83.08 ? 128 TYR A CG  1 
ATOM   795  C  CD1 . TYR A 1 128 ? 6.502   1.278   9.122   1.00 84.14 ? 128 TYR A CD1 1 
ATOM   796  C  CD2 . TYR A 1 128 ? 4.972   2.353   10.622  1.00 84.73 ? 128 TYR A CD2 1 
ATOM   797  C  CE1 . TYR A 1 128 ? 7.142   0.660   10.207  1.00 85.12 ? 128 TYR A CE1 1 
ATOM   798  C  CE2 . TYR A 1 128 ? 5.605   1.740   11.714  1.00 85.39 ? 128 TYR A CE2 1 
ATOM   799  C  CZ  . TYR A 1 128 ? 6.689   0.895   11.502  1.00 85.57 ? 128 TYR A CZ  1 
ATOM   800  O  OH  . TYR A 1 128 ? 7.301   0.289   12.581  1.00 84.18 ? 128 TYR A OH  1 
ATOM   801  N  N   . PRO A 1 129 ? 2.396   4.507   9.112   1.00 78.26 ? 129 PRO A N   1 
ATOM   802  C  CA  . PRO A 1 129 ? 1.392   4.958   10.078  1.00 78.37 ? 129 PRO A CA  1 
ATOM   803  C  C   . PRO A 1 129 ? 1.753   4.723   11.534  1.00 78.27 ? 129 PRO A C   1 
ATOM   804  O  O   . PRO A 1 129 ? 2.291   3.674   11.879  1.00 77.99 ? 129 PRO A O   1 
ATOM   805  C  CB  . PRO A 1 129 ? 0.148   4.170   9.671   1.00 78.05 ? 129 PRO A CB  1 
ATOM   806  C  CG  . PRO A 1 129 ? 0.335   3.974   8.222   1.00 77.51 ? 129 PRO A CG  1 
ATOM   807  C  CD  . PRO A 1 129 ? 1.783   3.596   8.131   1.00 77.77 ? 129 PRO A CD  1 
ATOM   808  N  N   . THR A 1 130 ? 1.445   5.702   12.384  1.00 78.13 ? 130 THR A N   1 
ATOM   809  C  CA  . THR A 1 130 ? 1.713   5.567   13.809  1.00 77.80 ? 130 THR A CA  1 
ATOM   810  C  C   . THR A 1 130 ? 0.602   4.723   14.423  1.00 76.93 ? 130 THR A C   1 
ATOM   811  O  O   . THR A 1 130 ? -0.316  4.300   13.729  1.00 75.94 ? 130 THR A O   1 
ATOM   812  C  CB  . THR A 1 130 ? 1.759   6.935   14.530  1.00 78.21 ? 130 THR A CB  1 
ATOM   813  O  OG1 . THR A 1 130 ? 2.302   6.753   15.842  1.00 80.29 ? 130 THR A OG1 1 
ATOM   814  C  CG2 . THR A 1 130 ? 0.367   7.527   14.673  1.00 77.09 ? 130 THR A CG2 1 
ATOM   815  N  N   . ALA A 1 131 ? 0.683   4.486   15.725  1.00 77.18 ? 131 ALA A N   1 
ATOM   816  C  CA  . ALA A 1 131 ? -0.310  3.681   16.420  1.00 76.64 ? 131 ALA A CA  1 
ATOM   817  C  C   . ALA A 1 131 ? -1.706  4.292   16.380  1.00 76.76 ? 131 ALA A C   1 
ATOM   818  O  O   . ALA A 1 131 ? -2.688  3.605   16.099  1.00 76.03 ? 131 ALA A O   1 
ATOM   819  C  CB  . ALA A 1 131 ? 0.123   3.463   17.856  1.00 76.57 ? 131 ALA A CB  1 
ATOM   820  N  N   . ARG A 1 132 ? -1.801  5.584   16.675  1.00 76.85 ? 132 ARG A N   1 
ATOM   821  C  CA  . ARG A 1 132 ? -3.095  6.244   16.668  1.00 77.25 ? 132 ARG A CA  1 
ATOM   822  C  C   . ARG A 1 132 ? -3.535  6.566   15.250  1.00 75.59 ? 132 ARG A C   1 
ATOM   823  O  O   . ARG A 1 132 ? -4.726  6.536   14.942  1.00 75.86 ? 132 ARG A O   1 
ATOM   824  C  CB  . ARG A 1 132 ? -3.055  7.525   17.507  1.00 80.68 ? 132 ARG A CB  1 
ATOM   825  C  CG  . ARG A 1 132 ? -1.818  8.403   17.300  1.00 86.09 ? 132 ARG A CG  1 
ATOM   826  C  CD  . ARG A 1 132 ? -1.926  9.689   18.131  1.00 90.67 ? 132 ARG A CD  1 
ATOM   827  N  NE  . ARG A 1 132 ? -2.517  9.445   19.455  1.00 94.00 ? 132 ARG A NE  1 
ATOM   828  C  CZ  . ARG A 1 132 ? -1.854  9.001   20.523  1.00 94.49 ? 132 ARG A CZ  1 
ATOM   829  N  NH1 . ARG A 1 132 ? -0.551  8.750   20.451  1.00 95.00 ? 132 ARG A NH1 1 
ATOM   830  N  NH2 . ARG A 1 132 ? -2.503  8.784   21.664  1.00 94.02 ? 132 ARG A NH2 1 
ATOM   831  N  N   . ALA A 1 133 ? -2.570  6.871   14.388  1.00 73.03 ? 133 ALA A N   1 
ATOM   832  C  CA  . ALA A 1 133 ? -2.880  7.187   13.003  1.00 70.23 ? 133 ALA A CA  1 
ATOM   833  C  C   . ALA A 1 133 ? -3.554  5.984   12.375  1.00 69.13 ? 133 ALA A C   1 
ATOM   834  O  O   . ALA A 1 133 ? -4.523  6.114   11.631  1.00 69.85 ? 133 ALA A O   1 
ATOM   835  C  CB  . ALA A 1 133 ? -1.617  7.523   12.240  1.00 69.51 ? 133 ALA A CB  1 
ATOM   836  N  N   . GLN A 1 134 ? -3.041  4.804   12.688  1.00 66.97 ? 134 GLN A N   1 
ATOM   837  C  CA  . GLN A 1 134 ? -3.593  3.581   12.143  1.00 65.36 ? 134 GLN A CA  1 
ATOM   838  C  C   . GLN A 1 134 ? -5.015  3.385   12.618  1.00 64.42 ? 134 GLN A C   1 
ATOM   839  O  O   . GLN A 1 134 ? -5.915  3.098   11.826  1.00 63.82 ? 134 GLN A O   1 
ATOM   840  C  CB  . GLN A 1 134 ? -2.758  2.381   12.569  1.00 65.61 ? 134 GLN A CB  1 
ATOM   841  C  CG  . GLN A 1 134 ? -3.099  1.126   11.810  1.00 64.81 ? 134 GLN A CG  1 
ATOM   842  C  CD  . GLN A 1 134 ? -2.417  -0.090  12.364  1.00 64.48 ? 134 GLN A CD  1 
ATOM   843  O  OE1 . GLN A 1 134 ? -3.001  -0.827  13.157  1.00 64.87 ? 134 GLN A OE1 1 
ATOM   844  N  NE2 . GLN A 1 134 ? -1.166  -0.309  11.958  1.00 63.61 ? 134 GLN A NE2 1 
ATOM   845  N  N   . ALA A 1 135 ? -5.209  3.530   13.924  1.00 64.34 ? 135 ALA A N   1 
ATOM   846  C  CA  . ALA A 1 135 ? -6.524  3.364   14.526  1.00 63.76 ? 135 ALA A CA  1 
ATOM   847  C  C   . ALA A 1 135 ? -7.505  4.291   13.838  1.00 62.97 ? 135 ALA A C   1 
ATOM   848  O  O   . ALA A 1 135 ? -8.637  3.906   13.569  1.00 63.05 ? 135 ALA A O   1 
ATOM   849  C  CB  . ALA A 1 135 ? -6.466  3.666   16.013  1.00 63.83 ? 135 ALA A CB  1 
ATOM   850  N  N   . LYS A 1 136 ? -7.067  5.512   13.551  1.00 61.85 ? 136 LYS A N   1 
ATOM   851  C  CA  . LYS A 1 136 ? -7.911  6.482   12.873  1.00 61.69 ? 136 LYS A CA  1 
ATOM   852  C  C   . LYS A 1 136 ? -8.314  5.990   11.488  1.00 59.90 ? 136 LYS A C   1 
ATOM   853  O  O   . LYS A 1 136 ? -9.498  5.995   11.137  1.00 59.18 ? 136 LYS A O   1 
ATOM   854  C  CB  . LYS A 1 136 ? -7.185  7.816   12.751  1.00 64.74 ? 136 LYS A CB  1 
ATOM   855  C  CG  . LYS A 1 136 ? -7.526  8.789   13.850  1.00 68.78 ? 136 LYS A CG  1 
ATOM   856  C  CD  . LYS A 1 136 ? -8.531  9.824   13.370  1.00 72.40 ? 136 LYS A CD  1 
ATOM   857  C  CE  . LYS A 1 136 ? -9.239  10.495  14.545  1.00 74.72 ? 136 LYS A CE  1 
ATOM   858  N  NZ  . LYS A 1 136 ? -10.294 9.620   15.157  1.00 73.61 ? 136 LYS A NZ  1 
ATOM   859  N  N   . GLN A 1 137 ? -7.325  5.574   10.700  1.00 57.53 ? 137 GLN A N   1 
ATOM   860  C  CA  . GLN A 1 137 ? -7.581  5.071   9.357   1.00 55.79 ? 137 GLN A CA  1 
ATOM   861  C  C   . GLN A 1 137 ? -8.615  3.958   9.440   1.00 56.61 ? 137 GLN A C   1 
ATOM   862  O  O   . GLN A 1 137 ? -9.580  3.930   8.674   1.00 57.25 ? 137 GLN A O   1 
ATOM   863  C  CB  . GLN A 1 137 ? -6.293  4.533   8.737   1.00 53.69 ? 137 GLN A CB  1 
ATOM   864  C  CG  . GLN A 1 137 ? -5.193  5.573   8.591   1.00 51.77 ? 137 GLN A CG  1 
ATOM   865  C  CD  . GLN A 1 137 ? -3.912  4.991   8.028   1.00 51.40 ? 137 GLN A CD  1 
ATOM   866  O  OE1 . GLN A 1 137 ? -3.398  3.993   8.530   1.00 53.38 ? 137 GLN A OE1 1 
ATOM   867  N  NE2 . GLN A 1 137 ? -3.390  5.612   6.982   1.00 48.81 ? 137 GLN A NE2 1 
ATOM   868  N  N   . LEU A 1 138 ? -8.412  3.051   10.391  1.00 56.90 ? 138 LEU A N   1 
ATOM   869  C  CA  . LEU A 1 138 ? -9.313  1.923   10.600  1.00 57.03 ? 138 LEU A CA  1 
ATOM   870  C  C   . LEU A 1 138 ? -10.732 2.361   10.977  1.00 56.73 ? 138 LEU A C   1 
ATOM   871  O  O   . LEU A 1 138 ? -11.707 1.748   10.552  1.00 56.51 ? 138 LEU A O   1 
ATOM   872  C  CB  . LEU A 1 138 ? -8.731  0.999   11.681  1.00 57.32 ? 138 LEU A CB  1 
ATOM   873  C  CG  . LEU A 1 138 ? -8.176  -0.370  11.253  1.00 57.81 ? 138 LEU A CG  1 
ATOM   874  C  CD1 . LEU A 1 138 ? -7.364  -0.249  9.979   1.00 56.36 ? 138 LEU A CD1 1 
ATOM   875  C  CD2 . LEU A 1 138 ? -7.336  -0.960  12.385  1.00 57.49 ? 138 LEU A CD2 1 
ATOM   876  N  N   . GLU A 1 139 ? -10.845 3.421   11.771  1.00 57.48 ? 139 GLU A N   1 
ATOM   877  C  CA  . GLU A 1 139 ? -12.148 3.928   12.176  1.00 59.31 ? 139 GLU A CA  1 
ATOM   878  C  C   . GLU A 1 139 ? -12.824 4.495   10.949  1.00 59.35 ? 139 GLU A C   1 
ATOM   879  O  O   . GLU A 1 139 ? -14.034 4.340   10.771  1.00 60.33 ? 139 GLU A O   1 
ATOM   880  C  CB  . GLU A 1 139 ? -12.008 5.034   13.219  1.00 62.42 ? 139 GLU A CB  1 
ATOM   881  C  CG  . GLU A 1 139 ? -11.914 4.557   14.660  1.00 70.18 ? 139 GLU A CG  1 
ATOM   882  C  CD  . GLU A 1 139 ? -11.138 5.533   15.557  1.00 75.52 ? 139 GLU A CD  1 
ATOM   883  O  OE1 . GLU A 1 139 ? -11.258 6.768   15.343  1.00 78.37 ? 139 GLU A OE1 1 
ATOM   884  O  OE2 . GLU A 1 139 ? -10.417 5.067   16.475  1.00 76.51 ? 139 GLU A OE2 1 
ATOM   885  N  N   . HIS A 1 140 ? -12.030 5.161   10.109  1.00 58.40 ? 140 HIS A N   1 
ATOM   886  C  CA  . HIS A 1 140 ? -12.536 5.770   8.881   1.00 56.55 ? 140 HIS A CA  1 
ATOM   887  C  C   . HIS A 1 140 ? -12.875 4.712   7.857   1.00 55.59 ? 140 HIS A C   1 
ATOM   888  O  O   . HIS A 1 140 ? -13.831 4.857   7.096   1.00 54.93 ? 140 HIS A O   1 
ATOM   889  C  CB  . HIS A 1 140 ? -11.517 6.746   8.286   1.00 56.92 ? 140 HIS A CB  1 
ATOM   890  C  CG  . HIS A 1 140 ? -11.406 8.036   9.036   1.00 58.89 ? 140 HIS A CG  1 
ATOM   891  N  ND1 . HIS A 1 140 ? -10.888 9.182   8.471   1.00 59.08 ? 140 HIS A ND1 1 
ATOM   892  C  CD2 . HIS A 1 140 ? -11.749 8.365   10.304  1.00 59.06 ? 140 HIS A CD2 1 
ATOM   893  C  CE1 . HIS A 1 140 ? -10.923 10.161  9.357   1.00 58.85 ? 140 HIS A CE1 1 
ATOM   894  N  NE2 . HIS A 1 140 ? -11.441 9.691   10.479  1.00 58.32 ? 140 HIS A NE2 1 
ATOM   895  N  N   . LEU A 1 141 ? -12.085 3.648   7.826   1.00 54.07 ? 141 LEU A N   1 
ATOM   896  C  CA  . LEU A 1 141 ? -12.354 2.574   6.895   1.00 53.27 ? 141 LEU A CA  1 
ATOM   897  C  C   . LEU A 1 141 ? -13.666 1.909   7.275   1.00 53.73 ? 141 LEU A C   1 
ATOM   898  O  O   . LEU A 1 141 ? -14.492 1.626   6.417   1.00 52.70 ? 141 LEU A O   1 
ATOM   899  C  CB  . LEU A 1 141 ? -11.213 1.567   6.906   1.00 50.75 ? 141 LEU A CB  1 
ATOM   900  C  CG  . LEU A 1 141 ? -10.016 2.035   6.078   1.00 50.15 ? 141 LEU A CG  1 
ATOM   901  C  CD1 . LEU A 1 141 ? -8.846  1.080   6.271   1.00 50.48 ? 141 LEU A CD1 1 
ATOM   902  C  CD2 . LEU A 1 141 ? -10.414 2.114   4.612   1.00 46.95 ? 141 LEU A CD2 1 
ATOM   903  N  N   . LYS A 1 142 ? -13.872 1.679   8.566   1.00 55.22 ? 142 LYS A N   1 
ATOM   904  C  CA  . LYS A 1 142 ? -15.108 1.050   9.016   1.00 57.48 ? 142 LYS A CA  1 
ATOM   905  C  C   . LYS A 1 142 ? -16.343 1.894   8.712   1.00 57.03 ? 142 LYS A C   1 
ATOM   906  O  O   . LYS A 1 142 ? -17.460 1.370   8.653   1.00 57.34 ? 142 LYS A O   1 
ATOM   907  C  CB  . LYS A 1 142 ? -15.041 0.745   10.515  1.00 60.26 ? 142 LYS A CB  1 
ATOM   908  C  CG  . LYS A 1 142 ? -14.629 -0.692  10.808  1.00 65.11 ? 142 LYS A CG  1 
ATOM   909  C  CD  . LYS A 1 142 ? -13.365 -0.775  11.659  1.00 67.39 ? 142 LYS A CD  1 
ATOM   910  C  CE  . LYS A 1 142 ? -12.455 -1.896  11.160  1.00 69.09 ? 142 LYS A CE  1 
ATOM   911  N  NZ  . LYS A 1 142 ? -11.377 -2.258  12.127  1.00 68.39 ? 142 LYS A NZ  1 
ATOM   912  N  N   . SER A 1 143 ? -16.151 3.194   8.514   1.00 55.14 ? 143 SER A N   1 
ATOM   913  C  CA  . SER A 1 143 ? -17.269 4.075   8.215   1.00 54.97 ? 143 SER A CA  1 
ATOM   914  C  C   . SER A 1 143 ? -17.729 3.824   6.793   1.00 54.67 ? 143 SER A C   1 
ATOM   915  O  O   . SER A 1 143 ? -18.817 4.233   6.398   1.00 54.86 ? 143 SER A O   1 
ATOM   916  C  CB  . SER A 1 143 ? -16.856 5.531   8.379   1.00 54.95 ? 143 SER A CB  1 
ATOM   917  O  OG  . SER A 1 143 ? -16.370 5.749   9.686   1.00 57.75 ? 143 SER A OG  1 
ATOM   918  N  N   . HIS A 1 144 ? -16.880 3.154   6.028   1.00 54.09 ? 144 HIS A N   1 
ATOM   919  C  CA  . HIS A 1 144 ? -17.193 2.815   4.654   1.00 54.84 ? 144 HIS A CA  1 
ATOM   920  C  C   . HIS A 1 144 ? -16.974 1.317   4.452   1.00 54.23 ? 144 HIS A C   1 
ATOM   921  O  O   . HIS A 1 144 ? -16.591 0.866   3.372   1.00 53.41 ? 144 HIS A O   1 
ATOM   922  C  CB  . HIS A 1 144 ? -16.317 3.615   3.695   1.00 57.18 ? 144 HIS A CB  1 
ATOM   923  C  CG  . HIS A 1 144 ? -16.456 5.094   3.847   1.00 60.35 ? 144 HIS A CG  1 
ATOM   924  N  ND1 . HIS A 1 144 ? -15.974 5.779   4.940   1.00 62.96 ? 144 HIS A ND1 1 
ATOM   925  C  CD2 . HIS A 1 144 ? -17.036 6.024   3.049   1.00 62.46 ? 144 HIS A CD2 1 
ATOM   926  C  CE1 . HIS A 1 144 ? -16.245 7.067   4.811   1.00 64.03 ? 144 HIS A CE1 1 
ATOM   927  N  NE2 . HIS A 1 144 ? -16.891 7.242   3.670   1.00 63.52 ? 144 HIS A NE2 1 
ATOM   928  N  N   . GLN A 1 145 ? -17.224 0.561   5.516   1.00 54.65 ? 145 GLN A N   1 
ATOM   929  C  CA  . GLN A 1 145 ? -17.073 -0.891  5.525   1.00 55.39 ? 145 GLN A CA  1 
ATOM   930  C  C   . GLN A 1 145 ? -17.377 -1.568  4.200   1.00 54.62 ? 145 GLN A C   1 
ATOM   931  O  O   . GLN A 1 145 ? -16.533 -2.264  3.634   1.00 53.59 ? 145 GLN A O   1 
ATOM   932  C  CB  . GLN A 1 145 ? -17.996 -1.509  6.579   1.00 57.71 ? 145 GLN A CB  1 
ATOM   933  C  CG  . GLN A 1 145 ? -17.357 -1.711  7.917   1.00 62.23 ? 145 GLN A CG  1 
ATOM   934  C  CD  . GLN A 1 145 ? -16.283 -2.776  7.875   1.00 65.54 ? 145 GLN A CD  1 
ATOM   935  O  OE1 . GLN A 1 145 ? -15.351 -2.769  8.685   1.00 68.28 ? 145 GLN A OE1 1 
ATOM   936  N  NE2 . GLN A 1 145 ? -16.411 -3.708  6.935   1.00 64.92 ? 145 GLN A NE2 1 
ATOM   937  N  N   . ALA A 1 146 ? -18.597 -1.356  3.718   1.00 53.02 ? 146 ALA A N   1 
ATOM   938  C  CA  . ALA A 1 146 ? -19.053 -1.998  2.501   1.00 51.84 ? 146 ALA A CA  1 
ATOM   939  C  C   . ALA A 1 146 ? -19.108 -1.135  1.260   1.00 50.81 ? 146 ALA A C   1 
ATOM   940  O  O   . ALA A 1 146 ? -19.533 -1.603  0.210   1.00 52.49 ? 146 ALA A O   1 
ATOM   941  C  CB  . ALA A 1 146 ? -20.424 -2.627  2.754   1.00 49.77 ? 146 ALA A CB  1 
ATOM   942  N  N   . GLU A 1 147 ? -18.661 0.109   1.352   1.00 50.44 ? 147 GLU A N   1 
ATOM   943  C  CA  . GLU A 1 147 ? -18.723 1.000   0.196   1.00 50.45 ? 147 GLU A CA  1 
ATOM   944  C  C   . GLU A 1 147 ? -17.667 0.802   -0.899  1.00 49.20 ? 147 GLU A C   1 
ATOM   945  O  O   . GLU A 1 147 ? -17.786 1.366   -1.987  1.00 48.56 ? 147 GLU A O   1 
ATOM   946  C  CB  . GLU A 1 147 ? -18.757 2.451   0.680   1.00 52.82 ? 147 GLU A CB  1 
ATOM   947  C  CG  . GLU A 1 147 ? -20.092 2.799   1.349   1.00 54.77 ? 147 GLU A CG  1 
ATOM   948  C  CD  . GLU A 1 147 ? -20.050 4.080   2.171   1.00 56.01 ? 147 GLU A CD  1 
ATOM   949  O  OE1 . GLU A 1 147 ? -19.728 5.144   1.607   1.00 56.54 ? 147 GLU A OE1 1 
ATOM   950  O  OE2 . GLU A 1 147 ? -20.346 4.024   3.385   1.00 55.69 ? 147 GLU A OE2 1 
ATOM   951  N  N   . PHE A 1 148 ? -16.633 0.017   -0.615  1.00 47.66 ? 148 PHE A N   1 
ATOM   952  C  CA  . PHE A 1 148 ? -15.625 -0.279  -1.628  1.00 46.89 ? 148 PHE A CA  1 
ATOM   953  C  C   . PHE A 1 148 ? -14.747 -1.433  -1.209  1.00 46.40 ? 148 PHE A C   1 
ATOM   954  O  O   . PHE A 1 148 ? -14.877 -1.962  -0.105  1.00 46.07 ? 148 PHE A O   1 
ATOM   955  C  CB  . PHE A 1 148 ? -14.766 0.945   -1.979  1.00 46.26 ? 148 PHE A CB  1 
ATOM   956  C  CG  . PHE A 1 148 ? -13.745 1.302   -0.947  1.00 46.74 ? 148 PHE A CG  1 
ATOM   957  C  CD1 . PHE A 1 148 ? -12.393 1.302   -1.274  1.00 47.89 ? 148 PHE A CD1 1 
ATOM   958  C  CD2 . PHE A 1 148 ? -14.126 1.696   0.327   1.00 47.23 ? 148 PHE A CD2 1 
ATOM   959  C  CE1 . PHE A 1 148 ? -11.431 1.698   -0.346  1.00 47.25 ? 148 PHE A CE1 1 
ATOM   960  C  CE2 . PHE A 1 148 ? -13.179 2.091   1.262   1.00 46.88 ? 148 PHE A CE2 1 
ATOM   961  C  CZ  . PHE A 1 148 ? -11.825 2.093   0.922   1.00 47.13 ? 148 PHE A CZ  1 
ATOM   962  N  N   . SER A 1 149 ? -13.857 -1.840  -2.102  1.00 46.16 ? 149 SER A N   1 
ATOM   963  C  CA  . SER A 1 149 ? -12.985 -2.963  -1.822  1.00 46.32 ? 149 SER A CA  1 
ATOM   964  C  C   . SER A 1 149 ? -11.655 -2.564  -1.178  1.00 46.00 ? 149 SER A C   1 
ATOM   965  O  O   . SER A 1 149 ? -10.812 -1.923  -1.813  1.00 44.83 ? 149 SER A O   1 
ATOM   966  C  CB  . SER A 1 149 ? -12.734 -3.731  -3.114  1.00 45.61 ? 149 SER A CB  1 
ATOM   967  O  OG  . SER A 1 149 ? -12.094 -4.955  -2.828  1.00 48.83 ? 149 SER A OG  1 
ATOM   968  N  N   . TRP A 1 150 ? -11.459 -2.963  0.076   1.00 45.66 ? 150 TRP A N   1 
ATOM   969  C  CA  . TRP A 1 150 ? -10.228 -2.628  0.787   1.00 45.35 ? 150 TRP A CA  1 
ATOM   970  C  C   . TRP A 1 150 ? -9.747  -3.722  1.736   1.00 45.31 ? 150 TRP A C   1 
ATOM   971  O  O   . TRP A 1 150 ? -10.498 -4.632  2.099   1.00 45.10 ? 150 TRP A O   1 
ATOM   972  C  CB  . TRP A 1 150 ? -10.437 -1.360  1.608   1.00 44.36 ? 150 TRP A CB  1 
ATOM   973  C  CG  . TRP A 1 150 ? -11.449 -1.557  2.687   1.00 43.29 ? 150 TRP A CG  1 
ATOM   974  C  CD1 . TRP A 1 150 ? -12.801 -1.501  2.561   1.00 43.42 ? 150 TRP A CD1 1 
ATOM   975  C  CD2 . TRP A 1 150 ? -11.187 -1.908  4.049   1.00 44.19 ? 150 TRP A CD2 1 
ATOM   976  N  NE1 . TRP A 1 150 ? -13.404 -1.797  3.761   1.00 43.72 ? 150 TRP A NE1 1 
ATOM   977  C  CE2 . TRP A 1 150 ? -12.433 -2.055  4.692   1.00 43.51 ? 150 TRP A CE2 1 
ATOM   978  C  CE3 . TRP A 1 150 ? -10.015 -2.119  4.791   1.00 44.75 ? 150 TRP A CE3 1 
ATOM   979  C  CZ2 . TRP A 1 150 ? -12.545 -2.401  6.042   1.00 42.08 ? 150 TRP A CZ2 1 
ATOM   980  C  CZ3 . TRP A 1 150 ? -10.128 -2.463  6.134   1.00 43.25 ? 150 TRP A CZ3 1 
ATOM   981  C  CH2 . TRP A 1 150 ? -11.387 -2.600  6.743   1.00 42.00 ? 150 TRP A CH2 1 
ATOM   982  N  N   . THR A 1 151 ? -8.483  -3.615  2.136   1.00 44.31 ? 151 THR A N   1 
ATOM   983  C  CA  . THR A 1 151 ? -7.877  -4.537  3.093   1.00 45.52 ? 151 THR A CA  1 
ATOM   984  C  C   . THR A 1 151 ? -6.730  -3.829  3.792   1.00 45.23 ? 151 THR A C   1 
ATOM   985  O  O   . THR A 1 151 ? -5.903  -3.182  3.153   1.00 44.35 ? 151 THR A O   1 
ATOM   986  C  CB  . THR A 1 151 ? -7.302  -5.811  2.443   1.00 46.60 ? 151 THR A CB  1 
ATOM   987  O  OG1 . THR A 1 151 ? -8.354  -6.589  1.868   1.00 49.06 ? 151 THR A OG1 1 
ATOM   988  C  CG2 . THR A 1 151 ? -6.599  -6.650  3.492   1.00 46.73 ? 151 THR A CG2 1 
ATOM   989  N  N   . TYR A 1 152 ? -6.691  -3.940  5.113   1.00 46.02 ? 152 TYR A N   1 
ATOM   990  C  CA  . TYR A 1 152 ? -5.623  -3.320  5.875   1.00 46.42 ? 152 TYR A CA  1 
ATOM   991  C  C   . TYR A 1 152 ? -4.761  -4.453  6.420   1.00 47.55 ? 152 TYR A C   1 
ATOM   992  O  O   . TYR A 1 152 ? -5.260  -5.344  7.111   1.00 46.55 ? 152 TYR A O   1 
ATOM   993  C  CB  . TYR A 1 152 ? -6.183  -2.496  7.027   1.00 46.60 ? 152 TYR A CB  1 
ATOM   994  C  CG  . TYR A 1 152 ? -5.208  -1.468  7.564   1.00 47.11 ? 152 TYR A CG  1 
ATOM   995  C  CD1 . TYR A 1 152 ? -5.286  -0.133  7.166   1.00 45.80 ? 152 TYR A CD1 1 
ATOM   996  C  CD2 . TYR A 1 152 ? -4.179  -1.838  8.440   1.00 45.93 ? 152 TYR A CD2 1 
ATOM   997  C  CE1 . TYR A 1 152 ? -4.370  0.800   7.620   1.00 46.89 ? 152 TYR A CE1 1 
ATOM   998  C  CE2 . TYR A 1 152 ? -3.253  -0.910  8.898   1.00 45.16 ? 152 TYR A CE2 1 
ATOM   999  C  CZ  . TYR A 1 152 ? -3.354  0.409   8.484   1.00 46.68 ? 152 TYR A CZ  1 
ATOM   1000 O  OH  . TYR A 1 152 ? -2.443  1.337   8.923   1.00 44.45 ? 152 TYR A OH  1 
ATOM   1001 N  N   . ILE A 1 153 ? -3.471  -4.419  6.101   1.00 49.32 ? 153 ILE A N   1 
ATOM   1002 C  CA  . ILE A 1 153 ? -2.552  -5.458  6.556   1.00 52.67 ? 153 ILE A CA  1 
ATOM   1003 C  C   . ILE A 1 153 ? -1.490  -4.973  7.552   1.00 53.44 ? 153 ILE A C   1 
ATOM   1004 O  O   . ILE A 1 153 ? -0.844  -3.940  7.345   1.00 52.29 ? 153 ILE A O   1 
ATOM   1005 C  CB  . ILE A 1 153 ? -1.849  -6.139  5.348   1.00 51.96 ? 153 ILE A CB  1 
ATOM   1006 C  CG1 . ILE A 1 153 ? -1.020  -7.327  5.831   1.00 52.10 ? 153 ILE A CG1 1 
ATOM   1007 C  CG2 . ILE A 1 153 ? -0.972  -5.138  4.610   1.00 52.23 ? 153 ILE A CG2 1 
ATOM   1008 C  CD1 . ILE A 1 153 ? -0.393  -8.114  4.704   1.00 53.82 ? 153 ILE A CD1 1 
ATOM   1009 N  N   . SER A 1 154 ? -1.340  -5.732  8.636   1.00 55.85 ? 154 SER A N   1 
ATOM   1010 C  CA  . SER A 1 154 ? -0.367  -5.446  9.683   1.00 57.94 ? 154 SER A CA  1 
ATOM   1011 C  C   . SER A 1 154 ? 0.615   -6.605  9.777   1.00 60.14 ? 154 SER A C   1 
ATOM   1012 O  O   . SER A 1 154 ? 0.254   -7.760  9.557   1.00 59.24 ? 154 SER A O   1 
ATOM   1013 C  CB  . SER A 1 154 ? -1.061  -5.261  11.034  1.00 56.52 ? 154 SER A CB  1 
ATOM   1014 O  OG  . SER A 1 154 ? -1.795  -4.051  11.071  1.00 56.95 ? 154 SER A OG  1 
ATOM   1015 N  N   . PRO A 1 155 ? 1.879   -6.303  10.101  1.00 63.08 ? 155 PRO A N   1 
ATOM   1016 C  CA  . PRO A 1 155 ? 2.922   -7.320  10.225  1.00 66.00 ? 155 PRO A CA  1 
ATOM   1017 C  C   . PRO A 1 155 ? 2.816   -8.064  11.542  1.00 69.81 ? 155 PRO A C   1 
ATOM   1018 O  O   . PRO A 1 155 ? 2.251   -7.560  12.516  1.00 68.85 ? 155 PRO A O   1 
ATOM   1019 C  CB  . PRO A 1 155 ? 4.193   -6.501  10.139  1.00 63.77 ? 155 PRO A CB  1 
ATOM   1020 C  CG  . PRO A 1 155 ? 3.808   -5.274  10.879  1.00 63.21 ? 155 PRO A CG  1 
ATOM   1021 C  CD  . PRO A 1 155 ? 2.442   -4.959  10.314  1.00 62.64 ? 155 PRO A CD  1 
ATOM   1022 N  N   . SER A 1 156 ? 3.380   -9.262  11.575  1.00 74.95 ? 156 SER A N   1 
ATOM   1023 C  CA  . SER A 1 156 ? 3.344   -10.071 12.779  1.00 80.40 ? 156 SER A CA  1 
ATOM   1024 C  C   . SER A 1 156 ? 4.190   -9.545  13.957  1.00 83.40 ? 156 SER A C   1 
ATOM   1025 O  O   . SER A 1 156 ? 3.659   -9.366  15.059  1.00 84.14 ? 156 SER A O   1 
ATOM   1026 C  CB  . SER A 1 156 ? 3.743   -11.522 12.451  1.00 79.94 ? 156 SER A CB  1 
ATOM   1027 O  OG  . SER A 1 156 ? 4.886   -11.581 11.610  1.00 77.71 ? 156 SER A OG  1 
ATOM   1028 N  N   . ALA A 1 157 ? 5.473   -9.254  13.731  1.00 86.70 ? 157 ALA A N   1 
ATOM   1029 C  CA  . ALA A 1 157 ? 6.336   -8.842  14.839  1.00 90.23 ? 157 ALA A CA  1 
ATOM   1030 C  C   . ALA A 1 157 ? 7.061   -7.482  14.852  1.00 92.68 ? 157 ALA A C   1 
ATOM   1031 O  O   . ALA A 1 157 ? 6.663   -6.577  15.579  1.00 93.39 ? 157 ALA A O   1 
ATOM   1032 C  CB  . ALA A 1 157 ? 7.353   -9.947  15.101  1.00 90.42 ? 157 ALA A CB  1 
HETATM 1033 N  N   . MSE A 1 158 ? 8.149   -7.377  14.085  1.00 95.50 ? 158 MSE A N   1 
HETATM 1034 C  CA  . MSE A 1 158 ? 8.940   -6.138  14.026  1.00 98.17 ? 158 MSE A CA  1 
HETATM 1035 C  C   . MSE A 1 158 ? 10.104  -6.233  13.040  1.00 99.00 ? 158 MSE A C   1 
HETATM 1036 O  O   . MSE A 1 158 ? 10.785  -7.265  12.956  1.00 99.00 ? 158 MSE A O   1 
HETATM 1037 C  CB  . MSE A 1 158 ? 9.514   -5.800  15.408  1.00 99.00 ? 158 MSE A CB  1 
HETATM 1038 C  CG  . MSE A 1 158 ? 10.189  -4.426  15.501  1.00 99.00 ? 158 MSE A CG  1 
HETATM 1039 SE SE  . MSE A 1 158 ? 8.910   -2.950  15.691  1.00 99.00 ? 158 MSE A SE  1 
HETATM 1040 C  CE  . MSE A 1 158 ? 8.957   -2.819  17.652  1.00 99.00 ? 158 MSE A CE  1 
ATOM   1041 N  N   . PHE A 1 159 ? 10.344  -5.148  12.308  1.00 99.00 ? 159 PHE A N   1 
ATOM   1042 C  CA  . PHE A 1 159 ? 11.456  -5.105  11.366  1.00 99.00 ? 159 PHE A CA  1 
ATOM   1043 C  C   . PHE A 1 159 ? 12.550  -4.185  11.886  1.00 99.00 ? 159 PHE A C   1 
ATOM   1044 O  O   . PHE A 1 159 ? 12.279  -3.195  12.578  1.00 99.00 ? 159 PHE A O   1 
ATOM   1045 C  CB  . PHE A 1 159 ? 11.045  -4.564  9.978   1.00 99.00 ? 159 PHE A CB  1 
ATOM   1046 C  CG  . PHE A 1 159 ? 9.574   -4.286  9.816   1.00 99.00 ? 159 PHE A CG  1 
ATOM   1047 C  CD1 . PHE A 1 159 ? 8.715   -5.276  9.348   1.00 99.00 ? 159 PHE A CD1 1 
ATOM   1048 C  CD2 . PHE A 1 159 ? 9.056   -3.018  10.072  1.00 99.00 ? 159 PHE A CD2 1 
ATOM   1049 C  CE1 . PHE A 1 159 ? 7.366   -5.006  9.130   1.00 99.00 ? 159 PHE A CE1 1 
ATOM   1050 C  CE2 . PHE A 1 159 ? 7.704   -2.739  9.859   1.00 99.00 ? 159 PHE A CE2 1 
ATOM   1051 C  CZ  . PHE A 1 159 ? 6.861   -3.735  9.384   1.00 99.00 ? 159 PHE A CZ  1 
ATOM   1052 N  N   . GLU A 1 160 ? 13.786  -4.534  11.559  1.00 99.00 ? 160 GLU A N   1 
ATOM   1053 C  CA  . GLU A 1 160 ? 14.937  -3.711  11.906  1.00 99.00 ? 160 GLU A CA  1 
ATOM   1054 C  C   . GLU A 1 160 ? 15.788  -3.715  10.645  1.00 99.00 ? 160 GLU A C   1 
ATOM   1055 O  O   . GLU A 1 160 ? 16.102  -4.781  10.102  1.00 99.00 ? 160 GLU A O   1 
ATOM   1056 C  CB  . GLU A 1 160 ? 15.720  -4.269  13.101  1.00 99.00 ? 160 GLU A CB  1 
ATOM   1057 C  CG  . GLU A 1 160 ? 15.142  -3.847  14.454  1.00 99.00 ? 160 GLU A CG  1 
ATOM   1058 C  CD  . GLU A 1 160 ? 16.205  -3.727  15.530  1.00 99.00 ? 160 GLU A CD  1 
ATOM   1059 O  OE1 . GLU A 1 160 ? 17.129  -4.572  15.535  1.00 99.00 ? 160 GLU A OE1 1 
ATOM   1060 O  OE2 . GLU A 1 160 ? 16.117  -2.801  16.374  1.00 99.00 ? 160 GLU A OE2 1 
ATOM   1061 N  N   . PRO A 1 161 ? 16.145  -2.517  10.147  1.00 99.00 ? 161 PRO A N   1 
ATOM   1062 C  CA  . PRO A 1 161 ? 16.955  -2.314  8.937   1.00 99.00 ? 161 PRO A CA  1 
ATOM   1063 C  C   . PRO A 1 161 ? 18.098  -3.322  8.755   1.00 99.00 ? 161 PRO A C   1 
ATOM   1064 O  O   . PRO A 1 161 ? 18.963  -3.467  9.628   1.00 99.00 ? 161 PRO A O   1 
ATOM   1065 C  CB  . PRO A 1 161 ? 17.447  -0.877  9.094   1.00 99.00 ? 161 PRO A CB  1 
ATOM   1066 C  CG  . PRO A 1 161 ? 16.287  -0.217  9.798   1.00 99.00 ? 161 PRO A CG  1 
ATOM   1067 C  CD  . PRO A 1 161 ? 15.930  -1.238  10.853  1.00 99.00 ? 161 PRO A CD  1 
ATOM   1068 N  N   . GLY A 1 162 ? 18.089  -4.017  7.618   1.00 99.00 ? 162 GLY A N   1 
ATOM   1069 C  CA  . GLY A 1 162 ? 19.119  -5.003  7.335   1.00 99.00 ? 162 GLY A CA  1 
ATOM   1070 C  C   . GLY A 1 162 ? 20.111  -4.538  6.287   1.00 99.00 ? 162 GLY A C   1 
ATOM   1071 O  O   . GLY A 1 162 ? 19.755  -4.323  5.125   1.00 99.00 ? 162 GLY A O   1 
ATOM   1072 N  N   . PHE A 1 184 ? 11.454  -13.250 14.795  1.00 97.13 ? 184 PHE A N   1 
ATOM   1073 C  CA  . PHE A 1 184 ? 10.782  -11.993 14.468  1.00 96.97 ? 184 PHE A CA  1 
ATOM   1074 C  C   . PHE A 1 184 ? 10.591  -11.837 12.957  1.00 95.60 ? 184 PHE A C   1 
ATOM   1075 O  O   . PHE A 1 184 ? 10.507  -12.846 12.252  1.00 96.11 ? 184 PHE A O   1 
ATOM   1076 C  CB  . PHE A 1 184 ? 11.565  -10.840 15.081  1.00 98.41 ? 184 PHE A CB  1 
ATOM   1077 C  CG  . PHE A 1 184 ? 12.076  -11.163 16.447  1.00 99.00 ? 184 PHE A CG  1 
ATOM   1078 C  CD1 . PHE A 1 184 ? 11.195  -11.305 17.520  1.00 99.00 ? 184 PHE A CD1 1 
ATOM   1079 C  CD2 . PHE A 1 184 ? 13.425  -11.450 16.637  1.00 99.00 ? 184 PHE A CD2 1 
ATOM   1080 C  CE1 . PHE A 1 184 ? 11.652  -11.742 18.764  1.00 99.00 ? 184 PHE A CE1 1 
ATOM   1081 C  CE2 . PHE A 1 184 ? 13.894  -11.888 17.874  1.00 99.00 ? 184 PHE A CE2 1 
ATOM   1082 C  CZ  . PHE A 1 184 ? 13.004  -12.036 18.942  1.00 99.00 ? 184 PHE A CZ  1 
ATOM   1083 N  N   . ILE A 1 185 ? 10.570  -10.608 12.438  1.00 92.83 ? 185 ILE A N   1 
ATOM   1084 C  CA  . ILE A 1 185 ? 10.257  -10.456 11.014  1.00 89.97 ? 185 ILE A CA  1 
ATOM   1085 C  C   . ILE A 1 185 ? 11.041  -9.597  9.998   1.00 87.70 ? 185 ILE A C   1 
ATOM   1086 O  O   . ILE A 1 185 ? 11.364  -8.431  10.238  1.00 86.80 ? 185 ILE A O   1 
ATOM   1087 C  CB  . ILE A 1 185 ? 8.743   -10.108 10.923  1.00 90.21 ? 185 ILE A CB  1 
ATOM   1088 C  CG1 . ILE A 1 185 ? 7.965   -11.358 10.499  1.00 90.20 ? 185 ILE A CG1 1 
ATOM   1089 C  CG2 . ILE A 1 185 ? 8.508   -8.882  10.046  1.00 88.63 ? 185 ILE A CG2 1 
ATOM   1090 C  CD1 . ILE A 1 185 ? 8.135   -11.751 9.048   1.00 89.55 ? 185 ILE A CD1 1 
ATOM   1091 N  N   . SER A 1 186 ? 11.305  -10.209 8.841   1.00 84.66 ? 186 SER A N   1 
ATOM   1092 C  CA  . SER A 1 186 ? 12.012  -9.573  7.734   1.00 82.06 ? 186 SER A CA  1 
ATOM   1093 C  C   . SER A 1 186 ? 11.003  -8.840  6.851   1.00 80.09 ? 186 SER A C   1 
ATOM   1094 O  O   . SER A 1 186 ? 9.867   -9.277  6.713   1.00 78.88 ? 186 SER A O   1 
ATOM   1095 C  CB  . SER A 1 186 ? 12.737  -10.636 6.903   1.00 82.66 ? 186 SER A CB  1 
ATOM   1096 O  OG  . SER A 1 186 ? 13.291  -10.083 5.724   1.00 83.91 ? 186 SER A OG  1 
HETATM 1097 N  N   . MSE A 1 187 ? 11.417  -7.728  6.255   1.00 78.72 ? 187 MSE A N   1 
HETATM 1098 C  CA  . MSE A 1 187 ? 10.523  -6.961  5.397   1.00 77.32 ? 187 MSE A CA  1 
HETATM 1099 C  C   . MSE A 1 187 ? 10.108  -7.785  4.183   1.00 74.99 ? 187 MSE A C   1 
HETATM 1100 O  O   . MSE A 1 187 ? 8.968   -7.716  3.730   1.00 74.47 ? 187 MSE A O   1 
HETATM 1101 C  CB  . MSE A 1 187 ? 11.207  -5.666  4.943   1.00 80.14 ? 187 MSE A CB  1 
HETATM 1102 C  CG  . MSE A 1 187 ? 10.278  -4.662  4.260   1.00 85.10 ? 187 MSE A CG  1 
HETATM 1103 SE SE  . MSE A 1 187 ? 8.746   -4.078  5.338   1.00 93.75 ? 187 MSE A SE  1 
HETATM 1104 C  CE  . MSE A 1 187 ? 9.638   -2.942  6.630   1.00 90.32 ? 187 MSE A CE  1 
ATOM   1105 N  N   . GLU A 1 188 ? 11.041  -8.571  3.660   1.00 73.02 ? 188 GLU A N   1 
ATOM   1106 C  CA  . GLU A 1 188 ? 10.749  -9.394  2.500   1.00 70.94 ? 188 GLU A CA  1 
ATOM   1107 C  C   . GLU A 1 188 ? 9.725   -10.476 2.835   1.00 68.75 ? 188 GLU A C   1 
ATOM   1108 O  O   . GLU A 1 188 ? 8.996   -10.933 1.957   1.00 68.45 ? 188 GLU A O   1 
ATOM   1109 C  CB  . GLU A 1 188 ? 12.037  -10.012 1.922   1.00 71.10 ? 188 GLU A CB  1 
ATOM   1110 C  CG  . GLU A 1 188 ? 13.243  -10.019 2.861   1.00 74.42 ? 188 GLU A CG  1 
ATOM   1111 C  CD  . GLU A 1 188 ? 13.892  -8.642  3.038   1.00 74.95 ? 188 GLU A CD  1 
ATOM   1112 O  OE1 . GLU A 1 188 ? 14.095  -8.209  4.200   1.00 73.78 ? 188 GLU A OE1 1 
ATOM   1113 O  OE2 . GLU A 1 188 ? 14.212  -7.999  2.012   1.00 75.79 ? 188 GLU A OE2 1 
ATOM   1114 N  N   . ASP A 1 189 ? 9.656   -10.883 4.100   1.00 66.98 ? 189 ASP A N   1 
ATOM   1115 C  CA  . ASP A 1 189 ? 8.674   -11.892 4.492   1.00 65.27 ? 189 ASP A CA  1 
ATOM   1116 C  C   . ASP A 1 189 ? 7.298   -11.240 4.449   1.00 63.51 ? 189 ASP A C   1 
ATOM   1117 O  O   . ASP A 1 189 ? 6.319   -11.857 4.028   1.00 62.38 ? 189 ASP A O   1 
ATOM   1118 C  CB  . ASP A 1 189 ? 8.928   -12.417 5.910   1.00 66.37 ? 189 ASP A CB  1 
ATOM   1119 C  CG  . ASP A 1 189 ? 10.197  -13.245 6.019   1.00 68.13 ? 189 ASP A CG  1 
ATOM   1120 O  OD1 . ASP A 1 189 ? 10.469  -14.068 5.109   1.00 66.79 ? 189 ASP A OD1 1 
ATOM   1121 O  OD2 . ASP A 1 189 ? 10.914  -13.085 7.031   1.00 70.35 ? 189 ASP A OD2 1 
ATOM   1122 N  N   . TYR A 1 190 ? 7.249   -9.983  4.885   1.00 61.30 ? 190 TYR A N   1 
ATOM   1123 C  CA  . TYR A 1 190 ? 6.025   -9.203  4.921   1.00 58.82 ? 190 TYR A CA  1 
ATOM   1124 C  C   . TYR A 1 190 ? 5.522   -9.014  3.496   1.00 58.08 ? 190 TYR A C   1 
ATOM   1125 O  O   . TYR A 1 190 ? 4.316   -9.066  3.244   1.00 58.16 ? 190 TYR A O   1 
ATOM   1126 C  CB  . TYR A 1 190 ? 6.299   -7.850  5.596   1.00 58.96 ? 190 TYR A CB  1 
ATOM   1127 C  CG  . TYR A 1 190 ? 5.065   -7.047  5.968   1.00 59.19 ? 190 TYR A CG  1 
ATOM   1128 C  CD1 . TYR A 1 190 ? 3.991   -7.644  6.633   1.00 59.56 ? 190 TYR A CD1 1 
ATOM   1129 C  CD2 . TYR A 1 190 ? 4.974   -5.689  5.658   1.00 58.85 ? 190 TYR A CD2 1 
ATOM   1130 C  CE1 . TYR A 1 190 ? 2.851   -6.907  6.974   1.00 58.63 ? 190 TYR A CE1 1 
ATOM   1131 C  CE2 . TYR A 1 190 ? 3.844   -4.946  5.998   1.00 59.80 ? 190 TYR A CE2 1 
ATOM   1132 C  CZ  . TYR A 1 190 ? 2.786   -5.562  6.653   1.00 59.38 ? 190 TYR A CZ  1 
ATOM   1133 O  OH  . TYR A 1 190 ? 1.665   -4.835  6.968   1.00 59.46 ? 190 TYR A OH  1 
ATOM   1134 N  N   . ALA A 1 191 ? 6.447   -8.808  2.563   1.00 56.44 ? 191 ALA A N   1 
ATOM   1135 C  CA  . ALA A 1 191 ? 6.079   -8.637  1.159   1.00 55.64 ? 191 ALA A CA  1 
ATOM   1136 C  C   . ALA A 1 191 ? 5.461   -9.924  0.614   1.00 55.06 ? 191 ALA A C   1 
ATOM   1137 O  O   . ALA A 1 191 ? 4.536   -9.886  -0.198  1.00 55.50 ? 191 ALA A O   1 
ATOM   1138 C  CB  . ALA A 1 191 ? 7.298   -8.264  0.342   1.00 56.41 ? 191 ALA A CB  1 
ATOM   1139 N  N   . ILE A 1 192 ? 5.981   -11.063 1.062   1.00 53.11 ? 192 ILE A N   1 
ATOM   1140 C  CA  . ILE A 1 192 ? 5.474   -12.363 0.632   1.00 50.70 ? 192 ILE A CA  1 
ATOM   1141 C  C   . ILE A 1 192 ? 4.044   -12.560 1.126   1.00 49.58 ? 192 ILE A C   1 
ATOM   1142 O  O   . ILE A 1 192 ? 3.199   -13.078 0.406   1.00 49.47 ? 192 ILE A O   1 
ATOM   1143 C  CB  . ILE A 1 192 ? 6.373   -13.490 1.162   1.00 50.28 ? 192 ILE A CB  1 
ATOM   1144 C  CG1 . ILE A 1 192 ? 7.668   -13.515 0.342   1.00 49.62 ? 192 ILE A CG1 1 
ATOM   1145 C  CG2 . ILE A 1 192 ? 5.631   -14.827 1.120   1.00 46.97 ? 192 ILE A CG2 1 
ATOM   1146 C  CD1 . ILE A 1 192 ? 8.837   -14.184 1.043   1.00 49.18 ? 192 ILE A CD1 1 
ATOM   1147 N  N   . ALA A 1 193 ? 3.787   -12.144 2.361   1.00 47.24 ? 193 ALA A N   1 
ATOM   1148 C  CA  . ALA A 1 193 ? 2.459   -12.242 2.934   1.00 44.69 ? 193 ALA A CA  1 
ATOM   1149 C  C   . ALA A 1 193 ? 1.564   -11.312 2.124   1.00 44.92 ? 193 ALA A C   1 
ATOM   1150 O  O   . ALA A 1 193 ? 0.527   -11.734 1.621   1.00 45.34 ? 193 ALA A O   1 
ATOM   1151 C  CB  . ALA A 1 193 ? 2.480   -11.807 4.400   1.00 42.00 ? 193 ALA A CB  1 
ATOM   1152 N  N   . VAL A 1 194 ? 1.977   -10.049 1.990   1.00 44.13 ? 194 VAL A N   1 
ATOM   1153 C  CA  . VAL A 1 194 ? 1.196   -9.062  1.244   1.00 43.91 ? 194 VAL A CA  1 
ATOM   1154 C  C   . VAL A 1 194 ? 0.779   -9.618  -0.116  1.00 44.94 ? 194 VAL A C   1 
ATOM   1155 O  O   . VAL A 1 194 ? -0.404  -9.627  -0.459  1.00 45.10 ? 194 VAL A O   1 
ATOM   1156 C  CB  . VAL A 1 194 ? 1.987   -7.724  1.052   1.00 43.35 ? 194 VAL A CB  1 
ATOM   1157 C  CG1 . VAL A 1 194 ? 1.325   -6.861  -0.011  1.00 40.00 ? 194 VAL A CG1 1 
ATOM   1158 C  CG2 . VAL A 1 194 ? 2.021   -6.944  2.363   1.00 41.76 ? 194 VAL A CG2 1 
ATOM   1159 N  N   . LEU A 1 195 ? 1.726   -10.117 -0.895  1.00 44.79 ? 195 LEU A N   1 
ATOM   1160 C  CA  . LEU A 1 195 ? 1.401   -10.671 -2.188  1.00 45.91 ? 195 LEU A CA  1 
ATOM   1161 C  C   . LEU A 1 195 ? 0.584   -11.966 -2.140  1.00 47.69 ? 195 LEU A C   1 
ATOM   1162 O  O   . LEU A 1 195 ? -0.074  -12.312 -3.122  1.00 48.97 ? 195 LEU A O   1 
ATOM   1163 C  CB  . LEU A 1 195 ? 2.665   -10.863 -3.007  1.00 44.82 ? 195 LEU A CB  1 
ATOM   1164 C  CG  . LEU A 1 195 ? 2.732   -9.661  -3.938  1.00 46.09 ? 195 LEU A CG  1 
ATOM   1165 C  CD1 . LEU A 1 195 ? 3.702   -8.632  -3.401  1.00 46.17 ? 195 LEU A CD1 1 
ATOM   1166 C  CD2 . LEU A 1 195 ? 3.128   -10.131 -5.316  1.00 49.10 ? 195 LEU A CD2 1 
ATOM   1167 N  N   . ASP A 1 196 ? 0.621   -12.680 -1.016  1.00 49.10 ? 196 ASP A N   1 
ATOM   1168 C  CA  . ASP A 1 196 ? -0.171  -13.894 -0.878  1.00 50.34 ? 196 ASP A CA  1 
ATOM   1169 C  C   . ASP A 1 196 ? -1.644  -13.479 -0.828  1.00 49.30 ? 196 ASP A C   1 
ATOM   1170 O  O   . ASP A 1 196 ? -2.483  -14.028 -1.548  1.00 46.39 ? 196 ASP A O   1 
ATOM   1171 C  CB  . ASP A 1 196 ? 0.180   -14.652 0.411   1.00 53.95 ? 196 ASP A CB  1 
ATOM   1172 C  CG  . ASP A 1 196 ? 1.397   -15.542 0.251   1.00 57.74 ? 196 ASP A CG  1 
ATOM   1173 O  OD1 . ASP A 1 196 ? 1.685   -15.933 -0.905  1.00 58.52 ? 196 ASP A OD1 1 
ATOM   1174 O  OD2 . ASP A 1 196 ? 2.055   -15.858 1.272   1.00 59.41 ? 196 ASP A OD2 1 
ATOM   1175 N  N   . GLU A 1 197 ? -1.916  -12.496 0.031   1.00 48.84 ? 197 GLU A N   1 
ATOM   1176 C  CA  . GLU A 1 197 ? -3.239  -11.955 0.233   1.00 49.09 ? 197 GLU A CA  1 
ATOM   1177 C  C   . GLU A 1 197 ? -3.814  -11.363 -1.095  1.00 50.38 ? 197 GLU A C   1 
ATOM   1178 O  O   . GLU A 1 197 ? -5.031  -11.386 -1.295  1.00 48.96 ? 197 GLU A O   1 
ATOM   1179 C  CB  . GLU A 1 197 ? -3.213  -10.878 1.329   1.00 46.86 ? 197 GLU A CB  1 
ATOM   1180 C  CG  . GLU A 1 197 ? -4.565  -10.287 1.623   1.00 47.30 ? 197 GLU A CG  1 
ATOM   1181 C  CD  . GLU A 1 197 ? -5.609  -11.357 1.882   1.00 49.85 ? 197 GLU A CD  1 
ATOM   1182 O  OE1 . GLU A 1 197 ? -5.236  -12.468 2.329   1.00 51.72 ? 197 GLU A OE1 1 
ATOM   1183 O  OE2 . GLU A 1 197 ? -6.804  -11.082 1.652   1.00 50.43 ? 197 GLU A OE2 1 
ATOM   1184 N  N   . ILE A 1 198 ? -2.945  -10.888 -1.999  1.00 51.94 ? 198 ILE A N   1 
ATOM   1185 C  CA  . ILE A 1 198 ? -3.348  -10.304 -3.272  1.00 52.35 ? 198 ILE A CA  1 
ATOM   1186 C  C   . ILE A 1 198 ? -3.760  -11.397 -4.280  1.00 51.29 ? 198 ILE A C   1 
ATOM   1187 O  O   . ILE A 1 198 ? -4.756  -11.259 -5.034  1.00 51.10 ? 198 ILE A O   1 
ATOM   1188 C  CB  . ILE A 1 198 ? -2.204  -9.492  -3.851  1.00 54.55 ? 198 ILE A CB  1 
ATOM   1189 C  CG1 . ILE A 1 198 ? -2.017  -8.194  -3.078  1.00 55.03 ? 198 ILE A CG1 1 
ATOM   1190 C  CG2 . ILE A 1 198 ? -2.442  -9.217  -5.303  1.00 55.68 ? 198 ILE A CG2 1 
ATOM   1191 C  CD1 . ILE A 1 198 ? -0.905  -7.303  -3.572  1.00 54.56 ? 198 ILE A CD1 1 
ATOM   1192 N  N   . GLU A 1 199 ? -3.009  -12.493 -4.281  1.00 51.11 ? 199 GLU A N   1 
ATOM   1193 C  CA  . GLU A 1 199 ? -3.258  -13.634 -5.169  1.00 51.99 ? 199 GLU A CA  1 
ATOM   1194 C  C   . GLU A 1 199 ? -4.365  -14.588 -4.648  1.00 51.66 ? 199 GLU A C   1 
ATOM   1195 O  O   . GLU A 1 199 ? -5.154  -15.174 -5.413  1.00 52.19 ? 199 GLU A O   1 
ATOM   1196 C  CB  . GLU A 1 199 ? -1.920  -14.380 -5.339  1.00 52.08 ? 199 GLU A CB  1 
ATOM   1197 C  CG  . GLU A 1 199 ? -0.744  -13.576 -5.962  1.00 51.17 ? 199 GLU A CG  1 
ATOM   1198 C  CD  . GLU A 1 199 ? 0.520   -14.422 -6.239  1.00 51.51 ? 199 GLU A CD  1 
ATOM   1199 O  OE1 . GLU A 1 199 ? 0.912   -15.267 -5.408  1.00 49.56 ? 199 GLU A OE1 1 
ATOM   1200 O  OE2 . GLU A 1 199 ? 1.165   -14.218 -7.282  1.00 52.31 ? 199 GLU A OE2 1 
ATOM   1201 N  N   . ARG A 1 200 ? -4.425  -14.718 -3.331  1.00 51.54 ? 200 ARG A N   1 
ATOM   1202 C  CA  . ARG A 1 200 ? -5.418  -15.572 -2.713  1.00 51.87 ? 200 ARG A CA  1 
ATOM   1203 C  C   . ARG A 1 200 ? -6.081  -14.889 -1.531  1.00 51.17 ? 200 ARG A C   1 
ATOM   1204 O  O   . ARG A 1 200 ? -5.844  -15.227 -0.371  1.00 50.66 ? 200 ARG A O   1 
ATOM   1205 C  CB  . ARG A 1 200 ? -4.775  -16.893 -2.295  1.00 53.97 ? 200 ARG A CB  1 
ATOM   1206 C  CG  . ARG A 1 200 ? -4.401  -17.817 -3.458  1.00 56.08 ? 200 ARG A CG  1 
ATOM   1207 C  CD  . ARG A 1 200 ? -3.262  -18.773 -3.098  1.00 57.78 ? 200 ARG A CD  1 
ATOM   1208 N  NE  . ARG A 1 200 ? -2.095  -18.519 -3.943  1.00 59.89 ? 200 ARG A NE  1 
ATOM   1209 C  CZ  . ARG A 1 200 ? -1.029  -17.811 -3.577  1.00 59.74 ? 200 ARG A CZ  1 
ATOM   1210 N  NH1 . ARG A 1 200 ? -0.955  -17.276 -2.362  1.00 58.27 ? 200 ARG A NH1 1 
ATOM   1211 N  NH2 . ARG A 1 200 ? -0.034  -17.632 -4.436  1.00 59.10 ? 200 ARG A NH2 1 
ATOM   1212 N  N   . PRO A 1 201 ? -6.999  -13.927 -1.841  1.00 50.92 ? 201 PRO A N   1 
ATOM   1213 C  CA  . PRO A 1 201 ? -7.748  -13.150 -0.851  1.00 50.38 ? 201 PRO A CA  1 
ATOM   1214 C  C   . PRO A 1 201 ? -8.357  -13.965 0.284   1.00 51.07 ? 201 PRO A C   1 
ATOM   1215 O  O   . PRO A 1 201 ? -9.055  -14.955 0.058   1.00 50.20 ? 201 PRO A O   1 
ATOM   1216 C  CB  . PRO A 1 201 ? -8.824  -12.481 -1.692  1.00 49.75 ? 201 PRO A CB  1 
ATOM   1217 C  CG  . PRO A 1 201 ? -8.164  -12.316 -3.007  1.00 49.56 ? 201 PRO A CG  1 
ATOM   1218 C  CD  . PRO A 1 201 ? -7.492  -13.637 -3.198  1.00 50.12 ? 201 PRO A CD  1 
ATOM   1219 N  N   . ASN A 1 202 ? -8.091  -13.536 1.509   1.00 52.38 ? 202 ASN A N   1 
ATOM   1220 C  CA  . ASN A 1 202 ? -8.636  -14.202 2.684   1.00 54.73 ? 202 ASN A CA  1 
ATOM   1221 C  C   . ASN A 1 202 ? -9.125  -13.141 3.637   1.00 53.67 ? 202 ASN A C   1 
ATOM   1222 O  O   . ASN A 1 202 ? -9.738  -13.437 4.663   1.00 53.65 ? 202 ASN A O   1 
ATOM   1223 C  CB  . ASN A 1 202 ? -7.571  -15.048 3.386   1.00 58.54 ? 202 ASN A CB  1 
ATOM   1224 C  CG  . ASN A 1 202 ? -7.733  -16.536 3.122   1.00 63.80 ? 202 ASN A CG  1 
ATOM   1225 O  OD1 . ASN A 1 202 ? -7.279  -17.362 3.917   1.00 68.56 ? 202 ASN A OD1 1 
ATOM   1226 N  ND2 . ASN A 1 202 ? -8.371  -16.889 2.001   1.00 66.81 ? 202 ASN A ND2 1 
ATOM   1227 N  N   . HIS A 1 203 ? -8.857  -11.889 3.291   1.00 52.62 ? 203 HIS A N   1 
ATOM   1228 C  CA  . HIS A 1 203 ? -9.248  -10.784 4.140   1.00 51.16 ? 203 HIS A CA  1 
ATOM   1229 C  C   . HIS A 1 203 ? -9.816  -9.625  3.350   1.00 51.27 ? 203 HIS A C   1 
ATOM   1230 O  O   . HIS A 1 203 ? -9.365  -8.486  3.489   1.00 51.59 ? 203 HIS A O   1 
ATOM   1231 C  CB  . HIS A 1 203 ? -8.042  -10.342 4.958   1.00 48.79 ? 203 HIS A CB  1 
ATOM   1232 C  CG  . HIS A 1 203 ? -7.379  -11.473 5.676   1.00 48.67 ? 203 HIS A CG  1 
ATOM   1233 N  ND1 . HIS A 1 203 ? -7.776  -11.898 6.929   1.00 48.22 ? 203 HIS A ND1 1 
ATOM   1234 C  CD2 . HIS A 1 203 ? -6.407  -12.325 5.280   1.00 47.11 ? 203 HIS A CD2 1 
ATOM   1235 C  CE1 . HIS A 1 203 ? -7.074  -12.965 7.270   1.00 47.29 ? 203 HIS A CE1 1 
ATOM   1236 N  NE2 . HIS A 1 203 ? -6.238  -13.244 6.288   1.00 48.22 ? 203 HIS A NE2 1 
ATOM   1237 N  N   . LEU A 1 204 ? -10.812 -9.924  2.518   1.00 50.68 ? 204 LEU A N   1 
ATOM   1238 C  CA  . LEU A 1 204 ? -11.465 -8.900  1.724   1.00 50.30 ? 204 LEU A CA  1 
ATOM   1239 C  C   . LEU A 1 204 ? -12.282 -8.011  2.658   1.00 50.14 ? 204 LEU A C   1 
ATOM   1240 O  O   . LEU A 1 204 ? -13.068 -8.496  3.467   1.00 50.15 ? 204 LEU A O   1 
ATOM   1241 C  CB  . LEU A 1 204 ? -12.382 -9.529  0.671   1.00 49.82 ? 204 LEU A CB  1 
ATOM   1242 C  CG  . LEU A 1 204 ? -11.717 -10.243 -0.510  1.00 50.28 ? 204 LEU A CG  1 
ATOM   1243 C  CD1 . LEU A 1 204 ? -12.778 -10.768 -1.451  1.00 49.43 ? 204 LEU A CD1 1 
ATOM   1244 C  CD2 . LEU A 1 204 ? -10.798 -9.285  -1.243  1.00 47.55 ? 204 LEU A CD2 1 
ATOM   1245 N  N   . ASN A 1 205 ? -12.063 -6.709  2.553   1.00 49.56 ? 205 ASN A N   1 
ATOM   1246 C  CA  . ASN A 1 205 ? -12.779 -5.744  3.362   1.00 50.66 ? 205 ASN A CA  1 
ATOM   1247 C  C   . ASN A 1 205 ? -12.664 -5.842  4.872   1.00 52.75 ? 205 ASN A C   1 
ATOM   1248 O  O   . ASN A 1 205 ? -13.640 -5.640  5.591   1.00 53.67 ? 205 ASN A O   1 
ATOM   1249 C  CB  . ASN A 1 205 ? -14.244 -5.721  2.957   1.00 45.86 ? 205 ASN A CB  1 
ATOM   1250 C  CG  . ASN A 1 205 ? -14.483 -4.813  1.784   1.00 45.15 ? 205 ASN A CG  1 
ATOM   1251 O  OD1 . ASN A 1 205 ? -15.365 -3.964  1.817   1.00 45.07 ? 205 ASN A OD1 1 
ATOM   1252 N  ND2 . ASN A 1 205 ? -13.680 -4.972  0.740   1.00 46.68 ? 205 ASN A ND2 1 
ATOM   1253 N  N   . GLU A 1 206 ? -11.462 -6.141  5.352   1.00 54.95 ? 206 GLU A N   1 
ATOM   1254 C  CA  . GLU A 1 206 ? -11.204 -6.212  6.783   1.00 55.51 ? 206 GLU A CA  1 
ATOM   1255 C  C   . GLU A 1 206 ? -9.718  -6.010  7.070   1.00 55.33 ? 206 GLU A C   1 
ATOM   1256 O  O   . GLU A 1 206 ? -8.876  -6.091  6.170   1.00 53.99 ? 206 GLU A O   1 
ATOM   1257 C  CB  . GLU A 1 206 ? -11.676 -7.547  7.370   1.00 56.39 ? 206 GLU A CB  1 
ATOM   1258 C  CG  . GLU A 1 206 ? -10.994 -8.792  6.819   1.00 59.02 ? 206 GLU A CG  1 
ATOM   1259 C  CD  . GLU A 1 206 ? -11.461 -10.072 7.517   1.00 60.83 ? 206 GLU A CD  1 
ATOM   1260 O  OE1 . GLU A 1 206 ? -12.683 -10.213 7.741   1.00 62.90 ? 206 GLU A OE1 1 
ATOM   1261 O  OE2 . GLU A 1 206 ? -10.612 -10.943 7.835   1.00 60.76 ? 206 GLU A OE2 1 
ATOM   1262 N  N   . HIS A 1 207 ? -9.416  -5.704  8.327   1.00 54.86 ? 207 HIS A N   1 
ATOM   1263 C  CA  . HIS A 1 207 ? -8.045  -5.508  8.764   1.00 54.76 ? 207 HIS A CA  1 
ATOM   1264 C  C   . HIS A 1 207 ? -7.587  -6.858  9.281   1.00 55.69 ? 207 HIS A C   1 
ATOM   1265 O  O   . HIS A 1 207 ? -8.407  -7.647  9.745   1.00 56.59 ? 207 HIS A O   1 
ATOM   1266 C  CB  . HIS A 1 207 ? -7.993  -4.488  9.899   1.00 52.90 ? 207 HIS A CB  1 
ATOM   1267 C  CG  . HIS A 1 207 ? -6.680  -4.449  10.616  1.00 53.08 ? 207 HIS A CG  1 
ATOM   1268 N  ND1 . HIS A 1 207 ? -6.581  -4.264  11.977  1.00 53.78 ? 207 HIS A ND1 1 
ATOM   1269 C  CD2 . HIS A 1 207 ? -5.411  -4.594  10.166  1.00 53.58 ? 207 HIS A CD2 1 
ATOM   1270 C  CE1 . HIS A 1 207 ? -5.310  -4.301  12.337  1.00 54.30 ? 207 HIS A CE1 1 
ATOM   1271 N  NE2 . HIS A 1 207 ? -4.579  -4.501  11.254  1.00 53.56 ? 207 HIS A NE2 1 
ATOM   1272 N  N   . PHE A 1 208 ? -6.295  -7.142  9.181   1.00 56.37 ? 208 PHE A N   1 
ATOM   1273 C  CA  . PHE A 1 208 ? -5.765  -8.398  9.694   1.00 56.77 ? 208 PHE A CA  1 
ATOM   1274 C  C   . PHE A 1 208 ? -4.253  -8.330  9.848   1.00 57.33 ? 208 PHE A C   1 
ATOM   1275 O  O   . PHE A 1 208 ? -3.563  -7.649  9.087   1.00 55.66 ? 208 PHE A O   1 
ATOM   1276 C  CB  . PHE A 1 208 ? -6.168  -9.574  8.792   1.00 54.91 ? 208 PHE A CB  1 
ATOM   1277 C  CG  . PHE A 1 208 ? -5.234  -9.819  7.657   1.00 51.89 ? 208 PHE A CG  1 
ATOM   1278 C  CD1 . PHE A 1 208 ? -4.340  -10.885 7.698   1.00 50.58 ? 208 PHE A CD1 1 
ATOM   1279 C  CD2 . PHE A 1 208 ? -5.252  -8.995  6.541   1.00 51.52 ? 208 PHE A CD2 1 
ATOM   1280 C  CE1 . PHE A 1 208 ? -3.474  -11.132 6.637   1.00 49.90 ? 208 PHE A CE1 1 
ATOM   1281 C  CE2 . PHE A 1 208 ? -4.393  -9.227  5.474   1.00 51.92 ? 208 PHE A CE2 1 
ATOM   1282 C  CZ  . PHE A 1 208 ? -3.501  -10.301 5.522   1.00 51.97 ? 208 PHE A CZ  1 
ATOM   1283 N  N   . THR A 1 209 ? -3.753  -9.033  10.856  1.00 59.05 ? 209 THR A N   1 
ATOM   1284 C  CA  . THR A 1 209 ? -2.333  -9.059  11.155  1.00 61.02 ? 209 THR A CA  1 
ATOM   1285 C  C   . THR A 1 209 ? -1.779  -10.370 10.631  1.00 63.22 ? 209 THR A C   1 
ATOM   1286 O  O   . THR A 1 209 ? -2.435  -11.396 10.731  1.00 63.46 ? 209 THR A O   1 
ATOM   1287 C  CB  . THR A 1 209 ? -2.079  -9.002  12.679  1.00 59.70 ? 209 THR A CB  1 
ATOM   1288 O  OG1 . THR A 1 209 ? -2.877  -7.965  13.268  1.00 59.19 ? 209 THR A OG1 1 
ATOM   1289 C  CG2 . THR A 1 209 ? -0.628  -8.715  12.958  1.00 59.83 ? 209 THR A CG2 1 
ATOM   1290 N  N   . VAL A 1 210 ? -0.577  -10.339 10.069  1.00 67.31 ? 210 VAL A N   1 
ATOM   1291 C  CA  . VAL A 1 210 ? 0.028   -11.563 9.555   1.00 71.40 ? 210 VAL A CA  1 
ATOM   1292 C  C   . VAL A 1 210 ? 0.218   -12.564 10.699  1.00 74.88 ? 210 VAL A C   1 
ATOM   1293 O  O   . VAL A 1 210 ? 0.431   -12.170 11.846  1.00 75.78 ? 210 VAL A O   1 
ATOM   1294 C  CB  . VAL A 1 210 ? 1.364   -11.265 8.881   1.00 70.21 ? 210 VAL A CB  1 
ATOM   1295 C  CG1 . VAL A 1 210 ? 1.930   -12.527 8.277   1.00 69.21 ? 210 VAL A CG1 1 
ATOM   1296 C  CG2 . VAL A 1 210 ? 1.155   -10.210 7.806   1.00 70.76 ? 210 VAL A CG2 1 
ATOM   1297 N  N   . ALA A 1 211 ? 0.155   -13.856 10.383  1.00 78.95 ? 211 ALA A N   1 
ATOM   1298 C  CA  . ALA A 1 211 ? 0.248   -14.899 11.409  1.00 83.40 ? 211 ALA A CA  1 
ATOM   1299 C  C   . ALA A 1 211 ? 1.541   -15.713 11.532  1.00 86.30 ? 211 ALA A C   1 
ATOM   1300 O  O   . ALA A 1 211 ? 2.651   -15.163 11.606  1.00 85.95 ? 211 ALA A O   1 
ATOM   1301 C  CB  . ALA A 1 211 ? -0.936  -15.857 11.248  1.00 83.25 ? 211 ALA A CB  1 
ATOM   1302 N  N   . GLY A 1 212 ? 1.356   -17.035 11.593  1.00 89.34 ? 212 GLY A N   1 
ATOM   1303 C  CA  . GLY A 1 212 ? 2.452   -17.988 11.711  1.00 92.07 ? 212 GLY A CA  1 
ATOM   1304 C  C   . GLY A 1 212 ? 3.479   -17.678 12.786  1.00 94.16 ? 212 GLY A C   1 
ATOM   1305 O  O   . GLY A 1 212 ? 4.670   -18.001 12.573  1.00 94.71 ? 212 GLY A O   1 
HETATM 1306 O  O   . HOH B 2 .   ? 10.013  -10.897 -0.562  1.00 41.35 ? 301 HOH A O   1 
HETATM 1307 O  O   . HOH B 2 .   ? 14.206  -8.701  -6.495  1.00 39.78 ? 302 HOH A O   1 
HETATM 1308 O  O   . HOH B 2 .   ? -11.358 -5.733  10.356  1.00 52.51 ? 303 HOH A O   1 
HETATM 1309 O  O   . HOH B 2 .   ? -9.255  -1.663  -16.578 1.00 52.96 ? 304 HOH A O   1 
HETATM 1310 O  O   . HOH B 2 .   ? -0.784  10.923  9.950   1.00 58.06 ? 306 HOH A O   1 
HETATM 1311 O  O   . HOH B 2 .   ? 9.163   -14.811 9.292   1.00 66.05 ? 307 HOH A O   1 
HETATM 1312 O  O   . HOH B 2 .   ? -11.606 10.854  -8.918  1.00 47.05 ? 308 HOH A O   1 
HETATM 1313 O  O   . HOH B 2 .   ? -10.210 -6.045  -0.407  1.00 46.77 ? 309 HOH A O   1 
HETATM 1314 O  O   . HOH B 2 .   ? -5.083  6.087   -16.004 1.00 56.29 ? 310 HOH A O   1 
HETATM 1315 O  O   . HOH B 2 .   ? -1.285  5.015   4.865   1.00 30.51 ? 311 HOH A O   1 
HETATM 1316 O  O   . HOH B 2 .   ? -6.290  15.855  -2.447  1.00 43.12 ? 312 HOH A O   1 
HETATM 1317 O  O   . HOH B 2 .   ? -8.341  14.090  2.489   1.00 44.77 ? 313 HOH A O   1 
HETATM 1318 O  O   . HOH B 2 .   ? 11.431  -12.093 -4.218  1.00 60.56 ? 314 HOH A O   1 
HETATM 1319 O  O   . HOH B 2 .   ? 5.734   14.328  0.530   1.00 52.23 ? 315 HOH A O   1 
HETATM 1320 O  O   . HOH B 2 .   ? -8.209  1.255   -17.422 1.00 64.27 ? 316 HOH A O   1 
HETATM 1321 O  O   . HOH B 2 .   ? -14.668 3.814   15.989  1.00 75.66 ? 317 HOH A O   1 
HETATM 1322 O  O   . HOH B 2 .   ? 6.223   -8.412  25.886  1.00 53.13 ? 318 HOH A O   1 
HETATM 1323 O  O   . HOH B 2 .   ? -16.893 10.388  -3.878  1.00 58.91 ? 319 HOH A O   1 
HETATM 1324 O  O   . HOH B 2 .   ? 16.356  -4.032  -18.188 1.00 67.15 ? 320 HOH A O   1 
HETATM 1325 O  O   . HOH B 2 .   ? -9.732  -6.030  -10.677 1.00 55.21 ? 321 HOH A O   1 
HETATM 1326 O  O   . HOH B 2 .   ? -21.085 2.848   7.115   1.00 60.77 ? 323 HOH A O   1 
HETATM 1327 O  O   . HOH B 2 .   ? -11.020 12.032  13.221  1.00 69.63 ? 324 HOH A O   1 
HETATM 1328 O  O   . HOH B 2 .   ? -5.263  -0.543  14.925  1.00 51.34 ? 325 HOH A O   1 
HETATM 1329 O  O   . HOH B 2 .   ? 20.488  11.009  -3.420  1.00 64.79 ? 326 HOH A O   1 
HETATM 1330 O  O   . HOH B 2 .   ? 17.502  12.550  -14.321 1.00 80.29 ? 327 HOH A O   1 
HETATM 1331 O  O   . HOH B 2 .   ? -14.147 9.981   -7.636  1.00 55.00 ? 328 HOH A O   1 
HETATM 1332 O  O   . HOH B 2 .   ? -10.169 13.868  -0.898  1.00 41.75 ? 329 HOH A O   1 
HETATM 1333 O  O   . HOH B 2 .   ? -11.506 10.238  -12.391 1.00 52.15 ? 330 HOH A O   1 
HETATM 1334 O  O   . HOH B 2 .   ? 18.198  8.892   -2.554  1.00 71.51 ? 333 HOH A O   1 
HETATM 1335 O  O   . HOH B 2 .   ? -11.963 13.293  1.957   1.00 50.60 ? 334 HOH A O   1 
HETATM 1336 O  O   . HOH B 2 .   ? 15.487  7.347   3.005   1.00 66.42 ? 335 HOH A O   1 
HETATM 1337 O  O   . HOH B 2 .   ? -12.198 -4.098  16.946  1.00 71.00 ? 336 HOH A O   1 
HETATM 1338 O  O   . HOH B 2 .   ? 3.619   -2.818  20.645  1.00 61.99 ? 337 HOH A O   1 
HETATM 1339 O  O   . HOH B 2 .   ? -4.741  -7.839  -16.234 1.00 64.67 ? 339 HOH A O   1 
HETATM 1340 O  O   . HOH B 2 .   ? 16.429  -7.957  -11.485 1.00 74.10 ? 340 HOH A O   1 
HETATM 1341 O  O   . HOH B 2 .   ? -17.506 9.005   -6.275  1.00 62.18 ? 341 HOH A O   1 
HETATM 1342 O  O   . HOH B 2 .   ? -4.679  -20.355 -14.133 1.00 50.19 ? 342 HOH A O   1 
HETATM 1343 O  O   . HOH B 2 .   ? 3.127   4.073   19.514  1.00 57.31 ? 343 HOH A O   1 
HETATM 1344 O  O   . HOH B 2 .   ? -3.554  -19.283 -6.275  1.00 73.91 ? 344 HOH A O   1 
HETATM 1345 O  O   . HOH B 2 .   ? -18.029 -5.166  4.061   1.00 47.61 ? 345 HOH A O   1 
HETATM 1346 O  O   . HOH B 2 .   ? 15.066  -6.907  8.135   1.00 68.48 ? 346 HOH A O   1 
HETATM 1347 O  O   . HOH B 2 .   ? 19.655  -8.803  8.552   1.00 63.24 ? 347 HOH A O   1 
HETATM 1348 O  O   . HOH B 2 .   ? 9.136   4.480   21.828  1.00 69.28 ? 348 HOH A O   1 
HETATM 1349 O  O   . HOH B 2 .   ? 2.532   7.288   -21.743 1.00 58.99 ? 349 HOH A O   1 
HETATM 1350 O  O   . HOH B 2 .   ? 3.943   2.531   22.599  1.00 77.93 ? 350 HOH A O   1 
HETATM 1351 O  O   . HOH B 2 .   ? -1.708  -17.986 -0.137  1.00 48.64 ? 356 HOH A O   1 
HETATM 1352 O  O   . HOH B 2 .   ? -8.516  -3.868  13.528  1.00 64.39 ? 357 HOH A O   1 
HETATM 1353 O  O   . HOH B 2 .   ? 14.709  -9.910  -10.662 1.00 48.75 ? 358 HOH A O   1 
HETATM 1354 O  O   . HOH B 2 .   ? 4.359   7.868   -17.713 1.00 59.32 ? 359 HOH A O   1 
HETATM 1355 O  O   . HOH B 2 .   ? 19.251  -6.734  -10.591 1.00 63.16 ? 360 HOH A O   1 
HETATM 1356 O  O   . HOH B 2 .   ? -8.885  -6.428  -16.324 1.00 79.68 ? 361 HOH A O   1 
HETATM 1357 O  O   . HOH B 2 .   ? 12.843  -3.458  -11.244 1.00 72.85 ? 362 HOH A O   1 
HETATM 1358 O  O   . HOH B 2 .   ? 6.766   -0.807  -19.064 1.00 78.37 ? 363 HOH A O   1 
HETATM 1359 O  O   . HOH B 2 .   ? 0.332   -2.182  -13.326 1.00 53.93 ? 364 HOH A O   1 
HETATM 1360 O  O   . HOH B 2 .   ? 4.855   -10.678 8.890   1.00 49.72 ? 365 HOH A O   1 
HETATM 1361 O  O   . HOH B 2 .   ? -2.886  6.456   3.290   1.00 47.74 ? 366 HOH A O   1 
HETATM 1362 O  O   . HOH B 2 .   ? 9.841   15.340  5.096   1.00 60.96 ? 367 HOH A O   1 
HETATM 1363 O  O   . HOH B 2 .   ? -12.623 -0.790  -4.470  1.00 42.14 ? 368 HOH A O   1 
HETATM 1364 O  O   . HOH B 2 .   ? -9.691  1.614   14.815  1.00 62.15 ? 369 HOH A O   1 
HETATM 1365 O  O   . HOH B 2 .   ? -3.059  0.934   16.544  1.00 46.25 ? 370 HOH A O   1 
HETATM 1366 O  O   . HOH B 2 .   ? -13.028 9.980   2.700   1.00 52.74 ? 371 HOH A O   1 
HETATM 1367 O  O   . HOH B 2 .   ? 16.888  -6.801  2.064   1.00 62.95 ? 372 HOH A O   1 
HETATM 1368 O  O   . HOH B 2 .   ? 8.036   1.380   4.633   1.00 62.21 ? 373 HOH A O   1 
HETATM 1369 O  O   . HOH B 2 .   ? 1.466   -4.979  17.074  1.00 71.04 ? 374 HOH A O   1 
HETATM 1370 O  O   . HOH B 2 .   ? -15.741 6.538   -6.944  1.00 56.64 ? 375 HOH A O   1 
HETATM 1371 O  O   . HOH B 2 .   ? -3.960  -16.114 1.161   1.00 50.19 ? 376 HOH A O   1 
HETATM 1372 O  O   . HOH B 2 .   ? -12.983 8.557   5.113   1.00 66.10 ? 377 HOH A O   1 
HETATM 1373 O  O   . HOH B 2 .   ? 0.281   -21.967 -0.418  1.00 66.65 ? 378 HOH A O   1 
HETATM 1374 O  O   . HOH B 2 .   ? 9.440   3.403   7.904   1.00 56.88 ? 379 HOH A O   1 
HETATM 1375 O  O   . HOH B 2 .   ? -20.376 0.532   4.907   1.00 43.14 ? 380 HOH A O   1 
HETATM 1376 O  O   . HOH B 2 .   ? 0.745   2.818   4.180   1.00 49.09 ? 381 HOH A O   1 
HETATM 1377 O  O   . HOH B 2 .   ? -14.551 -3.603  13.185  1.00 72.91 ? 382 HOH A O   1 
HETATM 1378 O  O   . HOH B 2 .   ? -15.301 -3.258  -11.118 1.00 63.71 ? 383 HOH A O   1 
HETATM 1379 O  O   . HOH B 2 .   ? -0.910  -16.187 15.329  1.00 65.87 ? 384 HOH A O   1 
HETATM 1380 O  O   . HOH B 2 .   ? -4.243  -25.534 -3.569  1.00 57.04 ? 385 HOH A O   1 
HETATM 1381 O  O   . HOH B 2 .   ? -6.382  7.421   16.868  1.00 57.36 ? 387 HOH A O   1 
HETATM 1382 O  O   . HOH B 2 .   ? 2.061   5.910   -16.437 1.00 56.32 ? 388 HOH A O   1 
# 
